data_7R0K
#
_entry.id   7R0K
#
_cell.length_a   309.77
_cell.length_b   98.011
_cell.length_c   77.614
_cell.angle_alpha   90
_cell.angle_beta   98.9
_cell.angle_gamma   90
#
_symmetry.space_group_name_H-M   'C 1 2 1'
#
_entity_poly.entity_id   1
_entity_poly.type   'polypeptide(L)'
_entity_poly.pdbx_seq_one_letter_code
;MRSYHVVTNDTLPSALDAIAQAPRVALDTETYGSNPFNLYLPDFRLVGVAIATSPTEAWYFPVDHQDFLLRYQPANLPRE
AVRQAVLEALKRPVVYHNAAYDRRVLAVTLDIPLDQTYGDDTMVALHLVDENHPLGLKEWAKTLLGLEEVNADIEPPELT
DEDQVEAVSKNGRRYKKKVHKLKPDWLQRLKDAFLAVHNGGVSYSALYKLLNRAFQQLKNRGVVSYTGSFPNDFRLFPVD
IAAIYALDDAMNTLALWEHVEVFFELHPKLHALYREIELPVNDVMTRATHRGVLVDKEELRRIKETIQARIEEKAQEAQE
LLKALIGSKASEFTNPLNSPQQLSTILYDLLGYPVVETTPNGAPSTSKTAIAKLLTLSPKDKRKAPLAKAFLEAKQAHEG
LKKLLSTYTDSILEEVDPQGRLHTNFNTVGTVSGRMSSSNPNLQNLPRLLPEEVAEKPYLQGIDIRKAFVADPGYTFVSA
DYASMELVVCAAVSGDPTMRDLLNQGRDLHAYTARYAFKVGLDLDDKAFKEQYKDYRQKAKVVNFALIYGGTEFTLIKNF
GFSEEEAKQLIQGYFEAYPVVKTWMEEVYRELEEKGFVEYPIYGYIKRMDLPQALRKLPKDKWPLVLNNDPDARKQYYAS
LRSCQNALIQGFSAFVVKDAIVQMQRAFEAEGLDAQVIIQVHDEIVVLAKEEHAERVAQIMVEKMEREVNGVLLKAEPEF
KRTLSKVGLEHHHHHH
;
_entity_poly.pdbx_strand_id   A,B
#
# COMPACT_ATOMS: atom_id res chain seq x y z
N ARG A 2 -37.26 -16.76 -3.86
CA ARG A 2 -36.48 -15.51 -3.79
C ARG A 2 -36.16 -14.96 -5.18
N SER A 3 -36.36 -13.64 -5.37
CA SER A 3 -36.11 -12.98 -6.66
C SER A 3 -34.85 -12.15 -6.62
N TYR A 4 -33.87 -12.53 -7.41
CA TYR A 4 -32.57 -11.88 -7.43
C TYR A 4 -32.45 -11.00 -8.66
N HIS A 5 -32.22 -9.70 -8.46
CA HIS A 5 -32.11 -8.78 -9.59
C HIS A 5 -30.75 -8.15 -9.72
N VAL A 6 -30.16 -8.22 -10.91
CA VAL A 6 -28.91 -7.50 -11.15
C VAL A 6 -29.36 -6.23 -11.87
N VAL A 7 -29.11 -5.07 -11.25
CA VAL A 7 -29.51 -3.80 -11.81
C VAL A 7 -28.61 -3.34 -12.95
N THR A 8 -29.22 -2.90 -14.06
CA THR A 8 -28.56 -2.33 -15.23
C THR A 8 -29.09 -0.88 -15.41
N ASN A 9 -28.54 -0.08 -16.36
CA ASN A 9 -29.10 1.25 -16.62
C ASN A 9 -30.59 1.18 -17.02
N ASP A 10 -30.97 0.12 -17.72
CA ASP A 10 -32.34 -0.09 -18.13
C ASP A 10 -33.23 -0.49 -16.94
N THR A 11 -32.73 -1.35 -16.04
CA THR A 11 -33.47 -1.86 -14.87
C THR A 11 -33.50 -0.87 -13.72
N LEU A 12 -32.61 0.13 -13.69
CA LEU A 12 -32.50 1.07 -12.57
C LEU A 12 -33.83 1.75 -12.19
N PRO A 13 -34.64 2.30 -13.12
CA PRO A 13 -35.93 2.90 -12.71
C PRO A 13 -36.91 1.94 -12.02
N SER A 14 -36.86 0.65 -12.38
CA SER A 14 -37.73 -0.34 -11.73
C SER A 14 -37.21 -0.66 -10.32
N ALA A 15 -35.89 -0.73 -10.13
CA ALA A 15 -35.27 -0.95 -8.83
C ALA A 15 -35.60 0.23 -7.92
N LEU A 16 -35.53 1.47 -8.44
CA LEU A 16 -35.88 2.65 -7.66
C LEU A 16 -37.34 2.63 -7.24
N ASP A 17 -38.21 2.16 -8.12
CA ASP A 17 -39.63 2.07 -7.84
C ASP A 17 -39.89 1.03 -6.72
N ALA A 18 -39.18 -0.10 -6.77
CA ALA A 18 -39.35 -1.15 -5.77
C ALA A 18 -38.88 -0.71 -4.42
N ILE A 19 -37.77 0.04 -4.37
CA ILE A 19 -37.18 0.56 -3.12
C ILE A 19 -38.15 1.59 -2.54
N ALA A 20 -38.65 2.50 -3.38
CA ALA A 20 -39.60 3.52 -2.92
C ALA A 20 -40.87 2.89 -2.32
N GLN A 21 -41.30 1.75 -2.86
CA GLN A 21 -42.50 1.08 -2.39
C GLN A 21 -42.28 0.16 -1.20
N ALA A 22 -41.01 -0.25 -0.93
CA ALA A 22 -40.62 -1.17 0.15
C ALA A 22 -40.86 -0.61 1.53
N PRO A 23 -41.40 -1.43 2.45
CA PRO A 23 -41.74 -0.91 3.80
C PRO A 23 -40.54 -0.68 4.71
N ARG A 24 -39.45 -1.40 4.46
CA ARG A 24 -38.18 -1.42 5.17
C ARG A 24 -37.19 -2.11 4.24
N VAL A 25 -35.99 -1.58 4.15
CA VAL A 25 -34.97 -2.11 3.25
C VAL A 25 -33.70 -2.53 3.99
N ALA A 26 -32.90 -3.44 3.42
CA ALA A 26 -31.64 -3.84 4.02
C ALA A 26 -30.50 -3.47 3.12
N LEU A 27 -29.39 -2.97 3.69
CA LEU A 27 -28.20 -2.59 2.94
C LEU A 27 -26.99 -3.43 3.33
N ASP A 28 -26.28 -3.91 2.32
CA ASP A 28 -25.08 -4.71 2.51
C ASP A 28 -24.08 -4.32 1.43
N THR A 29 -22.81 -4.21 1.80
CA THR A 29 -21.78 -3.82 0.85
C THR A 29 -20.83 -4.95 0.58
N GLU A 30 -20.36 -5.05 -0.67
CA GLU A 30 -19.35 -6.03 -1.08
C GLU A 30 -18.12 -5.20 -1.46
N THR A 31 -16.97 -5.42 -0.79
CA THR A 31 -15.79 -4.58 -0.97
C THR A 31 -14.47 -5.35 -1.18
N TYR A 32 -13.36 -4.64 -1.59
CA TYR A 32 -12.01 -5.18 -1.75
C TYR A 32 -10.90 -4.28 -1.35
N GLY A 33 -9.95 -4.84 -0.60
CA GLY A 33 -8.75 -4.15 -0.14
C GLY A 33 -7.69 -5.13 0.38
N SER A 34 -6.42 -4.66 0.52
CA SER A 34 -5.31 -5.43 1.10
C SER A 34 -5.69 -5.79 2.53
N ASN A 35 -6.21 -4.81 3.28
CA ASN A 35 -6.84 -4.98 4.59
C ASN A 35 -8.28 -4.52 4.26
N PRO A 36 -9.25 -5.42 3.93
CA PRO A 36 -10.60 -4.92 3.59
C PRO A 36 -11.35 -4.24 4.75
N PHE A 37 -10.68 -4.12 5.92
CA PHE A 37 -11.23 -3.51 7.14
C PHE A 37 -10.79 -2.08 7.31
N ASN A 38 -9.60 -1.76 6.79
CA ASN A 38 -9.08 -0.41 6.81
C ASN A 38 -9.61 0.23 5.55
N LEU A 39 -10.81 0.79 5.61
CA LEU A 39 -11.42 1.44 4.43
C LEU A 39 -10.60 2.69 3.98
N TYR A 40 -9.77 3.19 4.89
CA TYR A 40 -9.03 4.43 4.75
C TYR A 40 -7.70 4.29 4.01
N LEU A 41 -7.33 3.06 3.57
CA LEU A 41 -6.13 2.85 2.76
C LEU A 41 -6.48 3.14 1.30
N PRO A 42 -5.55 3.74 0.55
CA PRO A 42 -5.85 4.12 -0.84
C PRO A 42 -6.27 2.98 -1.79
N ASP A 43 -6.00 1.71 -1.43
CA ASP A 43 -6.38 0.59 -2.28
C ASP A 43 -7.82 0.11 -2.09
N PHE A 44 -8.47 0.53 -1.01
CA PHE A 44 -9.84 0.10 -0.72
C PHE A 44 -10.83 0.52 -1.81
N ARG A 45 -11.74 -0.38 -2.20
CA ARG A 45 -12.75 -0.13 -3.23
C ARG A 45 -14.10 -0.79 -2.92
N LEU A 46 -15.21 -0.19 -3.36
CA LEU A 46 -16.53 -0.80 -3.24
C LEU A 46 -16.71 -1.61 -4.52
N VAL A 47 -17.08 -2.91 -4.42
CA VAL A 47 -17.30 -3.80 -5.58
C VAL A 47 -18.78 -3.78 -6.03
N GLY A 48 -19.68 -3.83 -5.07
CA GLY A 48 -21.12 -3.83 -5.33
C GLY A 48 -21.97 -3.54 -4.11
N VAL A 49 -23.23 -3.16 -4.33
CA VAL A 49 -24.17 -2.85 -3.24
C VAL A 49 -25.41 -3.72 -3.34
N ALA A 50 -25.78 -4.39 -2.24
CA ALA A 50 -26.97 -5.25 -2.21
C ALA A 50 -28.05 -4.50 -1.43
N ILE A 51 -29.22 -4.33 -2.04
CA ILE A 51 -30.36 -3.65 -1.41
C ILE A 51 -31.57 -4.58 -1.44
N ALA A 52 -31.99 -5.13 -0.28
CA ALA A 52 -33.13 -6.04 -0.23
C ALA A 52 -34.38 -5.26 0.08
N THR A 53 -35.41 -5.34 -0.78
CA THR A 53 -36.67 -4.62 -0.61
C THR A 53 -37.72 -5.46 0.22
N SER A 54 -37.50 -6.78 0.32
CA SER A 54 -38.30 -7.72 1.10
C SER A 54 -37.40 -8.93 1.45
N PRO A 55 -37.80 -9.82 2.39
CA PRO A 55 -36.94 -11.00 2.66
C PRO A 55 -36.83 -11.95 1.46
N THR A 56 -37.54 -11.67 0.36
CA THR A 56 -37.55 -12.49 -0.83
C THR A 56 -37.24 -11.72 -2.13
N GLU A 57 -36.83 -10.45 -2.04
CA GLU A 57 -36.53 -9.66 -3.23
C GLU A 57 -35.36 -8.73 -2.99
N ALA A 58 -34.34 -8.76 -3.85
CA ALA A 58 -33.20 -7.89 -3.68
C ALA A 58 -32.63 -7.37 -5.00
N TRP A 59 -31.86 -6.27 -4.95
CA TRP A 59 -31.30 -5.60 -6.11
C TRP A 59 -29.82 -5.38 -5.93
N TYR A 60 -29.03 -5.92 -6.84
CA TYR A 60 -27.58 -5.81 -6.77
C TYR A 60 -27.09 -4.75 -7.73
N PHE A 61 -26.27 -3.84 -7.24
CA PHE A 61 -25.75 -2.76 -8.05
C PHE A 61 -24.25 -2.95 -8.27
N PRO A 62 -23.85 -3.57 -9.39
CA PRO A 62 -22.42 -3.78 -9.64
C PRO A 62 -21.71 -2.46 -9.87
N VAL A 63 -20.59 -2.26 -9.19
CA VAL A 63 -19.85 -1.01 -9.21
C VAL A 63 -18.44 -1.20 -9.76
N ASP A 64 -17.69 -2.21 -9.29
CA ASP A 64 -16.31 -2.39 -9.70
C ASP A 64 -15.95 -3.83 -10.07
N HIS A 65 -16.92 -4.59 -10.58
CA HIS A 65 -16.66 -5.96 -11.05
C HIS A 65 -15.81 -5.90 -12.35
N GLN A 66 -14.96 -6.91 -12.59
CA GLN A 66 -14.08 -6.93 -13.75
C GLN A 66 -14.01 -8.31 -14.43
N ASP A 67 -13.54 -8.31 -15.69
CA ASP A 67 -13.42 -9.48 -16.55
C ASP A 67 -12.07 -10.18 -16.44
N PHE A 68 -12.11 -11.51 -16.21
CA PHE A 68 -10.93 -12.36 -16.14
C PHE A 68 -10.83 -13.23 -17.40
N LEU A 69 -9.93 -12.86 -18.32
CA LEU A 69 -9.60 -13.56 -19.58
C LEU A 69 -10.68 -13.47 -20.67
N LEU A 70 -11.94 -13.75 -20.31
CA LEU A 70 -13.10 -13.69 -21.19
C LEU A 70 -13.92 -12.42 -20.88
N ARG A 71 -14.87 -12.06 -21.75
CA ARG A 71 -15.76 -10.92 -21.48
C ARG A 71 -17.14 -11.45 -21.06
N TYR A 72 -17.43 -11.46 -19.74
CA TYR A 72 -18.67 -11.99 -19.18
C TYR A 72 -19.40 -11.02 -18.24
N GLN A 73 -18.70 -10.00 -17.74
CA GLN A 73 -19.29 -9.05 -16.80
C GLN A 73 -20.14 -8.03 -17.52
N PRO A 74 -21.29 -7.69 -16.94
CA PRO A 74 -22.08 -6.58 -17.51
C PRO A 74 -21.34 -5.28 -17.24
N ALA A 75 -21.80 -4.18 -17.85
CA ALA A 75 -21.15 -2.89 -17.58
C ALA A 75 -21.44 -2.51 -16.14
N ASN A 76 -20.41 -2.09 -15.39
CA ASN A 76 -20.63 -1.63 -14.01
C ASN A 76 -21.51 -0.37 -14.05
N LEU A 77 -22.30 -0.13 -13.02
CA LEU A 77 -23.14 1.05 -12.98
C LEU A 77 -22.27 2.27 -12.62
N PRO A 78 -22.66 3.47 -13.10
CA PRO A 78 -21.92 4.67 -12.73
C PRO A 78 -22.00 4.91 -11.23
N ARG A 79 -20.94 5.46 -10.63
CA ARG A 79 -20.91 5.68 -9.20
C ARG A 79 -22.07 6.56 -8.72
N GLU A 80 -22.41 7.60 -9.51
CA GLU A 80 -23.52 8.50 -9.16
C GLU A 80 -24.87 7.79 -9.23
N ALA A 81 -25.03 6.83 -10.15
CA ALA A 81 -26.27 6.05 -10.25
C ALA A 81 -26.47 5.19 -8.99
N VAL A 82 -25.40 4.52 -8.51
CA VAL A 82 -25.46 3.69 -7.29
C VAL A 82 -25.70 4.57 -6.06
N ARG A 83 -25.07 5.74 -6.02
CA ARG A 83 -25.25 6.69 -4.94
C ARG A 83 -26.70 7.19 -4.88
N GLN A 84 -27.30 7.48 -6.03
CA GLN A 84 -28.68 7.93 -6.08
C GLN A 84 -29.63 6.80 -5.60
N ALA A 85 -29.31 5.53 -5.94
CA ALA A 85 -30.09 4.39 -5.50
C ALA A 85 -30.02 4.28 -3.97
N VAL A 86 -28.81 4.40 -3.38
CA VAL A 86 -28.63 4.32 -1.93
C VAL A 86 -29.33 5.47 -1.24
N LEU A 87 -29.23 6.69 -1.79
CA LEU A 87 -29.91 7.85 -1.20
C LEU A 87 -31.42 7.68 -1.19
N GLU A 88 -31.98 7.05 -2.22
CA GLU A 88 -33.38 6.76 -2.29
C GLU A 88 -33.76 5.65 -1.29
N ALA A 89 -32.89 4.66 -1.12
CA ALA A 89 -33.10 3.58 -0.17
C ALA A 89 -33.12 4.11 1.25
N LEU A 90 -32.26 5.12 1.56
CA LEU A 90 -32.17 5.73 2.89
C LEU A 90 -33.44 6.47 3.31
N LYS A 91 -34.27 6.92 2.34
CA LYS A 91 -35.52 7.61 2.66
C LYS A 91 -36.49 6.66 3.43
N ARG A 92 -36.40 5.36 3.14
CA ARG A 92 -37.19 4.30 3.77
C ARG A 92 -36.48 3.81 5.05
N PRO A 93 -37.17 3.07 5.96
CA PRO A 93 -36.48 2.52 7.14
C PRO A 93 -35.37 1.56 6.71
N VAL A 94 -34.16 1.72 7.24
CA VAL A 94 -33.03 0.89 6.82
C VAL A 94 -32.58 -0.07 7.91
N VAL A 95 -32.11 -1.25 7.50
CA VAL A 95 -31.55 -2.25 8.39
C VAL A 95 -30.24 -2.77 7.81
N TYR A 96 -29.22 -2.87 8.66
CA TYR A 96 -27.89 -3.37 8.30
C TYR A 96 -27.60 -4.55 9.21
N HIS A 97 -26.58 -5.35 8.83
CA HIS A 97 -26.16 -6.39 9.76
C HIS A 97 -25.00 -5.85 10.55
N ASN A 98 -24.03 -5.16 9.97
CA ASN A 98 -22.96 -4.57 10.81
C ASN A 98 -22.91 -3.12 10.40
N ALA A 99 -23.75 -2.28 10.99
CA ALA A 99 -23.88 -0.91 10.51
C ALA A 99 -22.63 -0.08 10.63
N ALA A 100 -21.77 -0.39 11.61
CA ALA A 100 -20.53 0.34 11.76
C ALA A 100 -19.65 0.17 10.52
N TYR A 101 -19.63 -1.03 9.92
CA TYR A 101 -18.84 -1.25 8.72
C TYR A 101 -19.51 -0.66 7.48
N ASP A 102 -20.75 -1.09 7.20
CA ASP A 102 -21.48 -0.65 6.01
C ASP A 102 -21.67 0.88 5.93
N ARG A 103 -21.95 1.57 7.05
CA ARG A 103 -22.13 3.01 7.03
C ARG A 103 -20.84 3.75 6.74
N ARG A 104 -19.72 3.22 7.23
CA ARG A 104 -18.42 3.79 6.96
C ARG A 104 -18.05 3.49 5.47
N VAL A 105 -18.47 2.33 4.92
CA VAL A 105 -18.24 2.02 3.50
C VAL A 105 -19.01 3.05 2.64
N LEU A 106 -20.30 3.28 2.93
CA LEU A 106 -21.12 4.23 2.20
C LEU A 106 -20.55 5.64 2.23
N ALA A 107 -19.96 6.04 3.36
CA ALA A 107 -19.38 7.37 3.48
C ALA A 107 -18.08 7.50 2.69
N VAL A 108 -17.22 6.50 2.78
CA VAL A 108 -15.92 6.51 2.12
C VAL A 108 -16.04 6.33 0.59
N THR A 109 -16.85 5.37 0.13
CA THR A 109 -16.94 5.07 -1.29
C THR A 109 -18.02 5.84 -2.06
N LEU A 110 -19.13 6.17 -1.42
CA LEU A 110 -20.22 6.88 -2.10
C LEU A 110 -20.46 8.30 -1.56
N ASP A 111 -19.65 8.75 -0.61
CA ASP A 111 -19.76 10.09 -0.05
C ASP A 111 -21.13 10.35 0.57
N ILE A 112 -21.70 9.34 1.25
CA ILE A 112 -22.98 9.51 1.93
C ILE A 112 -22.65 9.60 3.44
N PRO A 113 -22.63 10.84 3.99
CA PRO A 113 -22.23 11.02 5.39
C PRO A 113 -22.91 10.12 6.41
N LEU A 114 -22.26 9.92 7.56
CA LEU A 114 -22.84 9.12 8.62
C LEU A 114 -24.20 9.66 9.11
N ASP A 115 -24.42 10.98 8.94
CA ASP A 115 -25.63 11.70 9.28
C ASP A 115 -26.82 11.10 8.56
N GLN A 116 -26.67 10.85 7.27
CA GLN A 116 -27.75 10.29 6.49
C GLN A 116 -27.87 8.77 6.63
N THR A 117 -26.75 8.07 6.80
CA THR A 117 -26.76 6.62 6.83
C THR A 117 -27.18 5.94 8.15
N TYR A 118 -27.63 6.66 9.21
CA TYR A 118 -28.09 5.96 10.44
C TYR A 118 -29.27 5.03 10.15
N GLY A 119 -29.22 3.80 10.69
CA GLY A 119 -30.27 2.80 10.54
C GLY A 119 -30.20 1.68 11.55
N ASP A 120 -31.19 0.76 11.54
CA ASP A 120 -31.22 -0.38 12.47
C ASP A 120 -30.09 -1.36 12.21
N ASP A 121 -29.68 -2.14 13.23
CA ASP A 121 -28.57 -3.08 13.07
C ASP A 121 -28.95 -4.40 13.70
N THR A 122 -29.18 -5.43 12.87
CA THR A 122 -29.53 -6.76 13.36
C THR A 122 -28.47 -7.34 14.27
N MET A 123 -27.20 -7.05 14.01
CA MET A 123 -26.11 -7.59 14.83
C MET A 123 -26.14 -7.07 16.27
N VAL A 124 -26.59 -5.82 16.45
CA VAL A 124 -26.68 -5.18 17.78
C VAL A 124 -27.93 -5.67 18.52
N ALA A 125 -29.05 -5.76 17.80
CA ALA A 125 -30.29 -6.19 18.40
C ALA A 125 -30.21 -7.66 18.78
N LEU A 126 -29.63 -8.50 17.91
CA LEU A 126 -29.53 -9.92 18.18
C LEU A 126 -28.56 -10.21 19.32
N HIS A 127 -27.60 -9.32 19.62
CA HIS A 127 -26.70 -9.46 20.79
C HIS A 127 -27.55 -9.33 22.11
N LEU A 128 -28.66 -8.54 22.06
CA LEU A 128 -29.58 -8.42 23.19
C LEU A 128 -30.45 -9.66 23.33
N VAL A 129 -30.67 -10.44 22.25
CA VAL A 129 -31.43 -11.69 22.21
C VAL A 129 -30.57 -12.86 22.74
N ASP A 130 -29.32 -12.96 22.31
CA ASP A 130 -28.38 -13.97 22.79
C ASP A 130 -26.95 -13.46 22.67
N GLU A 131 -26.39 -12.97 23.77
CA GLU A 131 -25.03 -12.44 23.74
C GLU A 131 -23.97 -13.52 23.50
N ASN A 132 -24.28 -14.77 23.90
CA ASN A 132 -23.39 -15.91 23.72
C ASN A 132 -23.39 -16.46 22.29
N HIS A 133 -24.23 -15.92 21.40
CA HIS A 133 -24.28 -16.34 20.00
C HIS A 133 -23.25 -15.53 19.21
N PRO A 134 -22.61 -16.14 18.19
CA PRO A 134 -21.67 -15.38 17.34
C PRO A 134 -22.34 -14.21 16.61
N LEU A 135 -21.58 -13.16 16.33
CA LEU A 135 -22.12 -12.00 15.65
C LEU A 135 -22.36 -12.23 14.14
N GLY A 136 -21.75 -13.26 13.56
CA GLY A 136 -21.86 -13.56 12.14
C GLY A 136 -23.27 -13.64 11.60
N LEU A 137 -23.51 -13.00 10.46
CA LEU A 137 -24.83 -13.03 9.81
C LEU A 137 -25.13 -14.44 9.38
N LYS A 138 -24.11 -15.18 8.87
CA LYS A 138 -24.19 -16.58 8.40
C LYS A 138 -24.70 -17.45 9.54
N GLU A 139 -24.11 -17.27 10.73
CA GLU A 139 -24.42 -17.99 11.96
C GLU A 139 -25.83 -17.71 12.45
N TRP A 140 -26.23 -16.44 12.44
CA TRP A 140 -27.57 -16.07 12.89
C TRP A 140 -28.62 -16.52 11.90
N ALA A 141 -28.29 -16.59 10.60
CA ALA A 141 -29.22 -17.06 9.58
C ALA A 141 -29.51 -18.54 9.78
N LYS A 142 -28.47 -19.35 10.11
CA LYS A 142 -28.67 -20.77 10.38
C LYS A 142 -29.51 -20.99 11.66
N THR A 143 -29.29 -20.15 12.68
CA THR A 143 -29.97 -20.21 13.97
C THR A 143 -31.42 -19.81 13.91
N LEU A 144 -31.78 -18.68 13.29
CA LEU A 144 -33.17 -18.24 13.25
C LEU A 144 -33.91 -18.54 11.96
N LEU A 145 -33.24 -18.41 10.82
CA LEU A 145 -33.89 -18.61 9.52
C LEU A 145 -33.82 -20.07 9.00
N GLY A 146 -33.07 -20.93 9.68
CA GLY A 146 -32.93 -22.33 9.29
C GLY A 146 -32.19 -22.54 7.98
N LEU A 147 -31.23 -21.64 7.69
CA LEU A 147 -30.50 -21.68 6.44
C LEU A 147 -29.05 -21.95 6.67
N GLU A 148 -28.62 -23.20 6.50
CA GLU A 148 -27.19 -23.48 6.63
C GLU A 148 -26.59 -23.14 5.28
N GLU A 149 -25.32 -22.78 5.28
CA GLU A 149 -24.62 -22.49 4.03
C GLU A 149 -24.18 -23.81 3.42
N VAL A 150 -24.21 -23.89 2.09
CA VAL A 150 -23.82 -25.11 1.39
C VAL A 150 -22.32 -25.11 1.13
N ASN A 151 -21.54 -26.00 1.79
CA ASN A 151 -20.09 -26.02 1.51
C ASN A 151 -19.65 -27.28 0.76
N ALA A 152 -20.56 -27.85 -0.02
CA ALA A 152 -20.26 -29.01 -0.84
C ALA A 152 -19.33 -28.57 -2.00
N ASP A 153 -18.80 -29.53 -2.79
CA ASP A 153 -17.97 -29.17 -3.91
C ASP A 153 -18.74 -29.33 -5.21
N ILE A 154 -19.03 -28.20 -5.84
CA ILE A 154 -19.80 -28.17 -7.07
C ILE A 154 -18.83 -28.31 -8.23
N GLU A 155 -19.16 -29.17 -9.20
CA GLU A 155 -18.34 -29.35 -10.40
C GLU A 155 -19.10 -28.72 -11.58
N PRO A 156 -18.40 -27.98 -12.46
CA PRO A 156 -19.10 -27.30 -13.55
C PRO A 156 -19.62 -28.14 -14.70
N PRO A 157 -20.68 -27.65 -15.37
CA PRO A 157 -21.15 -28.31 -16.58
C PRO A 157 -20.15 -28.11 -17.72
N GLU A 158 -20.32 -28.89 -18.79
CA GLU A 158 -19.48 -28.81 -19.97
C GLU A 158 -19.68 -27.47 -20.64
N LEU A 159 -18.67 -26.61 -20.55
CA LEU A 159 -18.73 -25.29 -21.17
C LEU A 159 -18.06 -25.27 -22.57
N THR A 160 -17.58 -26.42 -23.07
CA THR A 160 -16.87 -26.49 -24.32
C THR A 160 -17.47 -27.49 -25.33
N ASP A 161 -17.11 -27.35 -26.62
CA ASP A 161 -17.59 -28.24 -27.69
C ASP A 161 -16.75 -28.14 -28.99
N VAL A 179 -13.98 -29.39 -26.59
CA VAL A 179 -12.64 -28.86 -26.29
C VAL A 179 -12.15 -27.81 -27.33
N HIS A 180 -13.02 -27.41 -28.27
CA HIS A 180 -12.66 -26.45 -29.31
C HIS A 180 -13.33 -25.09 -29.19
N LYS A 181 -14.68 -25.05 -29.06
CA LYS A 181 -15.43 -23.79 -28.99
C LYS A 181 -16.16 -23.58 -27.66
N LEU A 182 -16.07 -22.38 -27.11
CA LEU A 182 -16.76 -22.04 -25.87
C LEU A 182 -18.27 -22.03 -26.17
N LYS A 183 -19.08 -22.70 -25.33
CA LYS A 183 -20.54 -22.75 -25.50
C LYS A 183 -21.08 -21.34 -25.35
N PRO A 184 -21.95 -20.89 -26.25
CA PRO A 184 -22.43 -19.50 -26.20
C PRO A 184 -23.12 -19.15 -24.88
N ASP A 185 -23.86 -20.12 -24.34
CA ASP A 185 -24.58 -19.95 -23.10
C ASP A 185 -23.80 -20.49 -21.91
N TRP A 186 -22.44 -20.44 -21.96
CA TRP A 186 -21.62 -20.98 -20.87
C TRP A 186 -21.89 -20.35 -19.53
N LEU A 187 -22.21 -19.05 -19.50
CA LEU A 187 -22.48 -18.40 -18.22
C LEU A 187 -23.82 -18.82 -17.64
N GLN A 188 -24.83 -18.97 -18.51
CA GLN A 188 -26.14 -19.43 -18.05
C GLN A 188 -26.04 -20.88 -17.56
N ARG A 189 -25.17 -21.71 -18.18
CA ARG A 189 -24.94 -23.10 -17.78
C ARG A 189 -24.25 -23.16 -16.42
N LEU A 190 -23.31 -22.25 -16.18
CA LEU A 190 -22.57 -22.18 -14.94
C LEU A 190 -23.44 -21.66 -13.81
N LYS A 191 -24.31 -20.67 -14.08
CA LYS A 191 -25.22 -20.11 -13.07
C LYS A 191 -26.23 -21.17 -12.64
N ASP A 192 -26.72 -21.98 -13.61
CA ASP A 192 -27.68 -23.02 -13.33
C ASP A 192 -27.08 -24.14 -12.51
N ALA A 193 -25.79 -24.48 -12.73
CA ALA A 193 -25.07 -25.49 -11.93
C ALA A 193 -24.95 -25.03 -10.48
N PHE A 194 -24.77 -23.72 -10.27
CA PHE A 194 -24.67 -23.10 -8.98
C PHE A 194 -26.04 -23.09 -8.28
N LEU A 195 -27.10 -22.72 -8.99
CA LEU A 195 -28.45 -22.66 -8.44
C LEU A 195 -29.03 -24.02 -8.07
N ALA A 196 -28.57 -25.09 -8.73
CA ALA A 196 -29.04 -26.45 -8.45
C ALA A 196 -28.65 -26.96 -7.06
N VAL A 197 -27.57 -26.42 -6.50
CA VAL A 197 -27.12 -26.81 -5.16
C VAL A 197 -27.48 -25.75 -4.09
N HIS A 198 -27.79 -24.54 -4.53
CA HIS A 198 -28.23 -23.44 -3.68
C HIS A 198 -29.71 -23.69 -3.39
N ASN A 199 -29.97 -24.35 -2.29
CA ASN A 199 -31.31 -24.54 -1.79
C ASN A 199 -31.33 -23.66 -0.52
N GLY A 200 -30.36 -23.90 0.39
CA GLY A 200 -30.17 -23.12 1.60
C GLY A 200 -29.12 -22.02 1.47
N GLY A 201 -28.52 -21.87 0.28
CA GLY A 201 -27.53 -20.82 0.05
C GLY A 201 -26.09 -21.25 0.08
N VAL A 202 -25.38 -21.13 -1.06
CA VAL A 202 -23.96 -21.53 -1.21
C VAL A 202 -22.97 -20.65 -0.39
N SER A 203 -21.89 -21.27 0.14
CA SER A 203 -20.85 -20.56 0.90
C SER A 203 -19.86 -19.88 -0.04
N TYR A 204 -19.12 -18.87 0.45
CA TYR A 204 -18.17 -18.17 -0.39
C TYR A 204 -17.07 -19.11 -0.93
N SER A 205 -16.59 -19.99 -0.07
CA SER A 205 -15.56 -20.95 -0.41
C SER A 205 -16.02 -21.88 -1.55
N ALA A 206 -17.26 -22.33 -1.49
CA ALA A 206 -17.83 -23.22 -2.48
C ALA A 206 -18.02 -22.48 -3.81
N LEU A 207 -18.44 -21.21 -3.77
CA LEU A 207 -18.63 -20.38 -4.96
C LEU A 207 -17.28 -20.20 -5.63
N TYR A 208 -16.21 -19.91 -4.86
CA TYR A 208 -14.88 -19.76 -5.44
C TYR A 208 -14.40 -21.07 -6.08
N LYS A 209 -14.61 -22.20 -5.38
CA LYS A 209 -14.16 -23.48 -5.90
C LYS A 209 -14.80 -23.82 -7.24
N LEU A 210 -16.11 -23.54 -7.41
CA LEU A 210 -16.83 -23.79 -8.67
C LEU A 210 -16.31 -22.86 -9.77
N LEU A 211 -16.12 -21.57 -9.46
CA LEU A 211 -15.60 -20.62 -10.45
C LEU A 211 -14.20 -20.99 -10.90
N ASN A 212 -13.34 -21.38 -9.95
CA ASN A 212 -11.98 -21.81 -10.29
C ASN A 212 -12.00 -23.08 -11.13
N ARG A 213 -12.87 -24.05 -10.78
CA ARG A 213 -13.01 -25.32 -11.49
C ARG A 213 -13.52 -25.10 -12.93
N ALA A 214 -14.40 -24.11 -13.11
CA ALA A 214 -14.93 -23.76 -14.43
C ALA A 214 -13.81 -23.20 -15.32
N PHE A 215 -12.98 -22.27 -14.80
CA PHE A 215 -11.87 -21.71 -15.56
C PHE A 215 -10.74 -22.72 -15.77
N GLN A 216 -10.57 -23.67 -14.83
CA GLN A 216 -9.57 -24.74 -14.96
C GLN A 216 -9.97 -25.69 -16.10
N GLN A 217 -11.28 -25.98 -16.25
CA GLN A 217 -11.75 -26.80 -17.37
C GLN A 217 -11.47 -26.07 -18.68
N LEU A 218 -11.66 -24.75 -18.73
CA LEU A 218 -11.39 -23.92 -19.89
C LEU A 218 -9.90 -23.87 -20.24
N LYS A 219 -9.01 -23.88 -19.22
CA LYS A 219 -7.55 -23.87 -19.41
C LYS A 219 -7.10 -25.22 -19.97
N ASN A 220 -7.71 -26.34 -19.49
CA ASN A 220 -7.45 -27.69 -19.97
C ASN A 220 -7.86 -27.85 -21.45
N ARG A 221 -8.88 -27.09 -21.90
CA ARG A 221 -9.27 -27.01 -23.31
C ARG A 221 -8.52 -25.73 -23.84
N GLY A 222 -8.60 -25.42 -25.14
CA GLY A 222 -7.88 -24.27 -25.67
C GLY A 222 -8.53 -22.91 -25.45
N VAL A 223 -9.59 -22.85 -24.61
CA VAL A 223 -10.41 -21.66 -24.41
C VAL A 223 -9.63 -20.50 -23.84
N VAL A 224 -8.94 -20.72 -22.70
CA VAL A 224 -8.13 -19.69 -22.06
C VAL A 224 -6.78 -20.24 -21.62
N SER A 225 -5.80 -19.35 -21.47
CA SER A 225 -4.48 -19.74 -21.06
C SER A 225 -4.01 -18.81 -19.95
N TYR A 226 -4.20 -19.24 -18.69
CA TYR A 226 -3.80 -18.43 -17.56
C TYR A 226 -2.74 -19.10 -16.74
N THR A 227 -1.85 -18.28 -16.15
CA THR A 227 -0.67 -18.68 -15.38
C THR A 227 -0.80 -19.93 -14.51
N GLY A 228 -1.78 -19.98 -13.62
CA GLY A 228 -1.88 -21.09 -12.70
C GLY A 228 -3.27 -21.44 -12.21
N SER A 229 -3.77 -20.68 -11.24
CA SER A 229 -5.08 -20.89 -10.62
C SER A 229 -5.99 -19.66 -10.83
N PHE A 230 -7.30 -19.79 -10.57
CA PHE A 230 -8.20 -18.64 -10.69
C PHE A 230 -8.01 -17.77 -9.44
N PRO A 231 -7.87 -16.44 -9.56
CA PRO A 231 -7.67 -15.61 -8.35
C PRO A 231 -8.87 -15.46 -7.44
N ASN A 232 -8.66 -15.42 -6.12
CA ASN A 232 -9.74 -15.24 -5.16
C ASN A 232 -10.04 -13.75 -5.14
N ASP A 233 -10.82 -13.29 -6.09
CA ASP A 233 -11.12 -11.87 -6.20
C ASP A 233 -12.59 -11.70 -6.58
N PHE A 234 -13.47 -11.27 -5.64
CA PHE A 234 -14.91 -11.08 -5.88
C PHE A 234 -15.19 -10.21 -7.08
N ARG A 235 -14.25 -9.30 -7.45
CA ARG A 235 -14.43 -8.47 -8.64
C ARG A 235 -14.56 -9.36 -9.91
N LEU A 236 -13.84 -10.46 -9.95
CA LEU A 236 -13.81 -11.36 -11.09
C LEU A 236 -14.89 -12.43 -11.12
N PHE A 237 -15.66 -12.57 -10.04
CA PHE A 237 -16.72 -13.57 -10.00
C PHE A 237 -17.82 -13.05 -10.91
N PRO A 238 -18.33 -13.88 -11.84
CA PRO A 238 -19.40 -13.40 -12.72
C PRO A 238 -20.57 -12.85 -11.92
N VAL A 239 -20.95 -11.60 -12.20
CA VAL A 239 -22.02 -10.89 -11.54
C VAL A 239 -23.31 -11.72 -11.46
N ASP A 240 -23.71 -12.38 -12.58
CA ASP A 240 -24.91 -13.22 -12.59
C ASP A 240 -24.93 -14.29 -11.48
N ILE A 241 -23.76 -14.71 -11.01
CA ILE A 241 -23.67 -15.71 -9.95
C ILE A 241 -23.36 -15.08 -8.59
N ALA A 242 -22.41 -14.14 -8.57
CA ALA A 242 -21.96 -13.44 -7.36
C ALA A 242 -23.06 -12.61 -6.71
N ALA A 243 -23.94 -12.02 -7.55
CA ALA A 243 -25.07 -11.26 -7.04
C ALA A 243 -26.02 -12.13 -6.25
N ILE A 244 -26.10 -13.45 -6.54
CA ILE A 244 -26.94 -14.35 -5.75
C ILE A 244 -26.40 -14.40 -4.31
N TYR A 245 -25.08 -14.62 -4.19
CA TYR A 245 -24.41 -14.66 -2.91
C TYR A 245 -24.66 -13.36 -2.08
N ALA A 246 -24.31 -12.22 -2.65
CA ALA A 246 -24.45 -10.91 -2.04
C ALA A 246 -25.88 -10.56 -1.68
N LEU A 247 -26.82 -10.86 -2.58
CA LEU A 247 -28.22 -10.54 -2.36
C LEU A 247 -28.84 -11.38 -1.25
N ASP A 248 -28.35 -12.62 -1.06
CA ASP A 248 -28.85 -13.45 0.02
C ASP A 248 -28.53 -12.84 1.37
N ASP A 249 -27.33 -12.26 1.52
CA ASP A 249 -26.93 -11.62 2.77
C ASP A 249 -27.89 -10.46 3.12
N ALA A 250 -28.28 -9.64 2.13
CA ALA A 250 -29.22 -8.54 2.35
C ALA A 250 -30.65 -9.06 2.69
N MET A 251 -31.14 -10.08 1.98
CA MET A 251 -32.45 -10.66 2.27
C MET A 251 -32.50 -11.37 3.65
N ASN A 252 -31.40 -12.03 4.05
CA ASN A 252 -31.32 -12.67 5.35
C ASN A 252 -31.35 -11.61 6.44
N THR A 253 -30.68 -10.44 6.23
CA THR A 253 -30.66 -9.34 7.21
C THR A 253 -32.08 -8.83 7.48
N LEU A 254 -32.87 -8.70 6.42
CA LEU A 254 -34.23 -8.22 6.53
C LEU A 254 -35.12 -9.27 7.21
N ALA A 255 -34.92 -10.55 6.85
CA ALA A 255 -35.64 -11.67 7.45
C ALA A 255 -35.30 -11.78 8.94
N LEU A 256 -34.04 -11.53 9.32
CA LEU A 256 -33.63 -11.57 10.71
C LEU A 256 -34.27 -10.42 11.47
N TRP A 257 -34.43 -9.24 10.83
CA TRP A 257 -35.07 -8.12 11.49
C TRP A 257 -36.52 -8.40 11.85
N GLU A 258 -37.21 -9.22 11.05
CA GLU A 258 -38.60 -9.61 11.36
C GLU A 258 -38.65 -10.33 12.71
N HIS A 259 -37.66 -11.19 12.98
CA HIS A 259 -37.51 -11.93 14.22
C HIS A 259 -37.21 -11.01 15.39
N VAL A 260 -36.42 -9.97 15.13
CA VAL A 260 -36.04 -8.99 16.13
C VAL A 260 -37.27 -8.19 16.59
N GLU A 261 -38.16 -7.83 15.65
CA GLU A 261 -39.36 -7.09 16.02
C GLU A 261 -40.33 -7.92 16.86
N VAL A 262 -40.35 -9.25 16.67
CA VAL A 262 -41.18 -10.15 17.47
C VAL A 262 -40.59 -10.20 18.88
N PHE A 263 -39.26 -10.39 18.97
CA PHE A 263 -38.60 -10.45 20.26
C PHE A 263 -38.79 -9.15 21.03
N PHE A 264 -38.72 -8.00 20.33
CA PHE A 264 -38.89 -6.70 20.98
C PHE A 264 -40.31 -6.51 21.52
N GLU A 265 -41.29 -7.22 20.96
CA GLU A 265 -42.69 -7.23 21.42
C GLU A 265 -42.72 -7.93 22.81
N LEU A 266 -41.97 -9.02 22.96
CA LEU A 266 -41.89 -9.76 24.21
C LEU A 266 -41.06 -8.98 25.26
N HIS A 267 -40.04 -8.22 24.83
CA HIS A 267 -39.15 -7.51 25.75
C HIS A 267 -39.05 -6.02 25.42
N PRO A 268 -40.01 -5.23 25.89
CA PRO A 268 -39.96 -3.78 25.63
C PRO A 268 -38.84 -3.06 26.39
N LYS A 269 -38.33 -3.67 27.48
CA LYS A 269 -37.24 -3.10 28.24
C LYS A 269 -35.97 -3.21 27.40
N LEU A 270 -35.78 -4.32 26.65
CA LEU A 270 -34.63 -4.47 25.75
C LEU A 270 -34.83 -3.66 24.47
N HIS A 271 -36.08 -3.45 24.03
CA HIS A 271 -36.37 -2.64 22.86
C HIS A 271 -35.91 -1.19 23.11
N ALA A 272 -36.21 -0.68 24.31
CA ALA A 272 -35.84 0.65 24.73
C ALA A 272 -34.34 0.74 25.01
N LEU A 273 -33.73 -0.30 25.57
CA LEU A 273 -32.27 -0.32 25.79
C LEU A 273 -31.54 -0.27 24.42
N TYR A 274 -32.10 -0.95 23.42
CA TYR A 274 -31.57 -0.97 22.06
C TYR A 274 -31.66 0.44 21.45
N ARG A 275 -32.84 1.05 21.48
CA ARG A 275 -33.05 2.33 20.81
C ARG A 275 -32.39 3.51 21.52
N GLU A 276 -32.34 3.53 22.85
CA GLU A 276 -31.81 4.66 23.59
C GLU A 276 -30.32 4.61 23.90
N ILE A 277 -29.75 3.40 24.03
CA ILE A 277 -28.35 3.26 24.39
C ILE A 277 -27.53 2.49 23.36
N GLU A 278 -27.94 1.26 23.00
CA GLU A 278 -27.17 0.42 22.10
C GLU A 278 -26.96 0.95 20.69
N LEU A 279 -28.04 1.30 19.97
CA LEU A 279 -27.89 1.84 18.64
C LEU A 279 -27.21 3.24 18.62
N PRO A 280 -27.60 4.20 19.51
CA PRO A 280 -26.90 5.48 19.55
C PRO A 280 -25.42 5.36 19.91
N VAL A 281 -25.06 4.47 20.86
CA VAL A 281 -23.65 4.33 21.25
C VAL A 281 -22.86 3.75 20.09
N ASN A 282 -23.45 2.81 19.33
CA ASN A 282 -22.84 2.24 18.14
C ASN A 282 -22.54 3.34 17.14
N ASP A 283 -23.52 4.24 16.93
CA ASP A 283 -23.38 5.37 16.05
C ASP A 283 -22.23 6.29 16.51
N VAL A 284 -22.17 6.61 17.82
CA VAL A 284 -21.10 7.47 18.35
C VAL A 284 -19.69 6.87 18.04
N MET A 285 -19.51 5.57 18.34
CA MET A 285 -18.25 4.92 18.10
C MET A 285 -17.95 4.67 16.62
N THR A 286 -18.96 4.55 15.75
CA THR A 286 -18.75 4.43 14.30
C THR A 286 -18.12 5.75 13.81
N ARG A 287 -18.66 6.90 14.30
CA ARG A 287 -18.18 8.23 13.96
C ARG A 287 -16.75 8.42 14.52
N ALA A 288 -16.46 7.85 15.70
CA ALA A 288 -15.12 7.94 16.31
C ALA A 288 -14.06 7.21 15.48
N THR A 289 -14.40 6.01 14.97
CA THR A 289 -13.51 5.22 14.10
C THR A 289 -13.33 6.00 12.79
N HIS A 290 -14.40 6.58 12.29
CA HIS A 290 -14.38 7.33 11.06
C HIS A 290 -13.47 8.53 11.16
N ARG A 291 -13.49 9.24 12.30
CA ARG A 291 -12.65 10.43 12.46
C ARG A 291 -11.16 10.08 12.53
N GLY A 292 -10.81 9.04 13.30
CA GLY A 292 -9.42 8.59 13.44
C GLY A 292 -8.58 9.56 14.23
N VAL A 293 -7.67 9.04 15.06
CA VAL A 293 -6.79 9.87 15.88
C VAL A 293 -5.51 10.16 15.07
N LEU A 294 -4.95 11.37 15.19
CA LEU A 294 -3.74 11.70 14.44
C LEU A 294 -2.48 11.01 15.04
N VAL A 295 -1.56 10.52 14.20
CA VAL A 295 -0.42 9.72 14.71
C VAL A 295 0.90 10.38 14.54
N ASP A 296 1.66 10.58 15.66
CA ASP A 296 3.00 11.13 15.69
C ASP A 296 3.95 10.05 15.18
N LYS A 297 4.33 10.11 13.88
CA LYS A 297 5.21 9.11 13.29
C LYS A 297 6.64 9.17 13.82
N GLU A 298 7.06 10.36 14.28
CA GLU A 298 8.38 10.62 14.83
C GLU A 298 8.45 9.94 16.20
N GLU A 299 7.43 10.12 17.03
CA GLU A 299 7.39 9.49 18.35
C GLU A 299 7.25 7.96 18.22
N LEU A 300 6.57 7.47 17.18
CA LEU A 300 6.49 6.02 16.95
C LEU A 300 7.88 5.45 16.67
N ARG A 301 8.71 6.17 15.90
CA ARG A 301 10.07 5.73 15.61
C ARG A 301 10.89 5.68 16.90
N ARG A 302 10.68 6.62 17.81
CA ARG A 302 11.39 6.62 19.09
C ARG A 302 10.98 5.43 19.94
N ILE A 303 9.69 5.07 19.93
CA ILE A 303 9.24 3.91 20.69
C ILE A 303 9.82 2.65 20.05
N LYS A 304 9.71 2.50 18.73
CA LYS A 304 10.29 1.39 17.99
C LYS A 304 11.80 1.27 18.24
N GLU A 305 12.53 2.38 18.20
CA GLU A 305 13.96 2.33 18.39
C GLU A 305 14.32 2.02 19.86
N THR A 306 13.50 2.48 20.82
CA THR A 306 13.72 2.22 22.25
C THR A 306 13.42 0.76 22.61
N ILE A 307 12.39 0.19 21.96
CA ILE A 307 12.04 -1.20 22.17
C ILE A 307 13.14 -2.06 21.61
N GLN A 308 13.56 -1.78 20.35
CA GLN A 308 14.62 -2.51 19.67
C GLN A 308 15.90 -2.48 20.49
N ALA A 309 16.22 -1.32 21.08
CA ALA A 309 17.39 -1.14 21.95
C ALA A 309 17.28 -2.01 23.20
N ARG A 310 16.09 -2.06 23.79
CA ARG A 310 15.89 -2.84 25.00
C ARG A 310 15.86 -4.35 24.76
N ILE A 311 15.38 -4.81 23.58
CA ILE A 311 15.40 -6.24 23.21
C ILE A 311 16.86 -6.69 23.13
N GLU A 312 17.70 -5.86 22.50
CA GLU A 312 19.12 -6.13 22.38
C GLU A 312 19.76 -6.12 23.76
N GLU A 313 19.39 -5.14 24.62
CA GLU A 313 19.92 -5.03 26.00
C GLU A 313 19.72 -6.32 26.77
N LYS A 314 18.51 -6.91 26.64
CA LYS A 314 18.09 -8.14 27.30
C LYS A 314 18.83 -9.39 26.80
N ALA A 315 19.38 -9.34 25.58
CA ALA A 315 20.20 -10.43 25.06
C ALA A 315 21.58 -10.40 25.69
N GLN A 316 22.14 -9.21 25.91
CA GLN A 316 23.42 -9.07 26.58
C GLN A 316 23.32 -9.51 28.05
N GLU A 317 22.18 -9.20 28.70
CA GLU A 317 21.87 -9.58 30.08
C GLU A 317 21.91 -11.11 30.18
N ALA A 318 21.19 -11.79 29.25
CA ALA A 318 21.08 -13.23 29.13
C ALA A 318 22.44 -13.85 28.92
N GLN A 319 23.31 -13.20 28.12
CA GLN A 319 24.65 -13.68 27.82
C GLN A 319 25.53 -13.65 29.02
N GLU A 320 25.59 -12.52 29.73
CA GLU A 320 26.41 -12.42 30.95
C GLU A 320 25.90 -13.36 32.06
N LEU A 321 24.59 -13.67 32.05
CA LEU A 321 23.99 -14.55 33.02
C LEU A 321 24.40 -15.96 32.66
N LEU A 322 24.22 -16.38 31.37
CA LEU A 322 24.63 -17.69 30.82
C LEU A 322 26.11 -17.93 31.05
N LYS A 323 26.93 -16.87 30.94
CA LYS A 323 28.36 -16.86 31.17
C LYS A 323 28.64 -17.33 32.60
N ALA A 324 27.82 -16.93 33.58
CA ALA A 324 28.01 -17.37 34.95
C ALA A 324 27.34 -18.73 35.21
N LEU A 325 26.21 -18.99 34.53
CA LEU A 325 25.48 -20.24 34.64
C LEU A 325 26.26 -21.43 34.10
N ILE A 326 26.66 -21.40 32.83
CA ILE A 326 27.37 -22.53 32.23
C ILE A 326 28.85 -22.26 31.93
N GLY A 327 29.39 -21.15 32.41
CA GLY A 327 30.80 -20.80 32.25
C GLY A 327 31.34 -20.65 30.84
N SER A 328 32.45 -21.34 30.57
CA SER A 328 33.14 -21.33 29.27
C SER A 328 32.27 -21.92 28.14
N LYS A 329 31.31 -22.80 28.48
CA LYS A 329 30.39 -23.34 27.49
C LYS A 329 29.45 -22.29 26.92
N ALA A 330 29.39 -21.08 27.53
CA ALA A 330 28.55 -19.96 27.08
C ALA A 330 29.02 -19.32 25.79
N SER A 331 30.28 -19.58 25.38
CA SER A 331 30.77 -19.10 24.09
C SER A 331 30.02 -19.88 22.96
N GLU A 332 29.74 -21.18 23.20
CA GLU A 332 29.06 -22.10 22.30
C GLU A 332 27.57 -21.76 22.05
N PHE A 333 27.12 -20.58 22.49
CA PHE A 333 25.77 -20.10 22.31
C PHE A 333 25.86 -18.62 21.92
N THR A 334 25.45 -18.29 20.69
CA THR A 334 25.52 -16.91 20.19
C THR A 334 24.19 -16.15 20.38
N ASN A 335 23.04 -16.81 20.09
CA ASN A 335 21.71 -16.20 20.27
C ASN A 335 20.80 -17.17 21.03
N PRO A 336 20.98 -17.29 22.36
CA PRO A 336 20.20 -18.26 23.13
C PRO A 336 18.72 -17.94 23.28
N LEU A 337 18.36 -16.66 23.45
CA LEU A 337 16.97 -16.29 23.65
C LEU A 337 16.14 -16.55 22.39
N ASN A 338 16.56 -15.98 21.25
CA ASN A 338 15.82 -16.14 20.00
C ASN A 338 15.75 -17.57 19.49
N SER A 339 16.90 -18.28 19.39
CA SER A 339 16.93 -19.66 18.89
C SER A 339 16.44 -20.68 19.93
N PRO A 340 15.32 -21.39 19.70
CA PRO A 340 14.85 -22.38 20.68
C PRO A 340 15.68 -23.66 20.72
N GLN A 341 16.71 -23.74 19.87
CA GLN A 341 17.66 -24.84 19.74
C GLN A 341 18.71 -24.67 20.85
N GLN A 342 19.33 -23.49 20.92
CA GLN A 342 20.30 -23.19 21.95
C GLN A 342 19.62 -23.09 23.34
N LEU A 343 18.33 -22.71 23.37
CA LEU A 343 17.55 -22.52 24.60
C LEU A 343 17.21 -23.81 25.31
N SER A 344 16.61 -24.79 24.62
CA SER A 344 16.29 -26.08 25.25
C SER A 344 17.54 -26.84 25.67
N THR A 345 18.69 -26.59 25.00
CA THR A 345 19.96 -27.20 25.34
C THR A 345 20.45 -26.62 26.67
N ILE A 346 20.35 -25.31 26.83
CA ILE A 346 20.76 -24.61 28.04
C ILE A 346 19.87 -24.98 29.24
N LEU A 347 18.59 -24.63 29.20
CA LEU A 347 17.68 -24.84 30.30
C LEU A 347 17.63 -26.28 30.82
N TYR A 348 17.44 -27.26 29.92
CA TYR A 348 17.25 -28.66 30.33
C TYR A 348 18.53 -29.51 30.34
N ASP A 349 19.25 -29.60 29.21
CA ASP A 349 20.44 -30.44 29.09
C ASP A 349 21.57 -29.98 30.00
N LEU A 350 21.79 -28.65 30.09
CA LEU A 350 22.88 -28.12 30.90
C LEU A 350 22.47 -27.79 32.32
N LEU A 351 21.43 -26.95 32.51
CA LEU A 351 21.04 -26.51 33.85
C LEU A 351 20.25 -27.52 34.67
N GLY A 352 19.84 -28.63 34.06
CA GLY A 352 19.08 -29.64 34.74
C GLY A 352 17.74 -29.12 35.22
N TYR A 353 16.88 -28.73 34.29
CA TYR A 353 15.57 -28.21 34.65
C TYR A 353 14.53 -29.30 34.38
N PRO A 354 13.59 -29.47 35.32
CA PRO A 354 12.54 -30.49 35.13
C PRO A 354 11.57 -30.17 33.97
N VAL A 355 11.61 -30.98 32.87
CA VAL A 355 10.76 -30.77 31.67
C VAL A 355 9.26 -30.95 31.99
N VAL A 356 8.56 -29.86 32.35
CA VAL A 356 7.14 -29.89 32.68
C VAL A 356 6.23 -29.53 31.49
N GLU A 357 6.74 -29.70 30.24
CA GLU A 357 5.99 -29.41 29.01
C GLU A 357 6.82 -29.70 27.76
N THR A 358 6.21 -30.41 26.78
CA THR A 358 6.83 -30.71 25.49
C THR A 358 5.92 -30.34 24.30
N THR A 359 6.54 -30.15 23.12
CA THR A 359 5.90 -29.81 21.85
C THR A 359 5.22 -31.04 21.21
N PRO A 360 4.44 -30.85 20.14
CA PRO A 360 3.82 -32.00 19.48
C PRO A 360 4.85 -33.01 18.98
N ASN A 361 6.00 -32.52 18.50
CA ASN A 361 7.07 -33.39 18.02
C ASN A 361 7.94 -34.00 19.15
N GLY A 362 7.53 -33.84 20.41
CA GLY A 362 8.23 -34.42 21.56
C GLY A 362 9.49 -33.74 22.07
N ALA A 363 9.89 -32.62 21.42
CA ALA A 363 11.07 -31.82 21.80
C ALA A 363 10.71 -30.97 23.04
N PRO A 364 11.66 -30.74 23.98
CA PRO A 364 11.31 -29.96 25.19
C PRO A 364 10.93 -28.52 24.84
N SER A 365 9.70 -28.13 25.22
CA SER A 365 9.06 -26.85 24.90
C SER A 365 9.56 -25.65 25.69
N THR A 366 10.13 -24.67 24.97
CA THR A 366 10.63 -23.44 25.57
C THR A 366 9.64 -22.31 25.34
N SER A 367 8.33 -22.60 25.50
CA SER A 367 7.25 -21.63 25.26
C SER A 367 6.92 -20.74 26.45
N LYS A 368 6.20 -19.63 26.22
CA LYS A 368 5.78 -18.64 27.23
C LYS A 368 5.14 -19.30 28.46
N THR A 369 4.31 -20.32 28.21
CA THR A 369 3.57 -21.06 29.22
C THR A 369 4.54 -21.90 30.06
N ALA A 370 5.47 -22.59 29.39
CA ALA A 370 6.48 -23.44 30.01
C ALA A 370 7.47 -22.65 30.85
N ILE A 371 7.85 -21.46 30.37
CA ILE A 371 8.78 -20.57 31.07
C ILE A 371 8.14 -19.95 32.32
N ALA A 372 6.81 -19.77 32.32
CA ALA A 372 6.10 -19.28 33.50
C ALA A 372 6.25 -20.30 34.65
N LYS A 373 6.23 -21.61 34.31
CA LYS A 373 6.37 -22.73 35.24
C LYS A 373 7.78 -22.78 35.87
N LEU A 374 8.84 -22.58 35.08
CA LEU A 374 10.21 -22.63 35.59
C LEU A 374 10.59 -21.44 36.49
N LEU A 375 9.73 -20.40 36.56
CA LEU A 375 9.93 -19.27 37.47
C LEU A 375 9.37 -19.52 38.90
N THR A 376 9.15 -20.80 39.24
CA THR A 376 8.70 -21.36 40.51
C THR A 376 9.65 -22.55 40.80
N LEU A 377 9.84 -23.43 39.78
CA LEU A 377 10.72 -24.59 39.80
C LEU A 377 12.21 -24.22 40.01
N SER A 378 13.07 -25.24 40.20
CA SER A 378 14.48 -25.02 40.44
C SER A 378 15.39 -25.93 39.57
N PRO A 379 16.63 -25.51 39.28
CA PRO A 379 17.51 -26.35 38.44
C PRO A 379 18.32 -27.35 39.28
N LYS A 380 19.15 -28.21 38.62
CA LYS A 380 19.96 -29.19 39.33
C LYS A 380 20.84 -28.52 40.41
N ASP A 381 21.88 -27.71 40.05
CA ASP A 381 22.68 -27.02 41.06
C ASP A 381 21.81 -25.92 41.68
N LYS A 382 21.18 -26.18 42.84
CA LYS A 382 20.32 -25.20 43.53
C LYS A 382 21.05 -23.89 43.87
N ARG A 383 22.40 -23.84 43.74
CA ARG A 383 23.24 -22.66 43.93
C ARG A 383 23.10 -21.71 42.73
N LYS A 384 22.94 -22.29 41.51
CA LYS A 384 22.73 -21.56 40.26
C LYS A 384 21.31 -20.99 40.13
N ALA A 385 20.37 -21.35 41.01
CA ALA A 385 18.96 -20.94 40.95
C ALA A 385 18.69 -19.41 40.89
N PRO A 386 19.39 -18.52 41.63
CA PRO A 386 19.07 -17.07 41.50
C PRO A 386 19.47 -16.44 40.14
N LEU A 387 20.49 -17.03 39.49
CA LEU A 387 21.01 -16.67 38.17
C LEU A 387 20.14 -17.29 37.09
N ALA A 388 19.67 -18.54 37.32
CA ALA A 388 18.74 -19.27 36.45
C ALA A 388 17.42 -18.56 36.44
N LYS A 389 16.97 -18.03 37.60
CA LYS A 389 15.74 -17.26 37.72
C LYS A 389 15.89 -15.98 36.88
N ALA A 390 17.01 -15.27 37.07
CA ALA A 390 17.34 -14.06 36.34
C ALA A 390 17.38 -14.34 34.84
N PHE A 391 17.94 -15.50 34.45
CA PHE A 391 18.04 -15.92 33.06
C PHE A 391 16.69 -16.13 32.42
N LEU A 392 15.75 -16.77 33.13
CA LEU A 392 14.41 -17.00 32.58
C LEU A 392 13.63 -15.70 32.53
N GLU A 393 13.79 -14.85 33.56
CA GLU A 393 13.16 -13.54 33.63
C GLU A 393 13.62 -12.66 32.46
N ALA A 394 14.90 -12.79 32.06
CA ALA A 394 15.44 -12.07 30.91
C ALA A 394 14.75 -12.54 29.63
N LYS A 395 14.50 -13.85 29.53
CA LYS A 395 13.83 -14.43 28.39
C LYS A 395 12.39 -13.93 28.30
N GLN A 396 11.71 -13.80 29.46
CA GLN A 396 10.34 -13.30 29.57
C GLN A 396 10.24 -11.86 29.07
N ALA A 397 11.15 -10.99 29.57
CA ALA A 397 11.26 -9.59 29.22
C ALA A 397 11.58 -9.44 27.72
N HIS A 398 12.44 -10.32 27.20
CA HIS A 398 12.84 -10.38 25.80
C HIS A 398 11.63 -10.64 24.92
N GLU A 399 10.81 -11.64 25.26
CA GLU A 399 9.61 -11.91 24.48
C GLU A 399 8.53 -10.87 24.70
N GLY A 400 8.48 -10.27 25.89
CA GLY A 400 7.54 -9.21 26.23
C GLY A 400 7.75 -8.02 25.33
N LEU A 401 9.01 -7.50 25.27
CA LEU A 401 9.45 -6.38 24.45
C LEU A 401 9.26 -6.70 22.97
N LYS A 402 9.61 -7.95 22.57
CA LYS A 402 9.48 -8.41 21.19
C LYS A 402 8.02 -8.43 20.71
N LYS A 403 7.08 -8.70 21.63
CA LYS A 403 5.67 -8.70 21.28
C LYS A 403 5.12 -7.29 21.09
N LEU A 404 5.63 -6.30 21.84
CA LEU A 404 5.22 -4.92 21.68
C LEU A 404 5.50 -4.43 20.27
N LEU A 405 6.66 -4.84 19.69
CA LEU A 405 7.05 -4.46 18.33
C LEU A 405 6.08 -5.04 17.27
N SER A 406 5.83 -6.36 17.36
CA SER A 406 4.99 -7.10 16.42
C SER A 406 3.48 -6.82 16.56
N THR A 407 3.08 -6.05 17.57
CA THR A 407 1.69 -5.74 17.77
C THR A 407 1.44 -4.29 17.55
N TYR A 408 2.34 -3.38 18.00
CA TYR A 408 2.09 -1.95 17.82
C TYR A 408 3.31 -1.05 17.76
N THR A 409 3.92 -1.04 16.59
CA THR A 409 4.98 -0.18 16.09
C THR A 409 4.89 -0.37 14.58
N ASP A 410 4.93 -1.64 14.12
CA ASP A 410 4.84 -1.93 12.71
C ASP A 410 3.43 -2.31 12.37
N SER A 411 2.76 -3.16 13.19
CA SER A 411 1.36 -3.51 12.87
C SER A 411 0.35 -2.33 13.11
N ILE A 412 0.86 -1.18 13.70
CA ILE A 412 0.17 0.10 14.02
C ILE A 412 0.49 1.18 12.97
N LEU A 413 1.63 1.06 12.31
CA LEU A 413 2.14 1.99 11.30
C LEU A 413 1.69 1.59 9.92
N GLU A 414 1.50 0.26 9.69
CA GLU A 414 1.02 -0.32 8.43
C GLU A 414 -0.33 0.29 8.09
N GLU A 415 -1.21 0.27 9.11
CA GLU A 415 -2.60 0.63 9.05
C GLU A 415 -2.90 2.16 8.97
N VAL A 416 -1.96 3.03 9.32
CA VAL A 416 -2.18 4.47 9.25
C VAL A 416 -2.54 4.94 7.83
N ASP A 417 -3.66 5.69 7.69
CA ASP A 417 -4.18 6.20 6.41
C ASP A 417 -3.23 7.26 5.77
N PRO A 418 -3.34 7.60 4.47
CA PRO A 418 -2.38 8.56 3.87
C PRO A 418 -2.16 9.84 4.67
N GLN A 419 -3.26 10.42 5.21
CA GLN A 419 -3.23 11.63 6.01
C GLN A 419 -2.90 11.37 7.49
N GLY A 420 -2.10 10.33 7.74
CA GLY A 420 -1.56 9.99 9.04
C GLY A 420 -2.47 9.75 10.22
N ARG A 421 -3.72 9.39 9.99
CA ARG A 421 -4.66 9.08 11.08
C ARG A 421 -4.77 7.58 11.28
N LEU A 422 -5.04 7.14 12.52
CA LEU A 422 -5.24 5.73 12.82
C LEU A 422 -6.69 5.54 13.17
N HIS A 423 -7.38 4.68 12.40
CA HIS A 423 -8.79 4.46 12.62
C HIS A 423 -9.09 3.21 13.46
N THR A 424 -9.06 3.36 14.82
CA THR A 424 -9.31 2.28 15.78
C THR A 424 -10.73 1.83 15.67
N ASN A 425 -10.94 0.52 15.55
CA ASN A 425 -12.29 -0.01 15.48
C ASN A 425 -12.81 -0.25 16.87
N PHE A 426 -14.14 -0.02 17.03
CA PHE A 426 -14.82 -0.31 18.29
C PHE A 426 -15.97 -1.22 17.96
N ASN A 427 -16.08 -2.34 18.69
CA ASN A 427 -17.21 -3.24 18.52
C ASN A 427 -18.14 -3.05 19.71
N THR A 428 -19.22 -2.26 19.53
CA THR A 428 -20.24 -1.91 20.53
C THR A 428 -20.83 -3.15 21.25
N VAL A 429 -20.92 -4.29 20.55
CA VAL A 429 -21.45 -5.54 21.09
C VAL A 429 -20.36 -6.59 21.14
N GLY A 430 -19.17 -6.18 21.55
CA GLY A 430 -18.00 -7.04 21.54
C GLY A 430 -17.69 -7.82 22.79
N THR A 431 -18.60 -7.79 23.79
CA THR A 431 -18.43 -8.54 25.04
C THR A 431 -19.77 -9.02 25.50
N VAL A 432 -19.82 -10.16 26.15
CA VAL A 432 -21.05 -10.67 26.72
C VAL A 432 -21.53 -9.81 27.89
N SER A 433 -20.64 -9.07 28.56
CA SER A 433 -21.04 -8.18 29.65
C SER A 433 -21.75 -6.97 29.11
N GLY A 434 -21.25 -6.45 28.01
CA GLY A 434 -21.81 -5.28 27.37
C GLY A 434 -20.76 -4.21 27.11
N ARG A 435 -19.49 -4.47 27.51
CA ARG A 435 -18.42 -3.53 27.27
C ARG A 435 -18.16 -3.48 25.77
N MET A 436 -17.47 -2.45 25.33
CA MET A 436 -17.09 -2.34 23.96
C MET A 436 -15.78 -3.06 23.74
N SER A 437 -15.70 -3.78 22.64
CA SER A 437 -14.46 -4.39 22.24
C SER A 437 -13.75 -3.23 21.51
N SER A 438 -12.45 -3.38 21.34
CA SER A 438 -11.61 -2.40 20.68
C SER A 438 -10.58 -3.21 19.81
N SER A 439 -10.16 -2.68 18.66
CA SER A 439 -9.17 -3.38 17.82
C SER A 439 -8.41 -2.41 16.91
N ASN A 440 -7.33 -2.89 16.29
CA ASN A 440 -6.51 -2.11 15.33
C ASN A 440 -6.34 -0.62 15.68
N PRO A 441 -5.92 -0.24 16.94
CA PRO A 441 -5.40 -1.06 18.07
C PRO A 441 -6.33 -1.48 19.23
N ASN A 442 -6.09 -2.69 19.89
CA ASN A 442 -6.86 -3.02 21.09
C ASN A 442 -6.36 -2.13 22.21
N LEU A 443 -7.11 -1.09 22.49
CA LEU A 443 -6.77 -0.10 23.48
C LEU A 443 -6.62 -0.66 24.89
N GLN A 444 -7.24 -1.81 25.17
CA GLN A 444 -7.11 -2.45 26.46
C GLN A 444 -5.68 -2.97 26.64
N ASN A 445 -5.14 -3.57 25.58
CA ASN A 445 -3.81 -4.13 25.60
C ASN A 445 -2.71 -3.14 25.30
N LEU A 446 -2.96 -1.86 25.47
CA LEU A 446 -1.94 -0.84 25.33
C LEU A 446 -1.52 -0.56 26.75
N PRO A 447 -0.24 -0.78 27.08
CA PRO A 447 0.19 -0.55 28.46
C PRO A 447 0.16 0.89 28.87
N ARG A 448 -0.77 1.22 29.79
CA ARG A 448 -0.77 2.52 30.47
C ARG A 448 0.13 2.11 31.64
N LEU A 449 1.30 2.70 31.68
CA LEU A 449 2.37 2.37 32.58
C LEU A 449 2.06 2.75 34.01
N LEU A 450 1.21 1.95 34.66
CA LEU A 450 0.81 2.13 36.06
C LEU A 450 1.96 1.70 36.94
N PRO A 451 2.20 2.37 38.09
CA PRO A 451 3.29 1.95 38.97
C PRO A 451 3.39 0.44 39.29
N GLU A 452 2.27 -0.25 39.38
CA GLU A 452 2.26 -1.68 39.69
C GLU A 452 2.56 -2.50 38.44
N GLU A 453 1.98 -2.06 37.28
CA GLU A 453 2.12 -2.64 35.93
C GLU A 453 3.63 -2.71 35.63
N VAL A 454 4.31 -1.55 35.78
CA VAL A 454 5.74 -1.40 35.55
C VAL A 454 6.55 -2.20 36.56
N ALA A 455 6.42 -1.95 37.87
CA ALA A 455 7.21 -2.68 38.86
C ALA A 455 7.06 -4.21 38.80
N GLU A 456 5.97 -4.71 38.18
CA GLU A 456 5.84 -6.15 37.99
C GLU A 456 6.77 -6.53 36.81
N LYS A 457 6.52 -5.89 35.63
CA LYS A 457 7.20 -6.04 34.33
C LYS A 457 7.91 -4.71 34.02
N PRO A 458 9.14 -4.51 34.56
CA PRO A 458 9.82 -3.20 34.44
C PRO A 458 10.37 -2.85 33.07
N TYR A 459 10.41 -3.83 32.15
CA TYR A 459 10.84 -3.59 30.78
C TYR A 459 9.86 -2.62 30.04
N LEU A 460 8.66 -2.41 30.59
CA LEU A 460 7.72 -1.48 30.00
C LEU A 460 8.07 -0.03 30.28
N GLN A 461 8.86 0.24 31.34
CA GLN A 461 9.23 1.58 31.77
C GLN A 461 9.70 2.49 30.63
N GLY A 462 8.95 3.54 30.33
CA GLY A 462 9.30 4.46 29.25
C GLY A 462 8.64 4.14 27.91
N ILE A 463 8.11 2.93 27.76
CA ILE A 463 7.42 2.53 26.54
C ILE A 463 5.94 2.97 26.60
N ASP A 464 5.72 4.27 26.43
CA ASP A 464 4.41 4.89 26.44
C ASP A 464 3.88 4.94 25.00
N ILE A 465 3.08 3.93 24.60
CA ILE A 465 2.54 3.87 23.24
C ILE A 465 1.53 4.98 22.97
N ARG A 466 0.67 5.28 23.95
CA ARG A 466 -0.37 6.33 23.82
C ARG A 466 0.20 7.76 23.61
N LYS A 467 1.50 8.01 23.94
CA LYS A 467 2.15 9.32 23.71
C LYS A 467 2.31 9.63 22.19
N ALA A 468 2.25 8.58 21.34
CA ALA A 468 2.33 8.69 19.88
C ALA A 468 0.97 8.98 19.25
N PHE A 469 -0.14 8.98 20.06
CA PHE A 469 -1.51 9.27 19.64
C PHE A 469 -1.75 10.69 19.97
N VAL A 470 -1.86 11.52 18.95
CA VAL A 470 -1.84 12.95 19.03
C VAL A 470 -3.13 13.69 18.63
N ALA A 471 -3.40 14.82 19.31
CA ALA A 471 -4.54 15.68 19.01
C ALA A 471 -4.12 16.62 17.88
N ASP A 472 -5.02 16.87 16.89
CA ASP A 472 -4.70 17.72 15.74
C ASP A 472 -4.28 19.14 16.14
N PRO A 473 -3.54 19.89 15.29
CA PRO A 473 -3.21 21.28 15.63
C PRO A 473 -4.51 22.08 15.71
N GLY A 474 -4.65 22.84 16.78
CA GLY A 474 -5.88 23.58 17.04
C GLY A 474 -6.89 22.81 17.85
N TYR A 475 -6.59 21.57 18.17
CA TYR A 475 -7.45 20.69 18.92
C TYR A 475 -6.75 20.19 20.16
N THR A 476 -7.56 19.75 21.13
CA THR A 476 -7.08 19.17 22.38
C THR A 476 -7.88 17.91 22.68
N PHE A 477 -7.34 17.09 23.56
CA PHE A 477 -8.06 15.91 24.03
C PHE A 477 -8.63 16.33 25.35
N VAL A 478 -9.93 16.17 25.52
CA VAL A 478 -10.55 16.47 26.81
C VAL A 478 -10.82 15.08 27.34
N SER A 479 -10.06 14.65 28.34
CA SER A 479 -10.15 13.31 28.91
C SER A 479 -10.82 13.36 30.27
N ALA A 480 -11.69 12.41 30.59
CA ALA A 480 -12.33 12.39 31.90
C ALA A 480 -12.43 10.96 32.43
N ASP A 481 -11.94 10.75 33.66
CA ASP A 481 -11.93 9.41 34.22
C ASP A 481 -12.78 9.30 35.44
N TYR A 482 -13.59 8.23 35.46
CA TYR A 482 -14.52 7.91 36.54
C TYR A 482 -13.69 7.53 37.75
N ALA A 483 -13.73 8.33 38.83
CA ALA A 483 -12.95 8.02 40.03
C ALA A 483 -13.37 6.69 40.70
N SER A 484 -12.39 5.72 40.82
CA SER A 484 -12.49 4.35 41.37
C SER A 484 -13.85 3.67 41.11
N MET A 485 -14.26 3.72 39.83
CA MET A 485 -15.53 3.21 39.38
C MET A 485 -15.88 1.81 39.84
N GLU A 486 -14.95 0.83 39.75
CA GLU A 486 -15.20 -0.57 40.15
C GLU A 486 -15.86 -0.68 41.55
N LEU A 487 -15.39 0.14 42.51
CA LEU A 487 -15.90 0.15 43.87
C LEU A 487 -17.27 0.80 43.96
N VAL A 488 -17.47 1.87 43.19
CA VAL A 488 -18.73 2.58 43.13
C VAL A 488 -19.81 1.65 42.58
N VAL A 489 -19.52 0.98 41.45
CA VAL A 489 -20.41 0.04 40.78
C VAL A 489 -20.70 -1.13 41.68
N CYS A 490 -19.69 -1.63 42.41
CA CYS A 490 -19.89 -2.75 43.32
C CYS A 490 -20.89 -2.40 44.42
N ALA A 491 -20.71 -1.24 45.03
CA ALA A 491 -21.63 -0.77 46.06
C ALA A 491 -23.03 -0.51 45.46
N ALA A 492 -23.10 -0.09 44.19
CA ALA A 492 -24.34 0.22 43.54
C ALA A 492 -25.17 -1.03 43.21
N VAL A 493 -24.55 -2.05 42.57
CA VAL A 493 -25.24 -3.27 42.16
C VAL A 493 -25.62 -4.13 43.35
N SER A 494 -24.69 -4.29 44.33
CA SER A 494 -24.96 -5.07 45.53
C SER A 494 -25.87 -4.36 46.49
N GLY A 495 -25.73 -3.07 46.62
CA GLY A 495 -26.56 -2.28 47.53
C GLY A 495 -26.16 -2.36 48.99
N ASP A 496 -24.84 -2.48 49.27
CA ASP A 496 -24.38 -2.49 50.66
C ASP A 496 -24.30 -1.07 51.10
N PRO A 497 -24.91 -0.75 52.24
CA PRO A 497 -24.91 0.65 52.69
C PRO A 497 -23.58 1.08 53.26
N THR A 498 -22.87 0.16 53.94
CA THR A 498 -21.55 0.44 54.52
C THR A 498 -20.58 0.84 53.40
N MET A 499 -20.60 0.09 52.30
CA MET A 499 -19.73 0.33 51.16
C MET A 499 -20.02 1.67 50.51
N ARG A 500 -21.31 1.96 50.29
CA ARG A 500 -21.79 3.20 49.68
C ARG A 500 -21.45 4.41 50.53
N ASP A 501 -21.75 4.36 51.83
CA ASP A 501 -21.53 5.48 52.72
C ASP A 501 -20.06 5.85 52.85
N LEU A 502 -19.16 4.85 52.89
CA LEU A 502 -17.73 5.14 52.95
C LEU A 502 -17.25 5.83 51.68
N LEU A 503 -17.77 5.39 50.52
CA LEU A 503 -17.45 5.92 49.20
C LEU A 503 -17.94 7.36 49.06
N ASN A 504 -19.12 7.65 49.61
CA ASN A 504 -19.66 8.99 49.58
C ASN A 504 -18.92 9.92 50.56
N GLN A 505 -18.44 9.36 51.69
CA GLN A 505 -17.64 10.08 52.69
C GLN A 505 -16.15 10.20 52.33
N GLY A 506 -15.72 9.62 51.22
CA GLY A 506 -14.33 9.68 50.80
C GLY A 506 -13.37 8.95 51.73
N ARG A 507 -13.86 7.95 52.45
CA ARG A 507 -13.01 7.19 53.37
C ARG A 507 -12.33 6.03 52.63
N ASP A 508 -11.08 5.70 53.04
CA ASP A 508 -10.27 4.63 52.44
C ASP A 508 -10.97 3.30 52.68
N LEU A 509 -11.78 2.82 51.71
CA LEU A 509 -12.52 1.56 51.84
C LEU A 509 -11.62 0.41 52.25
N HIS A 510 -10.38 0.42 51.77
CA HIS A 510 -9.34 -0.55 52.03
C HIS A 510 -8.91 -0.53 53.50
N ALA A 511 -8.75 0.67 54.08
CA ALA A 511 -8.40 0.80 55.50
C ALA A 511 -9.56 0.26 56.36
N TYR A 512 -10.82 0.49 55.94
CA TYR A 512 -11.99 -0.04 56.65
C TYR A 512 -12.02 -1.58 56.58
N THR A 513 -11.55 -2.15 55.47
CA THR A 513 -11.46 -3.60 55.28
C THR A 513 -10.33 -4.16 56.17
N ALA A 514 -9.09 -3.64 56.04
CA ALA A 514 -7.95 -4.09 56.84
C ALA A 514 -8.21 -4.00 58.35
N ARG A 515 -8.91 -2.92 58.80
CA ARG A 515 -9.29 -2.70 60.19
C ARG A 515 -10.33 -3.73 60.70
N TYR A 516 -11.06 -4.38 59.80
CA TYR A 516 -12.06 -5.37 60.14
C TYR A 516 -11.52 -6.81 59.98
N ALA A 517 -10.56 -6.99 59.07
CA ALA A 517 -9.97 -8.28 58.75
C ALA A 517 -8.84 -8.66 59.71
N PHE A 518 -8.09 -7.66 60.21
CA PHE A 518 -6.98 -7.89 61.15
C PHE A 518 -7.27 -7.39 62.57
N LYS A 519 -8.26 -6.50 62.73
CA LYS A 519 -8.70 -5.88 63.97
C LYS A 519 -7.56 -5.10 64.67
N VAL A 520 -6.67 -4.51 63.87
CA VAL A 520 -5.55 -3.71 64.34
C VAL A 520 -5.95 -2.22 64.28
N GLY A 521 -5.38 -1.40 65.15
CA GLY A 521 -5.63 0.04 65.22
C GLY A 521 -7.03 0.53 64.88
N LEU A 522 -8.02 0.19 65.71
CA LEU A 522 -9.43 0.58 65.51
C LEU A 522 -9.70 2.05 65.89
N ASP A 523 -8.67 2.90 65.79
CA ASP A 523 -8.75 4.34 66.09
C ASP A 523 -7.81 5.20 65.23
N LEU A 524 -6.94 4.55 64.41
CA LEU A 524 -6.04 5.25 63.50
C LEU A 524 -6.93 5.66 62.36
N ASP A 525 -7.07 6.97 62.08
CA ASP A 525 -7.90 7.39 60.96
C ASP A 525 -7.37 6.83 59.63
N ASP A 526 -8.20 6.82 58.57
CA ASP A 526 -7.85 6.24 57.26
C ASP A 526 -6.47 6.69 56.71
N LYS A 527 -6.04 7.91 57.10
CA LYS A 527 -4.78 8.55 56.68
C LYS A 527 -3.60 8.04 57.53
N ALA A 528 -3.83 7.79 58.82
CA ALA A 528 -2.86 7.29 59.80
C ALA A 528 -2.62 5.78 59.68
N PHE A 529 -3.69 5.05 59.36
CA PHE A 529 -3.68 3.62 59.18
C PHE A 529 -2.80 3.26 57.98
N LYS A 530 -2.91 4.03 56.87
CA LYS A 530 -2.14 3.86 55.64
C LYS A 530 -0.62 3.91 55.92
N GLU A 531 -0.21 4.81 56.83
CA GLU A 531 1.16 5.00 57.24
C GLU A 531 1.67 3.85 58.15
N GLN A 532 0.95 3.53 59.25
CA GLN A 532 1.33 2.49 60.21
C GLN A 532 1.27 1.03 59.66
N TYR A 533 0.07 0.45 59.48
CA TYR A 533 -0.13 -0.93 59.00
C TYR A 533 -0.29 -0.91 57.46
N LYS A 534 0.76 -0.43 56.78
CA LYS A 534 0.87 -0.22 55.34
C LYS A 534 0.59 -1.44 54.46
N ASP A 535 1.36 -2.52 54.58
CA ASP A 535 1.20 -3.70 53.73
C ASP A 535 -0.04 -4.55 54.04
N TYR A 536 -0.68 -4.33 55.20
CA TYR A 536 -1.92 -4.99 55.57
C TYR A 536 -3.11 -4.22 54.94
N ARG A 537 -2.96 -2.88 54.75
CA ARG A 537 -3.95 -2.05 54.06
C ARG A 537 -3.92 -2.48 52.58
N GLN A 538 -2.73 -2.71 51.99
CA GLN A 538 -2.57 -3.13 50.59
C GLN A 538 -3.04 -4.57 50.32
N LYS A 539 -3.06 -5.42 51.35
CA LYS A 539 -3.60 -6.78 51.23
C LYS A 539 -5.14 -6.68 51.16
N ALA A 540 -5.74 -5.74 51.92
CA ALA A 540 -7.18 -5.49 51.88
C ALA A 540 -7.56 -4.81 50.54
N LYS A 541 -6.68 -3.94 49.97
CA LYS A 541 -6.85 -3.28 48.64
C LYS A 541 -6.94 -4.33 47.51
N VAL A 542 -6.38 -5.51 47.72
CA VAL A 542 -6.41 -6.61 46.77
C VAL A 542 -7.76 -7.31 46.87
N VAL A 543 -8.21 -7.56 48.10
CA VAL A 543 -9.47 -8.20 48.43
C VAL A 543 -10.67 -7.36 48.00
N ASN A 544 -10.69 -6.07 48.33
CA ASN A 544 -11.83 -5.21 47.95
C ASN A 544 -12.14 -5.22 46.46
N PHE A 545 -11.10 -5.52 45.63
CA PHE A 545 -11.15 -5.57 44.18
C PHE A 545 -11.35 -6.97 43.59
N ALA A 546 -10.78 -7.99 44.21
CA ALA A 546 -10.91 -9.34 43.71
C ALA A 546 -12.10 -10.10 44.26
N LEU A 547 -12.57 -9.72 45.45
CA LEU A 547 -13.67 -10.43 46.08
C LEU A 547 -15.05 -10.12 45.50
N ILE A 548 -15.17 -9.00 44.77
CA ILE A 548 -16.44 -8.62 44.15
C ILE A 548 -16.86 -9.66 43.09
N TYR A 549 -15.88 -10.23 42.37
CA TYR A 549 -16.06 -11.22 41.32
C TYR A 549 -16.09 -12.65 41.87
N GLY A 550 -16.70 -12.81 43.03
CA GLY A 550 -16.80 -14.12 43.67
C GLY A 550 -15.50 -14.41 44.39
N GLY A 551 -15.59 -14.53 45.70
CA GLY A 551 -14.40 -14.79 46.49
C GLY A 551 -14.48 -15.96 47.46
N THR A 552 -13.40 -16.73 47.50
CA THR A 552 -13.20 -17.82 48.45
C THR A 552 -11.74 -17.77 48.91
N GLU A 553 -11.42 -18.44 50.01
CA GLU A 553 -10.05 -18.50 50.52
C GLU A 553 -9.11 -19.12 49.47
N PHE A 554 -9.63 -20.08 48.68
CA PHE A 554 -8.92 -20.75 47.59
C PHE A 554 -8.47 -19.73 46.54
N THR A 555 -9.37 -18.85 46.08
CA THR A 555 -9.03 -17.85 45.07
C THR A 555 -7.95 -16.88 45.59
N LEU A 556 -8.03 -16.50 46.87
CA LEU A 556 -7.06 -15.61 47.48
C LEU A 556 -5.67 -16.23 47.56
N ILE A 557 -5.61 -17.53 47.82
CA ILE A 557 -4.34 -18.22 47.95
C ILE A 557 -3.77 -18.69 46.59
N LYS A 558 -4.53 -19.50 45.85
CA LYS A 558 -4.09 -20.04 44.57
C LYS A 558 -3.92 -18.97 43.48
N ASN A 559 -4.00 -17.67 43.83
CA ASN A 559 -3.83 -16.61 42.86
C ASN A 559 -2.97 -15.49 43.39
N PHE A 560 -3.18 -15.06 44.64
CA PHE A 560 -2.42 -13.93 45.18
C PHE A 560 -1.27 -14.28 46.11
N GLY A 561 -1.04 -15.58 46.33
CA GLY A 561 0.04 -16.03 47.21
C GLY A 561 -0.22 -15.70 48.67
N PHE A 562 -1.49 -15.68 49.07
CA PHE A 562 -1.84 -15.37 50.45
C PHE A 562 -1.58 -16.55 51.36
N SER A 563 -1.31 -16.27 52.64
CA SER A 563 -1.14 -17.34 53.61
C SER A 563 -2.55 -17.88 53.95
N GLU A 564 -2.65 -19.14 54.38
CA GLU A 564 -3.96 -19.72 54.71
C GLU A 564 -4.64 -18.96 55.86
N GLU A 565 -3.84 -18.47 56.82
CA GLU A 565 -4.28 -17.69 57.97
C GLU A 565 -4.77 -16.31 57.51
N GLU A 566 -4.00 -15.67 56.61
CA GLU A 566 -4.30 -14.35 56.03
C GLU A 566 -5.57 -14.36 55.19
N ALA A 567 -5.73 -15.37 54.32
CA ALA A 567 -6.90 -15.47 53.47
C ALA A 567 -8.20 -15.52 54.28
N LYS A 568 -8.24 -16.33 55.35
CA LYS A 568 -9.43 -16.43 56.19
C LYS A 568 -9.67 -15.15 56.96
N GLN A 569 -8.58 -14.48 57.41
CA GLN A 569 -8.70 -13.21 58.15
C GLN A 569 -9.42 -12.16 57.29
N LEU A 570 -8.94 -12.01 56.06
CA LEU A 570 -9.45 -11.04 55.10
C LEU A 570 -10.87 -11.31 54.66
N ILE A 571 -11.16 -12.55 54.27
CA ILE A 571 -12.48 -12.89 53.74
C ILE A 571 -13.56 -12.77 54.79
N GLN A 572 -13.25 -13.08 56.06
CA GLN A 572 -14.24 -12.96 57.13
C GLN A 572 -14.51 -11.52 57.51
N GLY A 573 -13.49 -10.67 57.36
CA GLY A 573 -13.57 -9.24 57.62
C GLY A 573 -14.29 -8.48 56.52
N TYR A 574 -14.09 -8.87 55.25
CA TYR A 574 -14.75 -8.23 54.11
C TYR A 574 -16.26 -8.39 54.21
N PHE A 575 -16.71 -9.60 54.58
CA PHE A 575 -18.13 -9.87 54.72
C PHE A 575 -18.71 -9.39 56.04
N GLU A 576 -17.88 -9.25 57.08
CA GLU A 576 -18.34 -8.69 58.35
C GLU A 576 -18.58 -7.18 58.16
N ALA A 577 -17.67 -6.50 57.42
CA ALA A 577 -17.75 -5.06 57.16
C ALA A 577 -18.86 -4.71 56.18
N TYR A 578 -18.95 -5.45 55.05
CA TYR A 578 -19.95 -5.20 54.01
C TYR A 578 -20.75 -6.48 53.85
N PRO A 579 -21.77 -6.68 54.69
CA PRO A 579 -22.53 -7.94 54.65
C PRO A 579 -23.58 -8.04 53.57
N VAL A 580 -24.12 -6.90 53.08
CA VAL A 580 -25.10 -6.97 51.99
C VAL A 580 -24.47 -7.56 50.70
N VAL A 581 -23.14 -7.46 50.55
CA VAL A 581 -22.37 -8.02 49.43
C VAL A 581 -22.55 -9.54 49.42
N LYS A 582 -22.45 -10.17 50.61
CA LYS A 582 -22.60 -11.61 50.78
C LYS A 582 -24.01 -12.05 50.37
N THR A 583 -25.05 -11.45 50.95
CA THR A 583 -26.43 -11.79 50.64
C THR A 583 -26.80 -11.53 49.19
N TRP A 584 -26.20 -10.49 48.59
CA TRP A 584 -26.42 -10.16 47.18
C TRP A 584 -25.84 -11.29 46.36
N MET A 585 -24.58 -11.65 46.64
CA MET A 585 -23.91 -12.70 45.92
C MET A 585 -24.65 -14.02 46.00
N GLU A 586 -25.26 -14.32 47.16
CA GLU A 586 -26.06 -15.52 47.37
C GLU A 586 -27.22 -15.56 46.40
N GLU A 587 -27.88 -14.42 46.23
CA GLU A 587 -29.06 -14.32 45.39
C GLU A 587 -28.76 -14.31 43.91
N VAL A 588 -27.56 -13.85 43.52
CA VAL A 588 -27.19 -13.86 42.12
C VAL A 588 -26.96 -15.31 41.69
N TYR A 589 -26.15 -16.05 42.45
CA TYR A 589 -25.88 -17.46 42.17
C TYR A 589 -27.14 -18.33 42.33
N ARG A 590 -28.08 -17.92 43.18
CA ARG A 590 -29.32 -18.64 43.37
C ARG A 590 -30.23 -18.42 42.16
N GLU A 591 -30.42 -17.14 41.73
CA GLU A 591 -31.26 -16.79 40.57
C GLU A 591 -30.67 -17.33 39.25
N LEU A 592 -29.36 -17.43 39.15
CA LEU A 592 -28.71 -17.98 37.97
C LEU A 592 -28.94 -19.48 37.90
N GLU A 593 -28.87 -20.18 39.04
CA GLU A 593 -29.09 -21.64 39.08
C GLU A 593 -30.52 -22.02 38.74
N GLU A 594 -31.48 -21.12 39.04
CA GLU A 594 -32.90 -21.38 38.79
C GLU A 594 -33.41 -20.80 37.48
N LYS A 595 -33.32 -19.49 37.28
CA LYS A 595 -33.78 -18.85 36.05
C LYS A 595 -32.84 -19.03 34.85
N GLY A 596 -31.54 -19.05 35.10
CA GLY A 596 -30.55 -19.21 34.05
C GLY A 596 -30.01 -17.92 33.45
N PHE A 597 -30.38 -16.80 34.04
CA PHE A 597 -29.98 -15.48 33.61
C PHE A 597 -30.22 -14.46 34.73
N VAL A 598 -29.68 -13.27 34.58
CA VAL A 598 -29.89 -12.12 35.45
C VAL A 598 -30.25 -10.90 34.59
N GLU A 599 -30.98 -9.96 35.16
CA GLU A 599 -31.37 -8.74 34.46
C GLU A 599 -30.54 -7.58 35.11
N TYR A 600 -29.97 -6.69 34.31
CA TYR A 600 -29.12 -5.62 34.83
C TYR A 600 -29.92 -4.60 35.62
N PRO A 601 -29.39 -4.15 36.78
CA PRO A 601 -30.16 -3.26 37.64
C PRO A 601 -30.88 -2.08 37.00
N ILE A 602 -30.14 -1.16 36.36
CA ILE A 602 -30.81 0.03 35.83
C ILE A 602 -31.10 -0.11 34.35
N TYR A 603 -30.31 -0.92 33.62
CA TYR A 603 -30.45 -1.01 32.17
C TYR A 603 -31.38 -2.10 31.63
N GLY A 604 -31.48 -3.20 32.35
CA GLY A 604 -32.38 -4.28 31.93
C GLY A 604 -31.80 -5.21 30.89
N TYR A 605 -30.47 -5.17 30.70
CA TYR A 605 -29.78 -6.09 29.80
C TYR A 605 -29.89 -7.51 30.41
N ILE A 606 -30.16 -8.54 29.60
CA ILE A 606 -30.24 -9.89 30.15
C ILE A 606 -28.95 -10.62 29.86
N LYS A 607 -28.26 -11.05 30.94
CA LYS A 607 -27.03 -11.82 30.86
C LYS A 607 -27.43 -13.29 31.02
N ARG A 608 -27.50 -14.04 29.93
CA ARG A 608 -27.86 -15.44 29.97
C ARG A 608 -26.65 -16.35 30.14
N MET A 609 -26.87 -17.50 30.72
CA MET A 609 -25.82 -18.50 30.91
C MET A 609 -25.53 -19.31 29.65
N ASP A 610 -24.24 -19.48 29.31
CA ASP A 610 -23.81 -20.29 28.18
C ASP A 610 -23.78 -21.76 28.61
N LEU A 611 -24.95 -22.42 28.63
CA LEU A 611 -25.10 -23.80 29.05
C LEU A 611 -24.38 -24.77 28.15
N PRO A 612 -23.87 -25.89 28.69
CA PRO A 612 -23.28 -26.92 27.82
C PRO A 612 -24.33 -27.52 26.88
N GLN A 613 -23.89 -28.15 25.77
CA GLN A 613 -24.85 -28.69 24.79
C GLN A 613 -25.88 -29.65 25.44
N ALA A 614 -25.42 -30.44 26.42
CA ALA A 614 -26.34 -31.26 27.25
C ALA A 614 -27.02 -30.19 28.18
N LEU A 615 -28.29 -30.31 28.56
CA LEU A 615 -28.97 -29.26 29.36
C LEU A 615 -29.70 -28.29 28.42
N ARG A 616 -29.08 -27.96 27.23
CA ARG A 616 -29.79 -27.13 26.23
C ARG A 616 -31.02 -27.94 25.74
N LYS A 617 -32.25 -27.38 25.94
CA LYS A 617 -33.57 -27.98 25.59
C LYS A 617 -33.87 -29.25 26.43
N LEU A 618 -33.46 -29.23 27.70
CA LEU A 618 -33.62 -30.39 28.58
C LEU A 618 -34.30 -29.96 29.86
N PRO A 619 -35.37 -30.69 30.26
CA PRO A 619 -36.09 -30.35 31.50
C PRO A 619 -35.19 -30.24 32.71
N LYS A 620 -35.36 -29.21 33.56
CA LYS A 620 -34.50 -29.05 34.72
C LYS A 620 -34.46 -30.29 35.66
N ASP A 621 -35.50 -31.16 35.61
CA ASP A 621 -35.47 -32.38 36.42
C ASP A 621 -34.45 -33.39 35.89
N LYS A 622 -34.14 -33.32 34.60
CA LYS A 622 -33.17 -34.17 33.92
C LYS A 622 -31.72 -33.66 34.05
N TRP A 623 -31.54 -32.44 34.54
CA TRP A 623 -30.24 -31.78 34.73
C TRP A 623 -29.30 -32.44 35.74
N PRO A 624 -29.73 -32.82 36.98
CA PRO A 624 -28.82 -33.48 37.91
C PRO A 624 -28.21 -34.76 37.36
N LEU A 625 -28.94 -35.53 36.53
CA LEU A 625 -28.39 -36.74 35.94
C LEU A 625 -27.16 -36.40 35.09
N VAL A 626 -27.29 -35.34 34.29
CA VAL A 626 -26.22 -34.88 33.44
C VAL A 626 -25.06 -34.36 34.29
N LEU A 627 -25.34 -33.46 35.24
CA LEU A 627 -24.30 -32.86 36.06
C LEU A 627 -23.53 -33.87 36.90
N ASN A 628 -24.24 -34.79 37.55
CA ASN A 628 -23.64 -35.77 38.44
C ASN A 628 -22.76 -36.78 37.69
N ASN A 629 -23.07 -37.08 36.42
CA ASN A 629 -22.24 -37.97 35.62
C ASN A 629 -21.12 -37.24 34.85
N ASP A 630 -21.45 -36.31 33.93
CA ASP A 630 -20.53 -35.54 33.09
C ASP A 630 -19.79 -34.44 33.86
N PRO A 631 -18.51 -34.62 34.16
CA PRO A 631 -17.76 -33.59 34.89
C PRO A 631 -17.33 -32.42 34.02
N ASP A 632 -17.35 -32.62 32.69
CA ASP A 632 -16.99 -31.61 31.71
C ASP A 632 -18.12 -30.59 31.55
N ALA A 633 -19.35 -31.11 31.53
CA ALA A 633 -20.54 -30.30 31.40
C ALA A 633 -20.71 -29.47 32.67
N ARG A 634 -20.48 -30.08 33.87
CA ARG A 634 -20.59 -29.34 35.13
C ARG A 634 -19.50 -28.29 35.24
N LYS A 635 -18.31 -28.55 34.67
CA LYS A 635 -17.24 -27.56 34.67
C LYS A 635 -17.68 -26.36 33.81
N GLN A 636 -18.35 -26.61 32.66
CA GLN A 636 -18.86 -25.55 31.79
C GLN A 636 -19.98 -24.75 32.50
N TYR A 637 -20.88 -25.48 33.16
CA TYR A 637 -22.00 -24.94 33.91
C TYR A 637 -21.52 -23.98 35.02
N TYR A 638 -20.58 -24.44 35.85
CA TYR A 638 -20.06 -23.63 36.95
C TYR A 638 -19.19 -22.45 36.49
N ALA A 639 -18.57 -22.58 35.30
CA ALA A 639 -17.79 -21.49 34.75
C ALA A 639 -18.75 -20.43 34.19
N SER A 640 -19.82 -20.89 33.52
CA SER A 640 -20.88 -20.07 32.95
C SER A 640 -21.61 -19.27 34.07
N LEU A 641 -21.78 -19.90 35.24
CA LEU A 641 -22.42 -19.31 36.40
C LEU A 641 -21.55 -18.21 36.96
N ARG A 642 -20.24 -18.42 37.08
CA ARG A 642 -19.32 -17.37 37.59
C ARG A 642 -19.21 -16.23 36.58
N SER A 643 -19.20 -16.56 35.28
CA SER A 643 -19.09 -15.56 34.23
C SER A 643 -20.24 -14.60 34.22
N CYS A 644 -21.45 -15.09 34.50
CA CYS A 644 -22.62 -14.24 34.57
C CYS A 644 -22.52 -13.33 35.77
N GLN A 645 -22.15 -13.87 36.94
CA GLN A 645 -22.00 -13.03 38.14
C GLN A 645 -20.97 -11.88 37.92
N ASN A 646 -19.83 -12.18 37.28
CA ASN A 646 -18.78 -11.19 37.00
C ASN A 646 -19.28 -10.09 36.06
N ALA A 647 -20.03 -10.52 35.02
CA ALA A 647 -20.63 -9.63 34.03
C ALA A 647 -21.66 -8.68 34.62
N LEU A 648 -22.19 -9.00 35.80
CA LEU A 648 -23.15 -8.12 36.45
C LEU A 648 -22.49 -6.80 36.87
N ILE A 649 -21.19 -6.84 37.22
CA ILE A 649 -20.43 -5.67 37.62
C ILE A 649 -19.85 -4.96 36.42
N GLN A 650 -19.12 -5.68 35.56
CA GLN A 650 -18.48 -5.07 34.40
C GLN A 650 -19.48 -4.57 33.42
N GLY A 651 -20.56 -5.31 33.25
CA GLY A 651 -21.63 -4.99 32.33
C GLY A 651 -22.40 -3.79 32.81
N PHE A 652 -22.63 -3.67 34.12
CA PHE A 652 -23.33 -2.51 34.66
C PHE A 652 -22.55 -1.23 34.35
N SER A 653 -21.26 -1.19 34.72
CA SER A 653 -20.43 -0.01 34.44
C SER A 653 -20.29 0.20 32.95
N ALA A 654 -20.32 -0.88 32.14
CA ALA A 654 -20.22 -0.74 30.69
C ALA A 654 -21.37 0.11 30.16
N PHE A 655 -22.58 -0.17 30.64
CA PHE A 655 -23.75 0.57 30.22
C PHE A 655 -23.78 1.96 30.80
N VAL A 656 -23.23 2.17 31.99
CA VAL A 656 -23.15 3.50 32.61
C VAL A 656 -22.28 4.41 31.71
N VAL A 657 -21.10 3.88 31.29
CA VAL A 657 -20.18 4.58 30.40
C VAL A 657 -20.83 4.83 29.04
N LYS A 658 -21.48 3.82 28.46
CA LYS A 658 -22.20 3.91 27.19
C LYS A 658 -23.24 5.02 27.25
N ASP A 659 -24.06 5.04 28.32
CA ASP A 659 -25.10 6.03 28.56
C ASP A 659 -24.47 7.42 28.58
N ALA A 660 -23.39 7.61 29.34
CA ALA A 660 -22.71 8.90 29.41
C ALA A 660 -22.18 9.38 28.06
N ILE A 661 -21.64 8.47 27.24
CA ILE A 661 -21.10 8.79 25.91
C ILE A 661 -22.17 9.34 24.97
N VAL A 662 -23.32 8.67 24.89
CA VAL A 662 -24.40 9.14 24.01
C VAL A 662 -24.93 10.47 24.54
N GLN A 663 -25.08 10.62 25.86
CA GLN A 663 -25.64 11.84 26.43
C GLN A 663 -24.73 13.06 26.26
N MET A 664 -23.42 12.88 26.42
CA MET A 664 -22.49 14.01 26.27
C MET A 664 -22.34 14.37 24.79
N GLN A 665 -22.28 13.36 23.91
CA GLN A 665 -22.17 13.54 22.47
C GLN A 665 -23.39 14.27 21.91
N ARG A 666 -24.59 13.95 22.43
CA ARG A 666 -25.83 14.62 22.02
C ARG A 666 -25.75 16.13 22.37
N ALA A 667 -25.14 16.47 23.50
CA ALA A 667 -25.00 17.84 23.96
C ALA A 667 -23.95 18.65 23.19
N PHE A 668 -22.90 17.98 22.68
CA PHE A 668 -21.90 18.65 21.84
C PHE A 668 -22.58 19.05 20.53
N GLU A 669 -23.38 18.11 19.97
CA GLU A 669 -24.15 18.27 18.74
C GLU A 669 -25.17 19.39 18.95
N ALA A 670 -25.86 19.38 20.10
CA ALA A 670 -26.85 20.40 20.42
C ALA A 670 -26.21 21.80 20.53
N GLU A 671 -25.10 21.94 21.28
CA GLU A 671 -24.47 23.26 21.46
C GLU A 671 -23.62 23.75 20.27
N GLY A 672 -23.61 22.99 19.18
CA GLY A 672 -22.86 23.32 17.99
C GLY A 672 -21.35 23.22 18.12
N LEU A 673 -20.89 22.44 19.11
CA LEU A 673 -19.47 22.30 19.41
C LEU A 673 -18.73 21.42 18.42
N ASP A 674 -17.39 21.60 18.31
CA ASP A 674 -16.52 20.80 17.44
C ASP A 674 -15.88 19.71 18.31
N ALA A 675 -16.73 18.95 18.98
CA ALA A 675 -16.28 17.89 19.83
C ALA A 675 -16.92 16.58 19.45
N GLN A 676 -16.15 15.51 19.60
CA GLN A 676 -16.63 14.19 19.26
C GLN A 676 -15.86 13.18 20.11
N VAL A 677 -16.57 12.23 20.75
CA VAL A 677 -15.92 11.20 21.57
C VAL A 677 -15.02 10.38 20.62
N ILE A 678 -13.68 10.53 20.78
CA ILE A 678 -12.70 9.91 19.90
C ILE A 678 -12.33 8.50 20.36
N ILE A 679 -12.13 8.26 21.68
CA ILE A 679 -11.85 6.91 22.24
C ILE A 679 -12.49 6.73 23.65
N GLN A 680 -12.65 5.47 24.08
CA GLN A 680 -13.06 5.10 25.43
C GLN A 680 -12.39 3.74 25.74
N VAL A 681 -11.65 3.67 26.87
CA VAL A 681 -10.98 2.48 27.42
C VAL A 681 -11.07 2.53 28.93
N HIS A 682 -11.12 1.36 29.56
CA HIS A 682 -11.18 1.20 31.00
C HIS A 682 -12.32 2.09 31.62
N ASP A 683 -12.02 2.87 32.66
CA ASP A 683 -13.00 3.79 33.21
C ASP A 683 -12.58 5.21 32.72
N GLU A 684 -12.68 5.42 31.38
CA GLU A 684 -12.23 6.66 30.77
C GLU A 684 -12.90 6.98 29.44
N ILE A 685 -13.27 8.28 29.22
CA ILE A 685 -13.89 8.77 27.99
C ILE A 685 -13.06 9.94 27.45
N VAL A 686 -12.55 9.83 26.21
CA VAL A 686 -11.76 10.90 25.60
C VAL A 686 -12.48 11.55 24.41
N VAL A 687 -12.56 12.88 24.42
CA VAL A 687 -13.19 13.61 23.34
C VAL A 687 -12.14 14.44 22.57
N LEU A 688 -12.27 14.51 21.24
CA LEU A 688 -11.38 15.35 20.44
C LEU A 688 -12.18 16.61 20.20
N ALA A 689 -11.70 17.72 20.80
CA ALA A 689 -12.38 19.01 20.79
C ALA A 689 -11.55 20.17 20.26
N LYS A 690 -12.18 21.13 19.57
CA LYS A 690 -11.52 22.34 19.10
C LYS A 690 -11.11 23.16 20.33
N GLU A 691 -9.90 23.70 20.35
CA GLU A 691 -9.35 24.43 21.48
C GLU A 691 -10.29 25.43 22.24
N GLU A 692 -11.17 26.14 21.52
CA GLU A 692 -12.13 27.09 22.12
C GLU A 692 -13.31 26.38 22.82
N HIS A 693 -13.73 25.29 22.21
CA HIS A 693 -14.81 24.45 22.66
C HIS A 693 -14.43 23.55 23.84
N ALA A 694 -13.12 23.26 24.02
CA ALA A 694 -12.62 22.40 25.09
C ALA A 694 -13.13 22.80 26.46
N GLU A 695 -13.21 24.12 26.71
CA GLU A 695 -13.71 24.70 27.94
C GLU A 695 -15.07 24.09 28.36
N ARG A 696 -16.09 24.27 27.49
CA ARG A 696 -17.45 23.81 27.65
C ARG A 696 -17.56 22.31 27.50
N VAL A 697 -16.78 21.72 26.58
CA VAL A 697 -16.74 20.27 26.34
C VAL A 697 -16.45 19.51 27.63
N ALA A 698 -15.49 20.01 28.42
CA ALA A 698 -15.13 19.44 29.72
C ALA A 698 -16.24 19.57 30.72
N GLN A 699 -16.99 20.69 30.67
CA GLN A 699 -18.10 20.93 31.56
C GLN A 699 -19.18 19.93 31.32
N ILE A 700 -19.57 19.76 30.01
CA ILE A 700 -20.62 18.84 29.54
C ILE A 700 -20.25 17.40 29.89
N MET A 701 -18.99 17.05 29.66
CA MET A 701 -18.44 15.75 29.98
C MET A 701 -18.68 15.38 31.46
N VAL A 702 -18.30 16.28 32.39
CA VAL A 702 -18.49 16.04 33.81
C VAL A 702 -19.97 16.00 34.18
N GLU A 703 -20.82 16.83 33.57
CA GLU A 703 -22.24 16.84 33.89
C GLU A 703 -22.95 15.54 33.46
N LYS A 704 -22.61 15.04 32.26
CA LYS A 704 -23.20 13.80 31.76
C LYS A 704 -22.59 12.58 32.46
N MET A 705 -21.30 12.63 32.83
CA MET A 705 -20.62 11.53 33.50
C MET A 705 -20.98 11.35 34.97
N GLU A 706 -20.94 12.42 35.78
CA GLU A 706 -21.27 12.32 37.19
C GLU A 706 -22.75 12.11 37.44
N ARG A 707 -23.08 11.07 38.22
CA ARG A 707 -24.43 10.73 38.61
C ARG A 707 -24.47 10.08 40.03
N GLU A 708 -25.59 9.40 40.43
CA GLU A 708 -25.76 8.83 41.77
C GLU A 708 -26.59 7.56 41.68
N VAL A 709 -25.90 6.51 41.22
CA VAL A 709 -26.40 5.16 40.96
C VAL A 709 -26.75 4.47 42.26
N ASN A 710 -28.04 4.19 42.50
CA ASN A 710 -28.48 3.51 43.72
C ASN A 710 -28.01 4.24 44.99
N GLY A 711 -27.92 5.58 44.93
CA GLY A 711 -27.45 6.35 46.07
C GLY A 711 -25.93 6.44 46.21
N VAL A 712 -25.19 5.63 45.44
CA VAL A 712 -23.71 5.67 45.41
C VAL A 712 -23.33 6.80 44.43
N LEU A 713 -22.48 7.74 44.85
CA LEU A 713 -22.12 8.86 43.99
C LEU A 713 -20.98 8.61 43.01
N LEU A 714 -21.21 8.89 41.72
CA LEU A 714 -20.20 8.79 40.66
C LEU A 714 -19.63 10.17 40.42
N LYS A 715 -18.32 10.30 40.51
CA LYS A 715 -17.66 11.56 40.21
C LYS A 715 -16.59 11.31 39.14
N ALA A 716 -16.16 12.38 38.43
CA ALA A 716 -15.18 12.25 37.34
C ALA A 716 -14.37 13.50 37.16
N GLU A 717 -13.03 13.41 37.16
CA GLU A 717 -12.19 14.60 36.97
C GLU A 717 -11.64 14.69 35.53
N PRO A 718 -11.76 15.87 34.93
CA PRO A 718 -11.32 16.09 33.56
C PRO A 718 -9.89 16.65 33.43
N GLU A 719 -9.32 16.45 32.25
CA GLU A 719 -7.97 16.85 31.91
C GLU A 719 -7.87 17.28 30.47
N PHE A 720 -7.02 18.26 30.20
CA PHE A 720 -6.76 18.67 28.83
C PHE A 720 -5.40 18.13 28.44
N LYS A 721 -5.40 17.06 27.66
CA LYS A 721 -4.17 16.40 27.19
C LYS A 721 -3.95 16.76 25.71
N ARG A 722 -2.74 16.59 25.21
CA ARG A 722 -2.46 16.76 23.78
C ARG A 722 -2.17 15.41 23.11
N THR A 723 -2.01 14.34 23.91
CA THR A 723 -1.81 12.95 23.53
C THR A 723 -2.69 12.04 24.41
N LEU A 724 -3.04 10.85 23.92
CA LEU A 724 -3.82 9.91 24.73
C LEU A 724 -3.02 9.37 25.94
N SER A 725 -1.78 9.86 26.16
CA SER A 725 -0.81 9.40 27.15
C SER A 725 -1.20 9.59 28.64
N LYS A 726 -0.47 8.91 29.54
CA LYS A 726 -0.65 8.98 30.99
C LYS A 726 0.59 9.47 31.84
N ARG B 2 35.34 14.26 -49.81
CA ARG B 2 33.88 14.10 -49.79
C ARG B 2 33.20 14.98 -50.84
N SER B 3 32.23 14.42 -51.58
CA SER B 3 31.52 15.15 -52.62
C SER B 3 30.10 15.48 -52.15
N TYR B 4 29.83 16.78 -52.04
CA TYR B 4 28.55 17.28 -51.56
C TYR B 4 27.73 17.77 -52.73
N HIS B 5 26.54 17.19 -52.93
CA HIS B 5 25.69 17.61 -54.04
C HIS B 5 24.39 18.22 -53.57
N VAL B 6 24.06 19.43 -54.04
CA VAL B 6 22.75 20.02 -53.78
C VAL B 6 21.95 19.68 -55.04
N VAL B 7 20.91 18.89 -54.89
CA VAL B 7 20.10 18.46 -56.02
C VAL B 7 19.17 19.56 -56.52
N THR B 8 19.13 19.76 -57.85
CA THR B 8 18.25 20.68 -58.56
C THR B 8 17.37 19.85 -59.52
N ASN B 9 16.38 20.48 -60.22
CA ASN B 9 15.56 19.74 -61.20
C ASN B 9 16.46 19.14 -62.30
N ASP B 10 17.53 19.85 -62.65
CA ASP B 10 18.49 19.39 -63.65
C ASP B 10 19.36 18.25 -63.13
N THR B 11 19.80 18.32 -61.86
CA THR B 11 20.66 17.31 -61.23
C THR B 11 19.91 16.07 -60.77
N LEU B 12 18.57 16.14 -60.61
CA LEU B 12 17.77 15.03 -60.08
C LEU B 12 18.00 13.68 -60.80
N PRO B 13 17.97 13.59 -62.16
CA PRO B 13 18.22 12.30 -62.80
C PRO B 13 19.58 11.66 -62.51
N SER B 14 20.61 12.49 -62.27
CA SER B 14 21.94 11.96 -61.93
C SER B 14 21.95 11.46 -60.48
N ALA B 15 21.25 12.15 -59.56
CA ALA B 15 21.13 11.72 -58.18
C ALA B 15 20.39 10.40 -58.13
N LEU B 16 19.31 10.24 -58.92
CA LEU B 16 18.57 8.97 -58.98
C LEU B 16 19.43 7.83 -59.49
N ASP B 17 20.29 8.12 -60.47
CA ASP B 17 21.19 7.14 -61.03
C ASP B 17 22.23 6.69 -59.97
N ALA B 18 22.75 7.64 -59.17
CA ALA B 18 23.74 7.33 -58.14
C ALA B 18 23.14 6.49 -57.04
N ILE B 19 21.89 6.77 -56.66
CA ILE B 19 21.18 6.04 -55.61
C ILE B 19 20.92 4.61 -56.09
N ALA B 20 20.43 4.48 -57.32
CA ALA B 20 20.16 3.17 -57.91
C ALA B 20 21.42 2.29 -57.96
N GLN B 21 22.57 2.91 -58.17
CA GLN B 21 23.84 2.18 -58.26
C GLN B 21 24.50 1.91 -56.92
N ALA B 22 24.11 2.65 -55.86
CA ALA B 22 24.68 2.53 -54.50
C ALA B 22 24.42 1.19 -53.84
N PRO B 23 25.44 0.63 -53.15
CA PRO B 23 25.26 -0.69 -52.54
C PRO B 23 24.42 -0.71 -51.27
N ARG B 24 24.40 0.42 -50.55
CA ARG B 24 23.71 0.68 -49.30
C ARG B 24 23.66 2.21 -49.18
N VAL B 25 22.53 2.74 -48.74
CA VAL B 25 22.34 4.18 -48.65
C VAL B 25 21.98 4.61 -47.23
N ALA B 26 22.25 5.87 -46.90
CA ALA B 26 21.89 6.38 -45.59
C ALA B 26 20.89 7.51 -45.75
N LEU B 27 19.87 7.54 -44.89
CA LEU B 27 18.84 8.57 -44.92
C LEU B 27 18.85 9.39 -43.66
N ASP B 28 18.77 10.70 -43.82
CA ASP B 28 18.72 11.63 -42.71
C ASP B 28 17.76 12.75 -43.08
N THR B 29 16.94 13.17 -42.14
CA THR B 29 15.99 14.25 -42.39
C THR B 29 16.34 15.49 -41.60
N GLU B 30 16.08 16.64 -42.20
CA GLU B 30 16.27 17.93 -41.55
C GLU B 30 14.88 18.56 -41.46
N THR B 31 14.43 18.91 -40.25
CA THR B 31 13.07 19.37 -40.03
C THR B 31 12.96 20.65 -39.15
N TYR B 32 11.75 21.27 -39.11
CA TYR B 32 11.43 22.43 -38.27
C TYR B 32 10.01 22.30 -37.66
N GLY B 33 9.91 22.77 -36.43
CA GLY B 33 8.67 22.87 -35.66
C GLY B 33 8.87 23.62 -34.36
N SER B 34 7.76 24.06 -33.73
CA SER B 34 7.78 24.71 -32.42
C SER B 34 8.36 23.71 -31.41
N ASN B 35 7.86 22.45 -31.46
CA ASN B 35 8.40 21.31 -30.75
C ASN B 35 8.92 20.47 -31.91
N PRO B 36 10.25 20.52 -32.11
CA PRO B 36 10.85 19.80 -33.24
C PRO B 36 10.86 18.28 -33.12
N PHE B 37 10.05 17.75 -32.22
CA PHE B 37 9.95 16.34 -31.88
C PHE B 37 8.51 15.86 -32.04
N ASN B 38 7.54 16.73 -31.80
CA ASN B 38 6.14 16.42 -31.99
C ASN B 38 5.87 16.63 -33.44
N LEU B 39 6.14 15.60 -34.22
CA LEU B 39 5.94 15.54 -35.67
C LEU B 39 4.46 15.72 -36.07
N TYR B 40 3.56 15.56 -35.10
CA TYR B 40 2.13 15.56 -35.27
C TYR B 40 1.45 16.93 -35.01
N LEU B 41 2.24 17.98 -34.76
CA LEU B 41 1.70 19.33 -34.60
C LEU B 41 1.53 19.94 -35.99
N PRO B 42 0.47 20.71 -36.22
CA PRO B 42 0.25 21.29 -37.56
C PRO B 42 1.37 22.20 -38.10
N ASP B 43 2.26 22.71 -37.23
CA ASP B 43 3.37 23.56 -37.67
C ASP B 43 4.59 22.79 -38.17
N PHE B 44 4.68 21.49 -37.85
CA PHE B 44 5.83 20.67 -38.23
C PHE B 44 5.99 20.58 -39.74
N ARG B 45 7.23 20.71 -40.24
CA ARG B 45 7.54 20.63 -41.67
C ARG B 45 8.89 19.96 -41.93
N LEU B 46 9.02 19.30 -43.09
CA LEU B 46 10.30 18.72 -43.51
C LEU B 46 11.02 19.83 -44.28
N VAL B 47 12.28 20.13 -43.93
CA VAL B 47 13.07 21.18 -44.56
C VAL B 47 13.92 20.62 -45.72
N GLY B 48 14.54 19.47 -45.50
CA GLY B 48 15.39 18.84 -46.52
C GLY B 48 15.70 17.39 -46.22
N VAL B 49 16.13 16.65 -47.24
CA VAL B 49 16.47 15.24 -47.09
C VAL B 49 17.89 14.97 -47.55
N ALA B 50 18.70 14.32 -46.70
CA ALA B 50 20.08 13.98 -47.03
C ALA B 50 20.12 12.49 -47.36
N ILE B 51 20.67 12.13 -48.53
CA ILE B 51 20.79 10.75 -48.96
C ILE B 51 22.25 10.47 -49.32
N ALA B 52 22.97 9.67 -48.51
CA ALA B 52 24.37 9.37 -48.81
C ALA B 52 24.47 8.07 -49.57
N THR B 53 25.08 8.09 -50.75
CA THR B 53 25.26 6.88 -51.58
C THR B 53 26.57 6.11 -51.26
N SER B 54 27.52 6.78 -50.60
CA SER B 54 28.79 6.22 -50.15
C SER B 54 29.27 7.05 -48.95
N PRO B 55 30.26 6.57 -48.15
CA PRO B 55 30.75 7.42 -47.03
C PRO B 55 31.44 8.71 -47.51
N THR B 56 31.57 8.91 -48.84
CA THR B 56 32.20 10.10 -49.42
C THR B 56 31.33 10.81 -50.47
N GLU B 57 30.06 10.43 -50.62
CA GLU B 57 29.19 11.06 -51.61
C GLU B 57 27.76 11.15 -51.10
N ALA B 58 27.17 12.36 -51.14
CA ALA B 58 25.80 12.51 -50.68
C ALA B 58 25.01 13.54 -51.51
N TRP B 59 23.66 13.47 -51.44
CA TRP B 59 22.75 14.29 -52.22
C TRP B 59 21.72 14.92 -51.32
N TYR B 60 21.67 16.26 -51.32
CA TYR B 60 20.74 17.01 -50.48
C TYR B 60 19.57 17.48 -51.31
N PHE B 61 18.37 17.23 -50.83
CA PHE B 61 17.17 17.59 -51.53
C PHE B 61 16.45 18.69 -50.78
N PRO B 62 16.68 19.98 -51.13
CA PRO B 62 15.99 21.06 -50.39
C PRO B 62 14.50 21.04 -50.66
N VAL B 63 13.69 21.11 -49.61
CA VAL B 63 12.24 20.98 -49.70
C VAL B 63 11.53 22.23 -49.24
N ASP B 64 11.89 22.78 -48.08
CA ASP B 64 11.18 23.92 -47.52
C ASP B 64 12.08 25.01 -46.98
N HIS B 65 13.27 25.16 -47.56
CA HIS B 65 14.18 26.23 -47.14
C HIS B 65 13.59 27.60 -47.56
N GLN B 66 13.86 28.64 -46.75
CA GLN B 66 13.34 29.99 -46.96
C GLN B 66 14.38 31.07 -46.69
N ASP B 67 14.13 32.26 -47.21
CA ASP B 67 15.00 33.42 -47.08
C ASP B 67 14.70 34.15 -45.77
N ARG B 71 17.44 37.68 -49.70
CA ARG B 71 17.31 36.49 -50.53
C ARG B 71 18.66 35.87 -50.86
N TYR B 72 18.73 34.52 -50.83
CA TYR B 72 19.94 33.71 -50.99
C TYR B 72 19.63 32.21 -51.26
N GLN B 73 18.41 31.75 -50.98
CA GLN B 73 18.08 30.34 -51.15
C GLN B 73 17.72 29.98 -52.57
N PRO B 74 18.14 28.78 -53.01
CA PRO B 74 17.71 28.31 -54.33
C PRO B 74 16.25 27.88 -54.28
N ALA B 75 15.69 27.50 -55.43
CA ALA B 75 14.33 27.03 -55.50
C ALA B 75 14.26 25.65 -54.86
N ASN B 76 13.29 25.46 -53.98
CA ASN B 76 13.07 24.17 -53.34
C ASN B 76 12.59 23.17 -54.38
N LEU B 77 12.86 21.89 -54.18
CA LEU B 77 12.38 20.84 -55.08
C LEU B 77 10.92 20.51 -54.78
N PRO B 78 10.15 20.04 -55.78
CA PRO B 78 8.75 19.68 -55.52
C PRO B 78 8.66 18.50 -54.55
N ARG B 79 7.62 18.48 -53.73
CA ARG B 79 7.46 17.41 -52.73
C ARG B 79 7.42 16.03 -53.37
N GLU B 80 6.73 15.89 -54.53
CA GLU B 80 6.66 14.61 -55.22
C GLU B 80 8.01 14.17 -55.78
N ALA B 81 8.85 15.13 -56.20
CA ALA B 81 10.19 14.81 -56.68
C ALA B 81 11.04 14.22 -55.54
N VAL B 82 10.99 14.82 -54.34
CA VAL B 82 11.75 14.33 -53.18
C VAL B 82 11.21 12.97 -52.72
N ARG B 83 9.89 12.79 -52.78
CA ARG B 83 9.25 11.52 -52.42
C ARG B 83 9.68 10.41 -53.38
N GLN B 84 9.76 10.72 -54.68
CA GLN B 84 10.19 9.73 -55.66
C GLN B 84 11.67 9.35 -55.42
N ALA B 85 12.51 10.33 -55.02
CA ALA B 85 13.92 10.09 -54.71
C ALA B 85 14.01 9.13 -53.51
N VAL B 86 13.25 9.40 -52.44
CA VAL B 86 13.23 8.55 -51.24
C VAL B 86 12.73 7.17 -51.55
N LEU B 87 11.66 7.05 -52.34
CA LEU B 87 11.13 5.73 -52.71
C LEU B 87 12.13 4.91 -53.49
N GLU B 88 12.92 5.57 -54.33
CA GLU B 88 13.98 4.91 -55.08
C GLU B 88 15.13 4.51 -54.16
N ALA B 89 15.46 5.37 -53.17
CA ALA B 89 16.50 5.08 -52.20
C ALA B 89 16.12 3.86 -51.34
N LEU B 90 14.82 3.72 -50.99
CA LEU B 90 14.31 2.60 -50.19
C LEU B 90 14.45 1.24 -50.87
N LYS B 91 14.51 1.20 -52.21
CA LYS B 91 14.69 -0.07 -52.93
C LYS B 91 16.04 -0.73 -52.56
N ARG B 92 17.05 0.09 -52.25
CA ARG B 92 18.39 -0.31 -51.84
C ARG B 92 18.44 -0.55 -50.32
N PRO B 93 19.48 -1.23 -49.77
CA PRO B 93 19.57 -1.39 -48.31
C PRO B 93 19.71 -0.03 -47.63
N VAL B 94 18.90 0.26 -46.61
CA VAL B 94 18.92 1.57 -45.95
C VAL B 94 19.50 1.54 -44.54
N VAL B 95 20.19 2.63 -44.17
CA VAL B 95 20.74 2.81 -42.83
C VAL B 95 20.38 4.22 -42.33
N TYR B 96 19.94 4.32 -41.09
CA TYR B 96 19.58 5.56 -40.42
C TYR B 96 20.41 5.67 -39.15
N HIS B 97 20.44 6.86 -38.53
CA HIS B 97 20.97 7.02 -37.19
C HIS B 97 19.77 7.62 -36.49
N ASN B 98 19.05 6.79 -35.72
CA ASN B 98 17.78 7.06 -35.02
C ASN B 98 16.64 6.95 -36.00
N ALA B 99 16.37 5.71 -36.44
CA ALA B 99 15.33 5.36 -37.40
C ALA B 99 13.93 5.63 -36.89
N ALA B 100 13.72 5.64 -35.59
CA ALA B 100 12.40 5.95 -35.03
C ALA B 100 11.96 7.36 -35.41
N TYR B 101 12.91 8.31 -35.41
CA TYR B 101 12.59 9.68 -35.78
C TYR B 101 12.44 9.82 -37.30
N ASP B 102 13.48 9.47 -38.05
CA ASP B 102 13.48 9.62 -39.49
C ASP B 102 12.34 8.88 -40.21
N ARG B 103 12.01 7.64 -39.79
CA ARG B 103 10.93 6.89 -40.42
C ARG B 103 9.58 7.51 -40.19
N ARG B 104 9.37 8.08 -38.99
CA ARG B 104 8.14 8.78 -38.66
C ARG B 104 8.09 10.12 -39.46
N VAL B 105 9.26 10.76 -39.69
CA VAL B 105 9.32 11.99 -40.49
C VAL B 105 8.90 11.64 -41.93
N LEU B 106 9.47 10.59 -42.52
CA LEU B 106 9.14 10.15 -43.88
C LEU B 106 7.67 9.84 -44.05
N ALA B 107 7.05 9.24 -43.04
CA ALA B 107 5.64 8.89 -43.10
C ALA B 107 4.74 10.13 -43.00
N VAL B 108 5.06 11.04 -42.09
CA VAL B 108 4.28 12.24 -41.85
C VAL B 108 4.42 13.27 -42.98
N THR B 109 5.64 13.54 -43.43
CA THR B 109 5.87 14.58 -44.43
C THR B 109 5.86 14.11 -45.89
N LEU B 110 6.28 12.87 -46.15
CA LEU B 110 6.29 12.38 -47.53
C LEU B 110 5.31 11.24 -47.78
N ASP B 111 4.49 10.86 -46.78
CA ASP B 111 3.49 9.81 -46.91
C ASP B 111 4.10 8.46 -47.32
N ILE B 112 5.27 8.13 -46.77
CA ILE B 112 5.92 6.85 -47.04
C ILE B 112 5.73 5.99 -45.77
N PRO B 113 4.77 5.05 -45.80
CA PRO B 113 4.47 4.27 -44.58
C PRO B 113 5.65 3.60 -43.89
N LEU B 114 5.49 3.30 -42.60
CA LEU B 114 6.52 2.61 -41.82
C LEU B 114 6.88 1.25 -42.42
N ASP B 115 5.94 0.63 -43.14
CA ASP B 115 6.10 -0.65 -43.81
C ASP B 115 7.22 -0.59 -44.83
N GLN B 116 7.28 0.48 -45.61
CA GLN B 116 8.32 0.63 -46.61
C GLN B 116 9.64 1.17 -46.01
N THR B 117 9.54 2.00 -44.98
CA THR B 117 10.71 2.65 -44.41
C THR B 117 11.61 1.79 -43.48
N TYR B 118 11.29 0.52 -43.14
CA TYR B 118 12.17 -0.27 -42.25
C TYR B 118 13.59 -0.35 -42.77
N GLY B 119 14.57 -0.11 -41.90
CA GLY B 119 15.98 -0.15 -42.26
C GLY B 119 16.90 -0.27 -41.06
N ASP B 120 18.22 -0.42 -41.30
CA ASP B 120 19.22 -0.53 -40.21
C ASP B 120 19.37 0.77 -39.43
N ASP B 121 19.81 0.68 -38.16
CA ASP B 121 19.96 1.88 -37.33
C ASP B 121 21.30 1.83 -36.60
N THR B 122 22.22 2.71 -37.00
CA THR B 122 23.54 2.77 -36.38
C THR B 122 23.46 3.09 -34.89
N MET B 123 22.49 3.92 -34.47
CA MET B 123 22.37 4.28 -33.07
C MET B 123 22.01 3.08 -32.18
N VAL B 124 21.25 2.13 -32.72
CA VAL B 124 20.84 0.93 -31.99
C VAL B 124 21.98 -0.10 -31.96
N ALA B 125 22.65 -0.27 -33.09
CA ALA B 125 23.74 -1.23 -33.18
C ALA B 125 24.94 -0.76 -32.35
N LEU B 126 25.25 0.53 -32.40
CA LEU B 126 26.36 1.07 -31.64
C LEU B 126 26.11 1.05 -30.13
N HIS B 127 24.84 1.04 -29.67
CA HIS B 127 24.51 0.86 -28.24
C HIS B 127 24.92 -0.57 -27.77
N LEU B 128 24.92 -1.56 -28.70
CA LEU B 128 25.39 -2.91 -28.39
C LEU B 128 26.91 -2.97 -28.33
N VAL B 129 27.61 -2.04 -29.01
CA VAL B 129 29.08 -1.92 -29.04
C VAL B 129 29.57 -1.21 -27.75
N ASP B 130 28.91 -0.13 -27.34
CA ASP B 130 29.23 0.59 -26.09
C ASP B 130 27.99 1.30 -25.57
N GLU B 131 27.29 0.70 -24.59
CA GLU B 131 26.10 1.31 -24.02
C GLU B 131 26.39 2.56 -23.18
N ASN B 132 27.63 2.72 -22.68
CA ASN B 132 28.00 3.92 -21.93
C ASN B 132 28.41 5.08 -22.84
N HIS B 133 28.42 4.90 -24.16
CA HIS B 133 28.75 5.95 -25.10
C HIS B 133 27.49 6.75 -25.42
N PRO B 134 27.59 8.08 -25.61
CA PRO B 134 26.41 8.86 -25.98
C PRO B 134 25.77 8.41 -27.28
N LEU B 135 24.45 8.58 -27.42
CA LEU B 135 23.77 8.19 -28.64
C LEU B 135 24.04 9.14 -29.82
N GLY B 136 24.55 10.35 -29.55
CA GLY B 136 24.83 11.36 -30.56
C GLY B 136 25.64 10.85 -31.74
N LEU B 137 25.18 11.18 -32.96
CA LEU B 137 25.91 10.79 -34.17
C LEU B 137 27.25 11.53 -34.23
N LYS B 138 27.26 12.81 -33.80
CA LYS B 138 28.44 13.69 -33.74
C LYS B 138 29.52 13.03 -32.86
N GLU B 139 29.09 12.54 -31.68
CA GLU B 139 29.93 11.89 -30.68
C GLU B 139 30.48 10.57 -31.17
N TRP B 140 29.66 9.75 -31.84
CA TRP B 140 30.13 8.47 -32.38
C TRP B 140 31.06 8.68 -33.56
N ALA B 141 30.87 9.76 -34.34
CA ALA B 141 31.73 10.06 -35.47
C ALA B 141 33.13 10.41 -34.97
N LYS B 142 33.24 11.18 -33.88
CA LYS B 142 34.53 11.52 -33.29
C LYS B 142 35.24 10.29 -32.73
N THR B 143 34.47 9.38 -32.14
CA THR B 143 34.95 8.15 -31.53
C THR B 143 35.45 7.12 -32.52
N LEU B 144 34.68 6.80 -33.57
CA LEU B 144 35.10 5.79 -34.53
C LEU B 144 35.70 6.31 -35.82
N LEU B 145 35.18 7.42 -36.35
CA LEU B 145 35.64 7.97 -37.61
C LEU B 145 36.79 9.00 -37.48
N GLY B 146 37.11 9.40 -36.25
CA GLY B 146 38.19 10.35 -35.97
C GLY B 146 37.94 11.78 -36.45
N LEU B 147 36.77 12.36 -36.16
CA LEU B 147 36.47 13.74 -36.56
C LEU B 147 36.62 14.77 -35.42
N GLU B 148 37.71 15.56 -35.40
CA GLU B 148 37.88 16.59 -34.37
C GLU B 148 37.57 18.02 -34.89
N GLU B 149 36.65 18.73 -34.17
CA GLU B 149 36.16 20.08 -34.52
C GLU B 149 36.52 21.23 -33.49
N VAL B 150 36.27 22.52 -33.90
CA VAL B 150 36.51 23.78 -33.13
C VAL B 150 35.28 24.78 -33.23
N ASN B 151 35.37 26.00 -32.65
CA ASN B 151 34.30 27.00 -32.72
C ASN B 151 34.68 28.15 -33.68
N TRP B 186 28.70 37.51 -51.35
CA TRP B 186 28.73 37.33 -49.89
C TRP B 186 28.46 35.92 -49.45
N LEU B 187 27.61 35.18 -50.18
CA LEU B 187 27.32 33.80 -49.80
C LEU B 187 28.50 32.88 -50.07
N GLN B 188 29.21 33.09 -51.19
CA GLN B 188 30.39 32.29 -51.48
C GLN B 188 31.50 32.59 -50.46
N ARG B 189 31.58 33.84 -49.96
CA ARG B 189 32.57 34.25 -48.96
C ARG B 189 32.24 33.58 -47.61
N LEU B 190 30.95 33.48 -47.28
CA LEU B 190 30.49 32.88 -46.04
C LEU B 190 30.66 31.37 -46.07
N LYS B 191 30.40 30.72 -47.23
CA LYS B 191 30.57 29.27 -47.38
C LYS B 191 32.04 28.90 -47.26
N ASP B 192 32.92 29.73 -47.83
CA ASP B 192 34.36 29.49 -47.77
C ASP B 192 34.91 29.63 -46.37
N ALA B 193 34.39 30.59 -45.58
CA ALA B 193 34.78 30.76 -44.17
C ALA B 193 34.39 29.52 -43.35
N PHE B 194 33.25 28.92 -43.69
CA PHE B 194 32.74 27.72 -43.05
C PHE B 194 33.60 26.51 -43.43
N LEU B 195 33.92 26.35 -44.73
CA LEU B 195 34.71 25.23 -45.21
C LEU B 195 36.15 25.23 -44.72
N ALA B 196 36.69 26.41 -44.39
CA ALA B 196 38.07 26.52 -43.89
C ALA B 196 38.28 25.89 -42.51
N VAL B 197 37.21 25.78 -41.72
CA VAL B 197 37.27 25.18 -40.40
C VAL B 197 36.62 23.77 -40.37
N HIS B 198 35.83 23.42 -41.40
CA HIS B 198 35.09 22.15 -41.55
C HIS B 198 35.96 20.92 -41.85
N ASN B 199 37.25 21.10 -42.19
CA ASN B 199 38.13 19.99 -42.55
C ASN B 199 38.04 18.77 -41.59
N GLY B 200 37.68 19.03 -40.34
CA GLY B 200 37.42 18.01 -39.32
C GLY B 200 35.93 17.77 -39.16
N GLY B 201 35.36 18.27 -38.06
CA GLY B 201 33.95 18.08 -37.77
C GLY B 201 33.06 19.30 -37.92
N VAL B 202 31.73 19.10 -37.87
CA VAL B 202 30.75 20.16 -38.03
C VAL B 202 29.51 19.99 -37.12
N SER B 203 29.46 20.74 -36.01
CA SER B 203 28.33 20.67 -35.09
C SER B 203 27.23 21.66 -35.47
N TYR B 204 25.97 21.36 -35.09
CA TYR B 204 24.82 22.24 -35.38
C TYR B 204 25.01 23.57 -34.72
N SER B 205 25.44 23.55 -33.45
CA SER B 205 25.66 24.72 -32.62
C SER B 205 26.65 25.66 -33.28
N ALA B 206 27.74 25.12 -33.82
CA ALA B 206 28.77 25.92 -34.44
C ALA B 206 28.28 26.55 -35.73
N LEU B 207 27.50 25.80 -36.53
CA LEU B 207 26.94 26.28 -37.78
C LEU B 207 25.99 27.43 -37.49
N TYR B 208 25.11 27.26 -36.47
CA TYR B 208 24.17 28.30 -36.10
C TYR B 208 24.92 29.54 -35.61
N LYS B 209 25.97 29.37 -34.79
CA LYS B 209 26.72 30.51 -34.26
C LYS B 209 27.35 31.35 -35.36
N LEU B 210 27.90 30.72 -36.42
CA LEU B 210 28.50 31.43 -37.56
C LEU B 210 27.41 32.15 -38.36
N LEU B 211 26.28 31.48 -38.63
CA LEU B 211 25.20 32.11 -39.38
C LEU B 211 24.62 33.29 -38.61
N ASN B 212 24.41 33.15 -37.29
CA ASN B 212 23.90 34.24 -36.45
C ASN B 212 24.91 35.38 -36.43
N ARG B 213 26.21 35.08 -36.32
CA ARG B 213 27.28 36.09 -36.28
C ARG B 213 27.37 36.86 -37.60
N ALA B 214 27.11 36.17 -38.72
CA ALA B 214 27.12 36.79 -40.04
C ALA B 214 25.96 37.81 -40.16
N PHE B 215 24.75 37.42 -39.73
CA PHE B 215 23.58 38.32 -39.77
C PHE B 215 23.68 39.42 -38.71
N GLN B 216 24.37 39.16 -37.58
CA GLN B 216 24.59 40.18 -36.54
C GLN B 216 25.54 41.26 -37.05
N GLN B 217 26.57 40.87 -37.83
CA GLN B 217 27.47 41.85 -38.44
C GLN B 217 26.69 42.72 -39.44
N LEU B 218 25.76 42.11 -40.19
CA LEU B 218 24.90 42.82 -41.13
C LEU B 218 23.93 43.79 -40.43
N LYS B 219 23.42 43.41 -39.24
CA LYS B 219 22.51 44.24 -38.43
C LYS B 219 23.27 45.46 -37.88
N ASN B 220 24.54 45.24 -37.45
CA ASN B 220 25.43 46.30 -36.95
C ASN B 220 25.77 47.31 -38.05
N VAL B 223 22.76 46.92 -43.37
CA VAL B 223 22.35 45.92 -44.35
C VAL B 223 20.98 45.35 -44.04
N VAL B 224 20.76 44.86 -42.81
CA VAL B 224 19.48 44.31 -42.38
C VAL B 224 19.09 44.82 -40.98
N SER B 225 17.79 44.81 -40.68
CA SER B 225 17.31 45.27 -39.40
C SER B 225 16.33 44.27 -38.84
N TYR B 226 16.82 43.34 -38.00
CA TYR B 226 15.97 42.34 -37.39
C TYR B 226 15.90 42.50 -35.88
N THR B 227 14.72 42.19 -35.32
CA THR B 227 14.36 42.37 -33.91
C THR B 227 15.49 42.08 -32.90
N GLY B 228 16.27 41.05 -33.16
CA GLY B 228 17.38 40.69 -32.31
C GLY B 228 17.45 39.19 -32.15
N SER B 229 18.69 38.66 -32.07
CA SER B 229 19.01 37.24 -31.94
C SER B 229 18.50 36.44 -33.14
N PHE B 230 19.37 36.13 -34.13
CA PHE B 230 19.04 35.37 -35.36
C PHE B 230 18.30 34.09 -35.02
N PRO B 231 17.19 33.76 -35.72
CA PRO B 231 16.41 32.60 -35.31
C PRO B 231 17.06 31.26 -35.56
N ASN B 232 16.88 30.33 -34.60
CA ASN B 232 17.39 28.98 -34.74
C ASN B 232 16.37 28.24 -35.60
N ASP B 233 16.48 28.42 -36.90
CA ASP B 233 15.55 27.83 -37.84
C ASP B 233 16.33 27.35 -39.05
N PHE B 234 16.52 26.03 -39.16
CA PHE B 234 17.27 25.43 -40.28
C PHE B 234 16.72 25.82 -41.66
N ARG B 235 15.41 26.14 -41.78
CA ARG B 235 14.88 26.57 -43.07
C ARG B 235 15.58 27.86 -43.57
N LEU B 236 16.02 28.72 -42.63
CA LEU B 236 16.70 29.97 -42.96
C LEU B 236 18.22 29.85 -43.16
N PHE B 237 18.80 28.69 -42.84
CA PHE B 237 20.24 28.49 -43.02
C PHE B 237 20.51 28.37 -44.53
N PRO B 238 21.47 29.15 -45.09
CA PRO B 238 21.71 29.07 -46.55
C PRO B 238 22.01 27.65 -47.01
N VAL B 239 21.27 27.17 -47.99
CA VAL B 239 21.39 25.80 -48.51
C VAL B 239 22.82 25.43 -48.89
N ASP B 240 23.54 26.34 -49.57
CA ASP B 240 24.95 26.10 -49.97
C ASP B 240 25.84 25.70 -48.77
N ILE B 241 25.49 26.15 -47.55
CA ILE B 241 26.27 25.83 -46.35
C ILE B 241 25.63 24.73 -45.55
N ALA B 242 24.30 24.81 -45.36
CA ALA B 242 23.52 23.86 -44.59
C ALA B 242 23.55 22.47 -45.17
N ALA B 243 23.58 22.34 -46.50
CA ALA B 243 23.65 21.03 -47.13
C ALA B 243 24.94 20.32 -46.79
N ILE B 244 26.05 21.06 -46.52
CA ILE B 244 27.31 20.43 -46.11
C ILE B 244 27.09 19.74 -44.76
N TYR B 245 26.49 20.48 -43.81
CA TYR B 245 26.19 19.97 -42.47
C TYR B 245 25.33 18.71 -42.56
N ALA B 246 24.15 18.80 -43.20
CA ALA B 246 23.20 17.72 -43.34
C ALA B 246 23.78 16.51 -44.06
N LEU B 247 24.54 16.74 -45.13
CA LEU B 247 25.14 15.65 -45.89
C LEU B 247 26.22 14.92 -45.14
N ASP B 248 26.94 15.61 -44.25
CA ASP B 248 27.95 14.98 -43.44
C ASP B 248 27.33 13.97 -42.49
N ASP B 249 26.17 14.30 -41.91
CA ASP B 249 25.46 13.39 -41.03
C ASP B 249 25.10 12.09 -41.74
N ALA B 250 24.62 12.18 -43.00
CA ALA B 250 24.28 10.99 -43.77
C ALA B 250 25.54 10.19 -44.14
N MET B 251 26.63 10.86 -44.53
CA MET B 251 27.88 10.16 -44.87
C MET B 251 28.54 9.50 -43.65
N ASN B 252 28.48 10.16 -42.49
CA ASN B 252 29.02 9.63 -41.24
C ASN B 252 28.22 8.40 -40.83
N THR B 253 26.88 8.42 -41.01
CA THR B 253 26.01 7.28 -40.68
C THR B 253 26.41 6.04 -41.48
N LEU B 254 26.71 6.22 -42.76
CA LEU B 254 27.11 5.14 -43.64
C LEU B 254 28.49 4.63 -43.26
N ALA B 255 29.42 5.56 -42.96
CA ALA B 255 30.78 5.23 -42.53
C ALA B 255 30.76 4.48 -41.18
N LEU B 256 29.85 4.89 -40.27
CA LEU B 256 29.71 4.21 -38.99
C LEU B 256 29.15 2.81 -39.18
N TRP B 257 28.24 2.61 -40.16
CA TRP B 257 27.70 1.29 -40.43
C TRP B 257 28.77 0.31 -40.89
N GLU B 258 29.80 0.78 -41.59
CA GLU B 258 30.91 -0.08 -42.02
C GLU B 258 31.61 -0.69 -40.80
N HIS B 259 31.77 0.11 -39.74
CA HIS B 259 32.37 -0.29 -38.47
C HIS B 259 31.46 -1.30 -37.74
N VAL B 260 30.15 -1.10 -37.84
CA VAL B 260 29.16 -1.97 -37.20
C VAL B 260 29.21 -3.36 -37.81
N GLU B 261 29.36 -3.46 -39.14
CA GLU B 261 29.43 -4.76 -39.81
C GLU B 261 30.70 -5.53 -39.44
N VAL B 262 31.79 -4.82 -39.15
CA VAL B 262 33.04 -5.47 -38.71
C VAL B 262 32.83 -5.99 -37.30
N PHE B 263 32.26 -5.16 -36.41
CA PHE B 263 31.99 -5.55 -35.03
C PHE B 263 31.06 -6.75 -34.99
N PHE B 264 30.04 -6.78 -35.86
CA PHE B 264 29.10 -7.90 -35.90
C PHE B 264 29.75 -9.21 -36.35
N GLU B 265 30.84 -9.12 -37.11
CA GLU B 265 31.63 -10.27 -37.55
C GLU B 265 32.30 -10.88 -36.30
N LEU B 266 32.83 -10.04 -35.41
CA LEU B 266 33.46 -10.47 -34.17
C LEU B 266 32.43 -10.98 -33.14
N HIS B 267 31.21 -10.40 -33.14
CA HIS B 267 30.20 -10.79 -32.18
C HIS B 267 28.89 -11.20 -32.85
N PRO B 268 28.79 -12.47 -33.29
CA PRO B 268 27.55 -12.92 -33.92
C PRO B 268 26.38 -13.08 -32.94
N LYS B 269 26.68 -13.19 -31.62
CA LYS B 269 25.63 -13.26 -30.62
C LYS B 269 24.95 -11.89 -30.52
N LEU B 270 25.72 -10.79 -30.62
CA LEU B 270 25.16 -9.43 -30.62
C LEU B 270 24.53 -9.09 -31.98
N HIS B 271 25.04 -9.66 -33.07
CA HIS B 271 24.47 -9.46 -34.40
C HIS B 271 23.04 -10.01 -34.44
N ALA B 272 22.85 -11.20 -33.86
CA ALA B 272 21.56 -11.86 -33.77
C ALA B 272 20.66 -11.16 -32.77
N LEU B 273 21.20 -10.66 -31.66
CA LEU B 273 20.41 -9.89 -30.68
C LEU B 273 19.90 -8.58 -31.34
N TYR B 274 20.72 -7.97 -32.20
CA TYR B 274 20.35 -6.77 -32.92
C TYR B 274 19.22 -7.07 -33.91
N ARG B 275 19.39 -8.10 -34.75
CA ARG B 275 18.42 -8.40 -35.79
C ARG B 275 17.10 -9.00 -35.28
N GLU B 276 17.13 -9.84 -34.25
CA GLU B 276 15.92 -10.51 -33.77
C GLU B 276 15.16 -9.76 -32.68
N ILE B 277 15.84 -8.92 -31.89
CA ILE B 277 15.19 -8.23 -30.79
C ILE B 277 15.30 -6.71 -30.88
N GLU B 278 16.51 -6.17 -30.97
CA GLU B 278 16.72 -4.72 -30.95
C GLU B 278 16.10 -3.94 -32.09
N LEU B 279 16.37 -4.31 -33.35
CA LEU B 279 15.78 -3.62 -34.48
C LEU B 279 14.26 -3.84 -34.58
N PRO B 280 13.75 -5.09 -34.45
CA PRO B 280 12.30 -5.28 -34.47
C PRO B 280 11.56 -4.59 -33.34
N VAL B 281 12.10 -4.58 -32.11
CA VAL B 281 11.41 -3.91 -30.99
C VAL B 281 11.38 -2.41 -31.23
N ASN B 282 12.45 -1.84 -31.81
CA ASN B 282 12.53 -0.42 -32.19
C ASN B 282 11.41 -0.12 -33.17
N ASP B 283 11.25 -0.98 -34.18
CA ASP B 283 10.19 -0.86 -35.17
C ASP B 283 8.81 -0.91 -34.50
N VAL B 284 8.56 -1.87 -33.57
CA VAL B 284 7.28 -1.98 -32.87
C VAL B 284 6.94 -0.68 -32.13
N MET B 285 7.91 -0.14 -31.37
CA MET B 285 7.70 1.10 -30.62
C MET B 285 7.61 2.35 -31.49
N THR B 286 8.24 2.35 -32.67
CA THR B 286 8.12 3.46 -33.62
C THR B 286 6.66 3.51 -34.12
N ARG B 287 6.08 2.33 -34.44
CA ARG B 287 4.71 2.18 -34.88
C ARG B 287 3.72 2.52 -33.75
N ALA B 288 4.07 2.22 -32.50
CA ALA B 288 3.25 2.57 -31.35
C ALA B 288 3.17 4.10 -31.17
N THR B 289 4.29 4.84 -31.37
CA THR B 289 4.32 6.32 -31.26
C THR B 289 3.49 6.92 -32.39
N HIS B 290 3.60 6.37 -33.60
CA HIS B 290 2.85 6.82 -34.74
C HIS B 290 1.34 6.72 -34.51
N ARG B 291 0.90 5.62 -33.89
CA ARG B 291 -0.51 5.40 -33.59
C ARG B 291 -1.00 6.30 -32.50
N GLY B 292 -0.19 6.50 -31.48
CA GLY B 292 -0.57 7.36 -30.36
C GLY B 292 -1.80 6.86 -29.64
N VAL B 293 -1.94 7.27 -28.39
CA VAL B 293 -3.08 6.87 -27.58
C VAL B 293 -4.13 7.99 -27.64
N LEU B 294 -5.42 7.64 -27.68
CA LEU B 294 -6.46 8.67 -27.73
C LEU B 294 -6.63 9.37 -26.38
N VAL B 295 -6.84 10.70 -26.38
CA VAL B 295 -6.92 11.46 -25.14
C VAL B 295 -8.29 12.02 -24.84
N ASP B 296 -8.84 11.68 -23.66
CA ASP B 296 -10.10 12.19 -23.12
C ASP B 296 -9.87 13.66 -22.75
N LYS B 297 -10.28 14.60 -23.60
CA LYS B 297 -10.07 16.03 -23.36
C LYS B 297 -10.90 16.57 -22.17
N GLU B 298 -12.05 15.92 -21.90
CA GLU B 298 -12.94 16.28 -20.82
C GLU B 298 -12.27 15.89 -19.50
N GLU B 299 -11.72 14.68 -19.43
CA GLU B 299 -11.03 14.21 -18.23
C GLU B 299 -9.74 15.00 -18.01
N LEU B 300 -9.08 15.48 -19.08
CA LEU B 300 -7.87 16.31 -18.91
C LEU B 300 -8.21 17.61 -18.24
N ARG B 301 -9.35 18.22 -18.61
CA ARG B 301 -9.89 19.45 -18.05
C ARG B 301 -10.11 19.25 -16.55
N ARG B 302 -10.65 18.09 -16.15
CA ARG B 302 -10.88 17.78 -14.75
C ARG B 302 -9.59 17.66 -13.99
N ILE B 303 -8.55 17.02 -14.58
CA ILE B 303 -7.27 16.88 -13.90
C ILE B 303 -6.63 18.24 -13.74
N LYS B 304 -6.55 19.03 -14.82
CA LYS B 304 -5.99 20.37 -14.79
C LYS B 304 -6.70 21.25 -13.75
N GLU B 305 -8.02 21.19 -13.76
CA GLU B 305 -8.84 21.95 -12.82
C GLU B 305 -8.56 21.51 -11.39
N THR B 306 -8.52 20.19 -11.16
CA THR B 306 -8.30 19.61 -9.83
C THR B 306 -6.94 19.93 -9.29
N ILE B 307 -5.92 19.95 -10.14
CA ILE B 307 -4.58 20.30 -9.70
C ILE B 307 -4.55 21.76 -9.31
N GLN B 308 -5.05 22.63 -10.20
CA GLN B 308 -5.13 24.07 -9.98
C GLN B 308 -5.90 24.39 -8.69
N ALA B 309 -7.01 23.68 -8.48
CA ALA B 309 -7.86 23.81 -7.30
C ALA B 309 -7.09 23.40 -6.05
N ARG B 310 -6.31 22.31 -6.11
CA ARG B 310 -5.57 21.84 -4.97
C ARG B 310 -4.39 22.74 -4.63
N ILE B 311 -3.75 23.37 -5.62
CA ILE B 311 -2.65 24.31 -5.36
C ILE B 311 -3.19 25.50 -4.57
N GLU B 312 -4.34 26.01 -5.00
CA GLU B 312 -5.02 27.09 -4.32
C GLU B 312 -5.48 26.65 -2.92
N GLU B 313 -6.01 25.42 -2.77
CA GLU B 313 -6.46 24.86 -1.49
C GLU B 313 -5.33 24.92 -0.47
N LYS B 314 -4.11 24.52 -0.91
CA LYS B 314 -2.90 24.46 -0.11
C LYS B 314 -2.39 25.84 0.34
N ALA B 315 -2.74 26.90 -0.40
CA ALA B 315 -2.39 28.27 -0.03
C ALA B 315 -3.34 28.75 1.07
N GLN B 316 -4.63 28.37 0.97
CA GLN B 316 -5.64 28.70 1.96
C GLN B 316 -5.30 28.03 3.30
N GLU B 317 -4.95 26.72 3.29
CA GLU B 317 -4.56 26.07 4.55
C GLU B 317 -3.17 26.58 5.03
N ALA B 318 -2.32 27.10 4.13
CA ALA B 318 -1.05 27.70 4.56
C ALA B 318 -1.36 28.99 5.31
N GLN B 319 -2.31 29.81 4.82
CA GLN B 319 -2.67 31.05 5.51
C GLN B 319 -3.46 30.82 6.77
N GLU B 320 -4.36 29.82 6.83
CA GLU B 320 -5.08 29.55 8.08
C GLU B 320 -4.13 29.04 9.18
N LEU B 321 -3.04 28.33 8.76
CA LEU B 321 -2.02 27.81 9.66
C LEU B 321 -1.14 28.92 10.12
N LEU B 322 -0.68 29.77 9.19
CA LEU B 322 0.13 30.93 9.49
C LEU B 322 -0.62 31.91 10.40
N LYS B 323 -1.95 31.99 10.26
CA LYS B 323 -2.82 32.80 11.10
C LYS B 323 -2.70 32.36 12.55
N ALA B 324 -2.61 31.05 12.81
CA ALA B 324 -2.46 30.54 14.16
C ALA B 324 -0.98 30.56 14.62
N LEU B 325 -0.04 30.38 13.69
CA LEU B 325 1.39 30.38 13.96
C LEU B 325 1.84 31.75 14.41
N ILE B 326 1.43 32.80 13.69
CA ILE B 326 1.79 34.18 14.07
C ILE B 326 0.57 35.14 13.85
N GLY B 327 -0.34 35.15 14.83
CA GLY B 327 -1.59 35.90 14.87
C GLY B 327 -1.71 37.24 14.16
N SER B 328 -1.17 38.32 14.79
CA SER B 328 -1.23 39.69 14.27
C SER B 328 -0.46 39.86 12.94
N LYS B 329 0.78 39.33 12.88
CA LYS B 329 1.62 39.40 11.68
C LYS B 329 1.14 38.55 10.50
N ALA B 330 0.14 37.67 10.67
CA ALA B 330 -0.36 36.79 9.59
C ALA B 330 -0.90 37.57 8.42
N SER B 331 -1.64 38.65 8.72
CA SER B 331 -2.21 39.56 7.71
C SER B 331 -1.09 40.17 6.85
N GLU B 332 0.07 40.44 7.48
CA GLU B 332 1.27 41.02 6.89
C GLU B 332 1.98 40.14 5.85
N PHE B 333 1.33 39.02 5.47
CA PHE B 333 1.82 38.06 4.48
C PHE B 333 0.65 37.70 3.58
N THR B 334 0.73 38.07 2.29
CA THR B 334 -0.33 37.82 1.31
C THR B 334 -0.11 36.51 0.51
N ASN B 335 1.13 36.24 0.07
CA ASN B 335 1.45 35.00 -0.67
C ASN B 335 2.72 34.38 -0.10
N PRO B 336 2.61 33.71 1.07
CA PRO B 336 3.81 33.16 1.71
C PRO B 336 4.46 31.98 1.01
N LEU B 337 3.66 31.06 0.46
CA LEU B 337 4.21 29.87 -0.20
C LEU B 337 4.99 30.24 -1.46
N ASN B 338 4.34 30.96 -2.40
CA ASN B 338 4.97 31.34 -3.66
C ASN B 338 6.18 32.26 -3.50
N SER B 339 6.05 33.37 -2.74
CA SER B 339 7.17 34.30 -2.53
C SER B 339 8.22 33.78 -1.51
N PRO B 340 9.46 33.48 -1.92
CA PRO B 340 10.45 33.00 -0.93
C PRO B 340 11.00 34.11 -0.03
N GLN B 341 10.51 35.34 -0.22
CA GLN B 341 10.86 36.53 0.55
C GLN B 341 10.01 36.51 1.83
N GLN B 342 8.68 36.26 1.69
CA GLN B 342 7.76 36.22 2.84
C GLN B 342 7.95 34.97 3.66
N LEU B 343 8.16 33.81 2.99
CA LEU B 343 8.36 32.50 3.62
C LEU B 343 9.65 32.42 4.41
N SER B 344 10.76 32.92 3.85
CA SER B 344 12.06 32.92 4.53
C SER B 344 12.05 33.79 5.82
N THR B 345 11.15 34.80 5.86
CA THR B 345 10.86 35.72 6.97
C THR B 345 10.03 34.96 8.02
N ILE B 346 9.02 34.21 7.56
CA ILE B 346 8.15 33.42 8.44
C ILE B 346 8.94 32.27 9.10
N LEU B 347 9.47 31.34 8.31
CA LEU B 347 10.20 30.15 8.72
C LEU B 347 11.30 30.39 9.74
N TYR B 348 12.20 31.32 9.45
CA TYR B 348 13.37 31.56 10.27
C TYR B 348 13.28 32.76 11.19
N ASP B 349 13.00 33.96 10.65
CA ASP B 349 12.96 35.19 11.44
C ASP B 349 11.85 35.18 12.50
N LEU B 350 10.67 34.67 12.14
CA LEU B 350 9.56 34.65 13.07
C LEU B 350 9.47 33.34 13.84
N LEU B 351 9.58 32.22 13.14
CA LEU B 351 9.46 30.92 13.76
C LEU B 351 10.63 30.51 14.60
N GLY B 352 11.82 30.96 14.23
CA GLY B 352 13.02 30.57 14.93
C GLY B 352 13.40 29.16 14.54
N TYR B 353 13.34 28.89 13.24
CA TYR B 353 13.71 27.58 12.73
C TYR B 353 15.23 27.56 12.52
N PRO B 354 15.88 26.45 12.91
CA PRO B 354 17.33 26.35 12.71
C PRO B 354 17.76 26.29 11.25
N VAL B 355 18.44 27.35 10.75
CA VAL B 355 18.90 27.46 9.35
C VAL B 355 19.96 26.39 9.02
N VAL B 356 19.52 25.21 8.52
CA VAL B 356 20.43 24.13 8.15
C VAL B 356 20.80 24.13 6.65
N GLU B 357 20.67 25.30 5.98
CA GLU B 357 20.99 25.47 4.56
C GLU B 357 20.78 26.90 4.06
N THR B 358 21.77 27.46 3.33
CA THR B 358 21.70 28.79 2.73
C THR B 358 22.09 28.76 1.24
N THR B 359 21.65 29.79 0.50
CA THR B 359 21.91 29.98 -0.93
C THR B 359 23.33 30.52 -1.19
N PRO B 360 23.79 30.53 -2.47
CA PRO B 360 25.13 31.09 -2.74
C PRO B 360 25.25 32.54 -2.30
N ASN B 361 24.18 33.33 -2.47
CA ASN B 361 24.16 34.74 -2.08
C ASN B 361 23.95 34.96 -0.58
N SER B 365 17.93 29.58 2.67
CA SER B 365 17.38 28.79 1.56
C SER B 365 16.08 28.06 1.90
N THR B 366 15.00 28.40 1.19
CA THR B 366 13.70 27.78 1.37
C THR B 366 13.47 26.76 0.24
N SER B 367 14.48 25.96 -0.08
CA SER B 367 14.44 24.99 -1.18
C SER B 367 13.87 23.63 -0.77
N LYS B 368 13.49 22.78 -1.76
CA LYS B 368 12.93 21.43 -1.58
C LYS B 368 13.76 20.57 -0.63
N THR B 369 15.09 20.68 -0.74
CA THR B 369 16.06 19.93 0.04
C THR B 369 16.03 20.40 1.49
N ALA B 370 16.03 21.73 1.68
CA ALA B 370 16.01 22.39 2.98
C ALA B 370 14.71 22.14 3.73
N ILE B 371 13.58 22.11 3.01
CA ILE B 371 12.27 21.87 3.58
C ILE B 371 12.10 20.41 4.02
N ALA B 372 12.79 19.48 3.35
CA ALA B 372 12.77 18.08 3.76
C ALA B 372 13.39 17.93 5.18
N LYS B 373 14.44 18.73 5.46
CA LYS B 373 15.16 18.79 6.74
C LYS B 373 14.28 19.32 7.90
N LEU B 374 13.52 20.40 7.65
CA LEU B 374 12.66 20.99 8.67
C LEU B 374 11.44 20.14 9.05
N LEU B 375 11.15 19.07 8.27
CA LEU B 375 10.07 18.13 8.60
C LEU B 375 10.51 17.01 9.56
N THR B 376 11.62 17.24 10.28
CA THR B 376 12.24 16.41 11.33
C THR B 376 12.57 17.40 12.48
N LEU B 377 13.21 18.54 12.15
CA LEU B 377 13.57 19.62 13.05
C LEU B 377 12.35 20.28 13.74
N SER B 378 12.60 21.16 14.72
CA SER B 378 11.53 21.82 15.46
C SER B 378 11.73 23.36 15.56
N PRO B 379 10.63 24.12 15.77
CA PRO B 379 10.73 25.58 15.80
C PRO B 379 11.30 26.20 17.09
N LYS B 380 11.21 27.54 17.26
CA LYS B 380 11.66 28.17 18.49
C LYS B 380 10.63 27.80 19.57
N ASP B 381 9.39 28.33 19.49
CA ASP B 381 8.36 27.92 20.45
C ASP B 381 7.83 26.57 20.00
N LYS B 382 8.13 25.52 20.77
CA LYS B 382 7.71 24.16 20.42
C LYS B 382 6.19 23.95 20.56
N ARG B 383 5.49 24.82 21.32
CA ARG B 383 4.02 24.79 21.41
C ARG B 383 3.38 24.97 19.99
N LYS B 384 4.15 25.54 19.03
CA LYS B 384 3.77 25.81 17.64
C LYS B 384 4.22 24.71 16.67
N ALA B 385 5.02 23.74 17.11
CA ALA B 385 5.58 22.69 16.27
C ALA B 385 4.57 21.85 15.44
N PRO B 386 3.38 21.42 15.96
CA PRO B 386 2.46 20.63 15.11
C PRO B 386 1.81 21.42 13.95
N LEU B 387 1.67 22.75 14.14
CA LEU B 387 1.14 23.72 13.18
C LEU B 387 2.23 24.09 12.20
N ALA B 388 3.50 24.23 12.69
CA ALA B 388 4.70 24.51 11.90
C ALA B 388 4.96 23.33 10.99
N LYS B 389 4.74 22.10 11.48
CA LYS B 389 4.90 20.89 10.68
C LYS B 389 3.87 20.91 9.55
N ALA B 390 2.62 21.19 9.90
CA ALA B 390 1.49 21.29 8.96
C ALA B 390 1.69 22.41 7.96
N PHE B 391 2.37 23.49 8.36
CA PHE B 391 2.69 24.62 7.51
C PHE B 391 3.77 24.22 6.47
N LEU B 392 4.77 23.45 6.91
CA LEU B 392 5.82 22.99 6.01
C LEU B 392 5.29 21.97 5.04
N GLU B 393 4.44 21.06 5.52
CA GLU B 393 3.82 20.03 4.72
C GLU B 393 2.96 20.63 3.61
N ALA B 394 2.25 21.73 3.93
CA ALA B 394 1.42 22.49 2.99
C ALA B 394 2.30 23.10 1.90
N LYS B 395 3.56 23.51 2.24
CA LYS B 395 4.50 24.07 1.28
C LYS B 395 5.04 23.01 0.29
N GLN B 396 5.36 21.79 0.76
CA GLN B 396 5.89 20.77 -0.14
C GLN B 396 4.80 20.15 -1.02
N ALA B 397 3.57 20.10 -0.51
CA ALA B 397 2.44 19.67 -1.32
C ALA B 397 2.15 20.72 -2.39
N HIS B 398 2.28 22.01 -2.04
CA HIS B 398 2.09 23.16 -2.92
C HIS B 398 3.06 23.08 -4.07
N GLU B 399 4.35 22.84 -3.79
CA GLU B 399 5.35 22.73 -4.85
C GLU B 399 5.23 21.43 -5.62
N GLY B 400 4.79 20.37 -4.96
CA GLY B 400 4.57 19.09 -5.60
C GLY B 400 3.52 19.17 -6.69
N LEU B 401 2.32 19.69 -6.34
CA LEU B 401 1.22 19.87 -7.28
C LEU B 401 1.57 20.89 -8.35
N LYS B 402 2.30 21.96 -7.98
CA LYS B 402 2.74 23.00 -8.91
C LYS B 402 3.71 22.43 -9.96
N LYS B 403 4.56 21.46 -9.55
CA LYS B 403 5.48 20.82 -10.48
C LYS B 403 4.77 19.73 -11.27
N LEU B 404 3.72 19.10 -10.69
CA LEU B 404 2.93 18.11 -11.39
C LEU B 404 2.15 18.81 -12.47
N LEU B 405 1.53 19.95 -12.15
CA LEU B 405 0.77 20.72 -13.11
C LEU B 405 1.62 21.15 -14.30
N SER B 406 2.80 21.76 -14.04
CA SER B 406 3.71 22.24 -15.08
C SER B 406 4.14 21.14 -16.03
N THR B 407 4.72 20.03 -15.51
CA THR B 407 5.14 18.91 -16.36
C THR B 407 3.95 18.18 -17.02
N TYR B 408 2.73 18.40 -16.52
CA TYR B 408 1.52 17.84 -17.09
C TYR B 408 1.07 18.66 -18.28
N THR B 409 1.13 19.99 -18.22
CA THR B 409 0.71 20.83 -19.35
C THR B 409 1.78 20.77 -20.45
N ASP B 410 3.05 20.95 -20.04
CA ASP B 410 4.25 21.01 -20.90
C ASP B 410 4.48 19.75 -21.74
N SER B 411 4.29 18.57 -21.15
CA SER B 411 4.53 17.32 -21.87
C SER B 411 3.29 16.52 -22.20
N ILE B 412 2.08 17.07 -21.96
CA ILE B 412 0.84 16.37 -22.29
C ILE B 412 -0.15 17.28 -23.03
N LEU B 413 -0.60 18.38 -22.40
CA LEU B 413 -1.59 19.30 -22.97
C LEU B 413 -1.10 20.01 -24.23
N GLU B 414 0.07 20.65 -24.14
CA GLU B 414 0.69 21.33 -25.28
C GLU B 414 1.33 20.30 -26.23
N GLU B 415 0.89 19.03 -26.21
CA GLU B 415 1.49 17.98 -27.01
C GLU B 415 0.48 17.16 -27.80
N VAL B 416 -0.83 17.25 -27.47
CA VAL B 416 -1.83 16.47 -28.18
C VAL B 416 -2.01 16.98 -29.59
N ASP B 417 -1.93 16.09 -30.59
CA ASP B 417 -2.11 16.41 -32.01
C ASP B 417 -3.56 16.87 -32.31
N PRO B 418 -3.81 17.56 -33.45
CA PRO B 418 -5.18 18.00 -33.75
C PRO B 418 -6.28 16.95 -33.56
N GLN B 419 -5.99 15.69 -33.95
CA GLN B 419 -6.93 14.56 -33.87
C GLN B 419 -6.96 13.88 -32.49
N GLY B 420 -6.68 14.66 -31.43
CA GLY B 420 -6.75 14.25 -30.04
C GLY B 420 -5.93 13.07 -29.56
N ARG B 421 -4.86 12.69 -30.29
CA ARG B 421 -4.00 11.58 -29.88
C ARG B 421 -2.71 12.12 -29.25
N LEU B 422 -2.13 11.37 -28.32
CA LEU B 422 -0.87 11.74 -27.72
C LEU B 422 0.18 10.76 -28.20
N HIS B 423 1.22 11.25 -28.86
CA HIS B 423 2.24 10.38 -29.40
C HIS B 423 3.48 10.30 -28.52
N THR B 424 3.42 9.39 -27.54
CA THR B 424 4.50 9.18 -26.58
C THR B 424 5.71 8.61 -27.28
N ASN B 425 6.89 9.20 -27.07
CA ASN B 425 8.11 8.71 -27.72
C ASN B 425 8.73 7.60 -26.89
N PHE B 426 9.32 6.62 -27.57
CA PHE B 426 10.02 5.54 -26.88
C PHE B 426 11.42 5.47 -27.45
N ASN B 427 12.44 5.46 -26.60
CA ASN B 427 13.82 5.30 -27.05
C ASN B 427 14.25 3.89 -26.66
N THR B 428 14.23 2.98 -27.63
CA THR B 428 14.59 1.56 -27.53
C THR B 428 16.00 1.34 -26.89
N VAL B 429 16.95 2.27 -27.13
CA VAL B 429 18.30 2.19 -26.56
C VAL B 429 18.52 3.33 -25.56
N GLY B 430 17.50 3.60 -24.74
CA GLY B 430 17.48 4.73 -23.83
C GLY B 430 18.03 4.51 -22.44
N THR B 431 18.51 3.31 -22.16
CA THR B 431 19.14 3.00 -20.87
C THR B 431 20.39 2.12 -21.08
N VAL B 432 21.30 2.10 -20.09
CA VAL B 432 22.48 1.25 -20.16
C VAL B 432 22.14 -0.22 -19.88
N SER B 433 21.07 -0.49 -19.10
CA SER B 433 20.64 -1.85 -18.82
C SER B 433 20.06 -2.49 -20.07
N GLY B 434 19.30 -1.72 -20.81
CA GLY B 434 18.64 -2.19 -22.02
C GLY B 434 17.16 -1.89 -22.01
N ARG B 435 16.64 -1.30 -20.90
CA ARG B 435 15.24 -0.89 -20.79
C ARG B 435 14.99 0.21 -21.81
N MET B 436 13.73 0.44 -22.12
CA MET B 436 13.34 1.52 -23.01
C MET B 436 13.18 2.80 -22.24
N SER B 437 13.46 3.94 -22.87
CA SER B 437 13.27 5.24 -22.25
C SER B 437 11.96 5.87 -22.80
N SER B 438 11.18 6.58 -21.96
CA SER B 438 9.94 7.20 -22.44
C SER B 438 10.08 8.73 -22.46
N SER B 439 9.46 9.39 -23.45
CA SER B 439 9.62 10.84 -23.62
C SER B 439 8.33 11.49 -24.15
N ASN B 440 8.13 12.80 -23.93
CA ASN B 440 6.94 13.55 -24.40
C ASN B 440 5.56 12.80 -24.42
N PRO B 441 5.02 12.39 -23.26
CA PRO B 441 5.56 12.53 -21.90
C PRO B 441 6.40 11.34 -21.44
N ASN B 442 7.06 11.47 -20.30
CA ASN B 442 7.81 10.35 -19.75
C ASN B 442 6.85 9.54 -18.93
N LEU B 443 6.44 8.40 -19.47
CA LEU B 443 5.47 7.54 -18.82
C LEU B 443 5.92 7.01 -17.44
N GLN B 444 7.22 6.99 -17.20
CA GLN B 444 7.76 6.56 -15.92
C GLN B 444 7.36 7.55 -14.86
N ASN B 445 7.47 8.86 -15.18
CA ASN B 445 7.17 9.97 -14.27
C ASN B 445 5.72 10.39 -14.27
N LEU B 446 4.83 9.51 -14.69
CA LEU B 446 3.41 9.75 -14.57
C LEU B 446 3.03 8.99 -13.31
N PRO B 447 2.47 9.69 -12.30
CA PRO B 447 2.17 9.02 -11.04
C PRO B 447 1.06 7.99 -11.19
N ARG B 448 1.36 6.69 -10.92
CA ARG B 448 0.41 5.56 -11.01
C ARG B 448 -0.64 5.50 -9.87
N LEU B 449 -0.33 6.21 -8.76
CA LEU B 449 -1.01 6.31 -7.49
C LEU B 449 -1.15 4.96 -6.79
N LEU B 450 -0.03 4.25 -6.61
CA LEU B 450 0.01 2.99 -5.85
C LEU B 450 -0.07 3.34 -4.37
N PRO B 451 -0.67 2.51 -3.50
CA PRO B 451 -0.81 2.88 -2.08
C PRO B 451 0.44 3.44 -1.40
N GLU B 452 1.62 2.95 -1.78
CA GLU B 452 2.89 3.42 -1.20
C GLU B 452 3.25 4.82 -1.74
N GLU B 453 2.96 5.04 -3.03
CA GLU B 453 3.15 6.28 -3.76
C GLU B 453 2.25 7.34 -3.13
N VAL B 454 0.96 6.99 -2.87
CA VAL B 454 -0.05 7.89 -2.27
C VAL B 454 0.30 8.19 -0.84
N ALA B 455 0.57 7.17 -0.02
CA ALA B 455 0.96 7.39 1.38
C ALA B 455 2.17 8.36 1.51
N GLU B 456 3.03 8.41 0.49
CA GLU B 456 4.20 9.28 0.50
C GLU B 456 3.97 10.65 -0.13
N LYS B 457 2.97 10.77 -1.00
CA LYS B 457 2.60 12.06 -1.58
C LYS B 457 1.07 12.10 -1.57
N PRO B 458 0.40 12.32 -0.40
CA PRO B 458 -1.07 12.26 -0.37
C PRO B 458 -1.77 13.30 -1.25
N TYR B 459 -1.09 14.39 -1.60
CA TYR B 459 -1.63 15.39 -2.50
C TYR B 459 -1.84 14.84 -3.94
N LEU B 460 -1.26 13.69 -4.24
CA LEU B 460 -1.46 13.05 -5.52
C LEU B 460 -2.80 12.35 -5.59
N GLN B 461 -3.43 12.01 -4.43
CA GLN B 461 -4.70 11.29 -4.33
C GLN B 461 -5.78 11.85 -5.27
N GLY B 462 -6.18 11.04 -6.25
CA GLY B 462 -7.20 11.47 -7.21
C GLY B 462 -6.65 12.05 -8.50
N ILE B 463 -5.38 12.43 -8.51
CA ILE B 463 -4.73 12.95 -9.69
C ILE B 463 -4.21 11.78 -10.55
N ASP B 464 -5.13 11.07 -11.19
CA ASP B 464 -4.82 9.93 -12.06
C ASP B 464 -4.66 10.46 -13.48
N ILE B 465 -3.40 10.73 -13.92
CA ILE B 465 -3.14 11.25 -15.25
C ILE B 465 -3.44 10.22 -16.33
N ARG B 466 -3.10 8.95 -16.08
CA ARG B 466 -3.32 7.89 -17.06
C ARG B 466 -4.82 7.59 -17.36
N LYS B 467 -5.77 8.07 -16.52
CA LYS B 467 -7.22 7.91 -16.76
C LYS B 467 -7.69 8.78 -17.96
N ALA B 468 -6.91 9.79 -18.38
CA ALA B 468 -7.23 10.58 -19.57
C ALA B 468 -6.75 9.90 -20.88
N PHE B 469 -5.98 8.81 -20.79
CA PHE B 469 -5.47 8.10 -21.94
C PHE B 469 -6.45 6.98 -22.20
N VAL B 470 -7.48 7.26 -23.02
CA VAL B 470 -8.58 6.35 -23.32
C VAL B 470 -8.43 5.58 -24.63
N ALA B 471 -8.75 4.27 -24.64
CA ALA B 471 -8.71 3.46 -25.86
C ALA B 471 -9.86 3.91 -26.78
N ASP B 472 -9.66 3.89 -28.11
CA ASP B 472 -10.66 4.35 -29.09
C ASP B 472 -12.01 3.67 -28.92
N PRO B 473 -13.14 4.28 -29.37
CA PRO B 473 -14.43 3.58 -29.26
C PRO B 473 -14.39 2.34 -30.16
N GLY B 474 -14.84 1.23 -29.60
CA GLY B 474 -14.76 -0.05 -30.29
C GLY B 474 -13.49 -0.81 -29.99
N TYR B 475 -12.59 -0.21 -29.22
CA TYR B 475 -11.31 -0.77 -28.86
C TYR B 475 -11.15 -0.84 -27.35
N THR B 476 -10.28 -1.72 -26.89
CA THR B 476 -9.97 -1.88 -25.47
C THR B 476 -8.45 -1.95 -25.32
N PHE B 477 -7.99 -1.74 -24.11
CA PHE B 477 -6.58 -1.89 -23.80
C PHE B 477 -6.45 -3.25 -23.16
N VAL B 478 -5.45 -4.01 -23.59
CA VAL B 478 -5.17 -5.29 -22.96
C VAL B 478 -3.81 -5.13 -22.27
N SER B 479 -3.83 -4.75 -21.00
CA SER B 479 -2.63 -4.50 -20.21
C SER B 479 -2.20 -5.75 -19.45
N ALA B 480 -1.00 -6.28 -19.76
CA ALA B 480 -0.49 -7.42 -19.04
C ALA B 480 0.74 -7.03 -18.24
N ASP B 481 0.72 -7.26 -16.94
CA ASP B 481 1.81 -6.95 -16.06
C ASP B 481 2.51 -8.23 -15.70
N TYR B 482 3.83 -8.19 -15.56
CA TYR B 482 4.59 -9.38 -15.18
C TYR B 482 4.53 -9.55 -13.68
N ALA B 483 3.82 -10.59 -13.21
CA ALA B 483 3.70 -10.84 -11.78
C ALA B 483 5.05 -11.26 -11.17
N SER B 484 5.46 -10.50 -10.11
CA SER B 484 6.70 -10.60 -9.32
C SER B 484 7.93 -11.02 -10.18
N MET B 485 8.10 -10.30 -11.29
CA MET B 485 9.17 -10.54 -12.25
C MET B 485 10.54 -10.56 -11.63
N GLU B 486 10.85 -9.61 -10.74
CA GLU B 486 12.12 -9.51 -10.00
C GLU B 486 12.61 -10.85 -9.43
N LEU B 487 11.72 -11.66 -8.86
CA LEU B 487 12.04 -12.97 -8.28
C LEU B 487 12.28 -13.99 -9.36
N VAL B 488 11.48 -13.95 -10.43
CA VAL B 488 11.58 -14.83 -11.57
C VAL B 488 12.96 -14.62 -12.25
N VAL B 489 13.32 -13.35 -12.60
CA VAL B 489 14.60 -13.05 -13.27
C VAL B 489 15.78 -13.22 -12.31
N CYS B 490 15.56 -13.13 -10.99
CA CYS B 490 16.64 -13.41 -10.06
C CYS B 490 16.95 -14.90 -10.11
N ALA B 491 15.92 -15.76 -10.04
CA ALA B 491 16.13 -17.21 -10.12
C ALA B 491 16.70 -17.64 -11.47
N ALA B 492 16.30 -16.93 -12.53
CA ALA B 492 16.74 -17.24 -13.87
C ALA B 492 18.21 -16.87 -14.13
N VAL B 493 18.61 -15.64 -13.76
CA VAL B 493 19.95 -15.14 -13.98
C VAL B 493 20.97 -15.82 -13.07
N SER B 494 20.63 -16.01 -11.80
CA SER B 494 21.50 -16.65 -10.83
C SER B 494 21.57 -18.16 -11.04
N GLY B 495 20.43 -18.76 -11.39
CA GLY B 495 20.37 -20.20 -11.60
C GLY B 495 20.28 -21.03 -10.34
N ASP B 496 19.62 -20.51 -9.29
CA ASP B 496 19.44 -21.29 -8.07
C ASP B 496 18.27 -22.22 -8.27
N PRO B 497 18.46 -23.53 -8.00
CA PRO B 497 17.39 -24.50 -8.25
C PRO B 497 16.29 -24.45 -7.20
N THR B 498 16.63 -24.15 -5.93
CA THR B 498 15.66 -23.98 -4.85
C THR B 498 14.69 -22.83 -5.23
N MET B 499 15.23 -21.75 -5.84
CA MET B 499 14.43 -20.62 -6.28
C MET B 499 13.52 -21.00 -7.44
N ARG B 500 14.07 -21.56 -8.53
CA ARG B 500 13.25 -21.92 -9.68
C ARG B 500 12.21 -22.94 -9.35
N ASP B 501 12.48 -23.86 -8.41
CA ASP B 501 11.49 -24.89 -8.11
C ASP B 501 10.35 -24.35 -7.29
N LEU B 502 10.61 -23.49 -6.29
CA LEU B 502 9.53 -22.89 -5.50
C LEU B 502 8.66 -21.99 -6.34
N LEU B 503 9.27 -21.23 -7.26
CA LEU B 503 8.60 -20.31 -8.17
C LEU B 503 7.72 -21.06 -9.16
N ASN B 504 8.20 -22.21 -9.63
CA ASN B 504 7.44 -23.05 -10.55
C ASN B 504 6.29 -23.77 -9.82
N GLN B 505 6.50 -24.13 -8.54
CA GLN B 505 5.48 -24.75 -7.69
C GLN B 505 4.50 -23.75 -7.05
N GLY B 506 4.67 -22.46 -7.29
CA GLY B 506 3.79 -21.45 -6.72
C GLY B 506 3.85 -21.31 -5.21
N ARG B 507 5.05 -21.48 -4.63
CA ARG B 507 5.24 -21.41 -3.19
C ARG B 507 5.72 -20.01 -2.69
N ASP B 508 5.40 -19.66 -1.42
CA ASP B 508 5.60 -18.37 -0.72
C ASP B 508 7.04 -18.01 -0.37
N LEU B 509 8.04 -18.74 -0.86
CA LEU B 509 9.44 -18.45 -0.52
C LEU B 509 9.69 -18.46 1.04
N HIS B 510 10.28 -19.58 1.52
CA HIS B 510 10.56 -19.90 2.91
C HIS B 510 11.49 -18.94 3.70
N ALA B 511 11.16 -18.77 4.99
CA ALA B 511 11.92 -17.94 5.93
C ALA B 511 12.70 -18.82 6.92
N TYR B 512 14.03 -18.75 6.84
CA TYR B 512 14.94 -19.47 7.72
C TYR B 512 15.23 -18.60 8.96
N THR B 513 14.27 -18.65 9.90
CA THR B 513 14.27 -18.01 11.21
C THR B 513 13.48 -18.96 12.16
N ALA B 514 13.85 -20.28 12.15
CA ALA B 514 13.26 -21.38 12.95
C ALA B 514 11.73 -21.50 12.85
N ARG B 515 11.23 -22.41 11.96
CA ARG B 515 9.82 -22.68 11.62
C ARG B 515 8.78 -22.06 12.56
N ASP B 525 3.54 -26.07 6.04
CA ASP B 525 2.75 -25.62 4.89
C ASP B 525 2.86 -24.12 4.71
N ASP B 526 2.66 -23.62 3.47
CA ASP B 526 2.71 -22.17 3.17
C ASP B 526 1.68 -21.35 3.96
N LYS B 527 0.59 -21.99 4.38
CA LYS B 527 -0.44 -21.35 5.19
C LYS B 527 -0.05 -21.36 6.66
N ALA B 528 0.64 -22.43 7.11
CA ALA B 528 1.17 -22.55 8.48
C ALA B 528 2.17 -21.41 8.83
N PHE B 529 2.50 -20.54 7.87
CA PHE B 529 3.42 -19.44 8.03
C PHE B 529 2.80 -18.12 7.62
N LYS B 530 1.94 -18.12 6.57
CA LYS B 530 1.33 -16.91 6.02
C LYS B 530 0.48 -16.13 7.02
N GLU B 531 -0.24 -16.85 7.90
CA GLU B 531 -1.07 -16.17 8.89
C GLU B 531 -0.50 -16.32 10.28
N GLN B 532 0.10 -17.48 10.58
CA GLN B 532 0.70 -17.72 11.89
C GLN B 532 1.93 -16.81 12.12
N TYR B 533 2.94 -16.87 11.23
CA TYR B 533 4.12 -16.03 11.37
C TYR B 533 4.09 -14.96 10.29
N LYS B 534 2.95 -14.25 10.21
CA LYS B 534 2.66 -13.24 9.21
C LYS B 534 3.63 -12.07 9.21
N ASP B 535 3.99 -11.57 10.39
CA ASP B 535 4.90 -10.42 10.51
C ASP B 535 6.35 -10.75 10.08
N TYR B 536 6.70 -12.06 10.07
CA TYR B 536 8.01 -12.59 9.67
C TYR B 536 8.11 -12.62 8.12
N ARG B 537 7.12 -13.21 7.43
CA ARG B 537 7.14 -13.31 5.95
C ARG B 537 7.10 -11.95 5.27
N GLN B 538 6.61 -10.91 5.96
CA GLN B 538 6.62 -9.56 5.44
C GLN B 538 8.06 -9.07 5.41
N LYS B 539 8.82 -9.36 6.48
CA LYS B 539 10.23 -9.01 6.61
C LYS B 539 11.08 -9.81 5.61
N ALA B 540 10.71 -11.08 5.41
CA ALA B 540 11.33 -12.00 4.48
C ALA B 540 11.16 -11.53 3.05
N LYS B 541 9.96 -11.09 2.62
CA LYS B 541 9.78 -10.60 1.24
C LYS B 541 10.56 -9.32 0.99
N VAL B 542 10.78 -8.48 2.04
CA VAL B 542 11.61 -7.27 1.86
C VAL B 542 13.04 -7.68 1.47
N VAL B 543 13.56 -8.68 2.17
CA VAL B 543 14.88 -9.27 1.96
C VAL B 543 15.00 -9.97 0.59
N ASN B 544 14.00 -10.79 0.19
CA ASN B 544 13.99 -11.47 -1.11
C ASN B 544 14.09 -10.53 -2.31
N PHE B 545 13.66 -9.27 -2.12
CA PHE B 545 13.62 -8.20 -3.13
C PHE B 545 14.82 -7.25 -3.11
N ALA B 546 15.46 -7.16 -1.94
CA ALA B 546 16.61 -6.31 -1.70
C ALA B 546 17.93 -7.01 -2.03
N LEU B 547 18.01 -8.32 -1.70
CA LEU B 547 19.21 -9.13 -1.87
C LEU B 547 19.59 -9.38 -3.33
N ILE B 548 18.64 -9.22 -4.27
CA ILE B 548 18.85 -9.38 -5.71
C ILE B 548 19.87 -8.33 -6.18
N TYR B 549 19.75 -7.08 -5.66
CA TYR B 549 20.59 -5.97 -6.06
C TYR B 549 21.76 -5.75 -5.11
N GLY B 550 22.32 -6.84 -4.59
CA GLY B 550 23.44 -6.75 -3.67
C GLY B 550 22.95 -6.46 -2.27
N GLY B 551 23.21 -7.38 -1.37
CA GLY B 551 22.75 -7.23 0.00
C GLY B 551 23.76 -7.49 1.10
N THR B 552 23.75 -6.61 2.10
CA THR B 552 24.55 -6.72 3.31
C THR B 552 23.65 -6.35 4.50
N GLU B 553 24.08 -6.70 5.71
CA GLU B 553 23.33 -6.34 6.93
C GLU B 553 23.18 -4.81 7.06
N PHE B 554 24.19 -4.05 6.59
CA PHE B 554 24.19 -2.60 6.58
C PHE B 554 23.03 -2.07 5.73
N THR B 555 22.86 -2.59 4.51
CA THR B 555 21.80 -2.13 3.62
C THR B 555 20.42 -2.41 4.23
N LEU B 556 20.27 -3.56 4.91
CA LEU B 556 19.00 -3.93 5.54
C LEU B 556 18.65 -3.01 6.71
N ILE B 557 19.66 -2.58 7.46
CA ILE B 557 19.44 -1.71 8.61
C ILE B 557 19.37 -0.21 8.24
N LYS B 558 20.41 0.32 7.59
CA LYS B 558 20.44 1.72 7.21
C LYS B 558 19.44 2.11 6.14
N ASN B 559 18.50 1.22 5.79
CA ASN B 559 17.48 1.53 4.81
C ASN B 559 16.12 1.07 5.24
N PHE B 560 16.00 -0.16 5.77
CA PHE B 560 14.68 -0.69 6.14
C PHE B 560 14.33 -0.64 7.63
N GLY B 561 15.21 -0.08 8.44
CA GLY B 561 14.98 0.03 9.87
C GLY B 561 14.97 -1.32 10.57
N PHE B 562 15.76 -2.27 10.06
CA PHE B 562 15.84 -3.59 10.65
C PHE B 562 16.66 -3.58 11.90
N SER B 563 16.36 -4.50 12.81
CA SER B 563 17.16 -4.63 14.02
C SER B 563 18.48 -5.34 13.62
N GLU B 564 19.54 -5.11 14.38
CA GLU B 564 20.83 -5.71 14.08
C GLU B 564 20.76 -7.25 14.14
N GLU B 565 19.93 -7.79 15.06
CA GLU B 565 19.69 -9.21 15.27
C GLU B 565 18.90 -9.76 14.08
N GLU B 566 17.85 -9.02 13.66
CA GLU B 566 16.97 -9.36 12.55
C GLU B 566 17.70 -9.38 11.21
N ALA B 567 18.53 -8.37 10.93
CA ALA B 567 19.28 -8.30 9.68
C ALA B 567 20.17 -9.50 9.47
N LYS B 568 20.92 -9.91 10.52
CA LYS B 568 21.80 -11.07 10.40
C LYS B 568 21.00 -12.36 10.28
N GLN B 569 19.84 -12.46 10.96
CA GLN B 569 18.98 -13.64 10.89
C GLN B 569 18.53 -13.88 9.44
N LEU B 570 18.01 -12.82 8.82
CA LEU B 570 17.48 -12.84 7.47
C LEU B 570 18.53 -13.12 6.43
N ILE B 571 19.65 -12.40 6.48
CA ILE B 571 20.68 -12.54 5.46
C ILE B 571 21.35 -13.92 5.49
N GLN B 572 21.50 -14.52 6.68
CA GLN B 572 22.11 -15.85 6.76
C GLN B 572 21.15 -16.96 6.30
N GLY B 573 19.85 -16.73 6.48
CA GLY B 573 18.82 -17.64 6.06
C GLY B 573 18.55 -17.59 4.57
N TYR B 574 18.62 -16.38 3.96
CA TYR B 574 18.40 -16.20 2.52
C TYR B 574 19.46 -16.98 1.74
N PHE B 575 20.72 -16.91 2.20
CA PHE B 575 21.81 -17.61 1.53
C PHE B 575 21.88 -19.09 1.90
N GLU B 576 21.34 -19.47 3.05
CA GLU B 576 21.28 -20.88 3.41
C GLU B 576 20.19 -21.57 2.55
N ALA B 577 19.05 -20.88 2.33
CA ALA B 577 17.94 -21.39 1.52
C ALA B 577 18.25 -21.41 0.03
N TYR B 578 18.81 -20.31 -0.51
CA TYR B 578 19.14 -20.19 -1.92
C TYR B 578 20.62 -19.90 -2.00
N PRO B 579 21.46 -20.94 -1.98
CA PRO B 579 22.91 -20.72 -1.95
C PRO B 579 23.56 -20.43 -3.30
N VAL B 580 22.94 -20.86 -4.43
CA VAL B 580 23.51 -20.54 -5.74
C VAL B 580 23.50 -19.01 -5.98
N VAL B 581 22.59 -18.26 -5.31
CA VAL B 581 22.50 -16.79 -5.38
C VAL B 581 23.79 -16.16 -4.86
N LYS B 582 24.33 -16.69 -3.76
CA LYS B 582 25.56 -16.23 -3.15
C LYS B 582 26.74 -16.43 -4.09
N THR B 583 26.93 -17.65 -4.59
CA THR B 583 28.02 -17.98 -5.50
C THR B 583 27.91 -17.22 -6.81
N TRP B 584 26.68 -16.96 -7.27
CA TRP B 584 26.45 -16.20 -8.50
C TRP B 584 26.91 -14.78 -8.25
N MET B 585 26.44 -14.17 -7.14
CA MET B 585 26.82 -12.81 -6.80
C MET B 585 28.31 -12.64 -6.68
N GLU B 586 29.00 -13.65 -6.13
CA GLU B 586 30.46 -13.65 -5.99
C GLU B 586 31.11 -13.56 -7.35
N GLU B 587 30.60 -14.31 -8.33
CA GLU B 587 31.18 -14.37 -9.65
C GLU B 587 30.87 -13.17 -10.50
N VAL B 588 29.75 -12.49 -10.24
CA VAL B 588 29.43 -11.28 -10.99
C VAL B 588 30.41 -10.19 -10.57
N TYR B 589 30.53 -9.94 -9.26
CA TYR B 589 31.46 -8.94 -8.75
C TYR B 589 32.91 -9.30 -9.03
N ARG B 590 33.23 -10.59 -9.14
CA ARG B 590 34.59 -11.04 -9.43
C ARG B 590 34.90 -10.77 -10.90
N GLU B 591 34.01 -11.18 -11.81
CA GLU B 591 34.17 -10.98 -13.24
C GLU B 591 34.15 -9.51 -13.64
N LEU B 592 33.39 -8.69 -12.91
CA LEU B 592 33.32 -7.26 -13.19
C LEU B 592 34.63 -6.60 -12.76
N GLU B 593 35.19 -7.00 -11.61
CA GLU B 593 36.45 -6.44 -11.09
C GLU B 593 37.63 -6.77 -11.99
N GLU B 594 37.57 -7.92 -12.71
CA GLU B 594 38.66 -8.35 -13.57
C GLU B 594 38.46 -8.01 -15.05
N LYS B 595 37.38 -8.50 -15.67
CA LYS B 595 37.09 -8.24 -17.09
C LYS B 595 36.53 -6.85 -17.37
N GLY B 596 35.74 -6.31 -16.44
CA GLY B 596 35.16 -5.00 -16.60
C GLY B 596 33.79 -4.95 -17.24
N PHE B 597 33.18 -6.11 -17.44
CA PHE B 597 31.87 -6.25 -18.06
C PHE B 597 31.31 -7.65 -17.77
N VAL B 598 29.99 -7.82 -18.00
CA VAL B 598 29.30 -9.09 -17.91
C VAL B 598 28.46 -9.31 -19.20
N GLU B 599 28.20 -10.56 -19.53
CA GLU B 599 27.38 -10.89 -20.69
C GLU B 599 26.02 -11.35 -20.16
N TYR B 600 24.92 -10.86 -20.75
CA TYR B 600 23.57 -11.21 -20.34
C TYR B 600 23.30 -12.66 -20.65
N PRO B 601 22.70 -13.38 -19.70
CA PRO B 601 22.50 -14.83 -19.85
C PRO B 601 21.94 -15.35 -21.17
N ILE B 602 20.76 -14.88 -21.59
CA ILE B 602 20.17 -15.42 -22.80
C ILE B 602 20.42 -14.55 -24.00
N TYR B 603 20.24 -13.27 -23.79
CA TYR B 603 20.26 -12.28 -24.85
C TYR B 603 21.69 -11.95 -25.32
N GLY B 604 22.71 -12.21 -24.49
CA GLY B 604 24.11 -12.01 -24.85
C GLY B 604 24.60 -10.58 -24.81
N TYR B 605 23.73 -9.64 -24.46
CA TYR B 605 24.02 -8.22 -24.35
C TYR B 605 25.20 -7.98 -23.41
N ILE B 606 26.18 -7.19 -23.82
CA ILE B 606 27.32 -6.93 -22.94
C ILE B 606 27.13 -5.66 -22.17
N LYS B 607 27.10 -5.77 -20.80
CA LYS B 607 26.97 -4.66 -19.87
C LYS B 607 28.35 -4.39 -19.30
N ARG B 608 28.93 -3.27 -19.69
CA ARG B 608 30.28 -2.89 -19.34
C ARG B 608 30.31 -1.78 -18.28
N MET B 609 31.45 -1.64 -17.59
CA MET B 609 31.66 -0.66 -16.54
C MET B 609 32.14 0.68 -17.05
N ASP B 610 31.46 1.74 -16.61
CA ASP B 610 31.82 3.10 -16.98
C ASP B 610 32.88 3.57 -15.98
N LEU B 611 34.15 3.20 -16.22
CA LEU B 611 35.28 3.52 -15.35
C LEU B 611 35.51 5.01 -15.24
N PRO B 612 35.97 5.49 -14.06
CA PRO B 612 36.32 6.92 -13.96
C PRO B 612 37.49 7.27 -14.88
N GLN B 613 37.67 8.56 -15.21
CA GLN B 613 38.74 8.95 -16.14
C GLN B 613 40.13 8.46 -15.67
N ALA B 614 40.37 8.46 -14.35
CA ALA B 614 41.62 7.96 -13.78
C ALA B 614 41.94 6.51 -14.10
N LEU B 615 40.99 5.56 -13.94
CA LEU B 615 41.23 4.13 -14.19
C LEU B 615 41.31 3.72 -15.69
N ARG B 616 40.97 4.66 -16.58
CA ARG B 616 40.95 4.46 -18.04
C ARG B 616 42.36 4.45 -18.60
N LYS B 617 42.76 3.30 -19.23
CA LYS B 617 44.08 3.02 -19.82
C LYS B 617 45.19 3.00 -18.75
N LEU B 618 44.89 2.42 -17.58
CA LEU B 618 45.87 2.37 -16.49
C LEU B 618 46.12 0.93 -16.02
N PRO B 619 47.40 0.49 -15.96
CA PRO B 619 47.69 -0.92 -15.56
C PRO B 619 46.99 -1.31 -14.30
N LYS B 620 46.33 -2.47 -14.27
CA LYS B 620 45.57 -2.90 -13.10
C LYS B 620 46.43 -2.96 -11.81
N ASP B 621 47.78 -3.02 -11.92
CA ASP B 621 48.63 -3.00 -10.73
C ASP B 621 48.72 -1.59 -10.10
N LYS B 622 48.57 -0.55 -10.91
CA LYS B 622 48.57 0.82 -10.39
C LYS B 622 47.18 1.24 -9.84
N TRP B 623 46.13 0.45 -10.13
CA TRP B 623 44.75 0.72 -9.70
C TRP B 623 44.62 0.95 -8.22
N PRO B 624 45.17 0.12 -7.31
CA PRO B 624 44.99 0.40 -5.86
C PRO B 624 45.55 1.73 -5.42
N LEU B 625 46.67 2.19 -6.00
CA LEU B 625 47.24 3.49 -5.63
C LEU B 625 46.26 4.59 -5.98
N VAL B 626 45.65 4.50 -7.15
CA VAL B 626 44.66 5.45 -7.60
C VAL B 626 43.42 5.40 -6.71
N LEU B 627 42.87 4.21 -6.47
CA LEU B 627 41.66 4.06 -5.67
C LEU B 627 41.85 4.58 -4.25
N ASN B 628 43.00 4.33 -3.65
CA ASN B 628 43.24 4.78 -2.29
C ASN B 628 43.26 6.27 -2.17
N ASN B 629 43.96 6.90 -3.09
CA ASN B 629 44.13 8.33 -3.06
C ASN B 629 42.91 9.08 -3.55
N ASP B 630 42.48 8.90 -4.84
CA ASP B 630 41.32 9.55 -5.46
C ASP B 630 39.98 9.02 -4.96
N PRO B 631 39.25 9.78 -4.11
CA PRO B 631 38.00 9.26 -3.57
C PRO B 631 36.83 9.35 -4.50
N ASP B 632 36.78 10.37 -5.36
CA ASP B 632 35.64 10.45 -6.28
C ASP B 632 35.74 9.33 -7.33
N ALA B 633 36.95 8.99 -7.78
CA ALA B 633 37.13 7.89 -8.72
C ALA B 633 36.93 6.54 -8.04
N ARG B 634 37.19 6.45 -6.72
CA ARG B 634 36.93 5.24 -5.95
C ARG B 634 35.40 5.07 -5.86
N LYS B 635 34.68 6.16 -5.55
CA LYS B 635 33.21 6.18 -5.44
C LYS B 635 32.57 5.84 -6.79
N GLN B 636 33.15 6.38 -7.89
CA GLN B 636 32.73 6.14 -9.26
C GLN B 636 32.86 4.65 -9.60
N TYR B 637 33.99 4.03 -9.20
CA TYR B 637 34.27 2.62 -9.44
C TYR B 637 33.27 1.70 -8.74
N TYR B 638 33.09 1.87 -7.43
CA TYR B 638 32.17 1.07 -6.65
C TYR B 638 30.72 1.34 -6.97
N ALA B 639 30.40 2.52 -7.53
CA ALA B 639 29.03 2.80 -7.93
C ALA B 639 28.80 2.11 -9.27
N SER B 640 29.76 2.21 -10.22
CA SER B 640 29.62 1.51 -11.52
C SER B 640 29.77 -0.03 -11.41
N LEU B 641 30.30 -0.51 -10.30
CA LEU B 641 30.45 -1.92 -10.04
C LEU B 641 29.08 -2.44 -9.63
N ARG B 642 28.41 -1.74 -8.68
CA ARG B 642 27.07 -2.10 -8.20
C ARG B 642 26.07 -1.90 -9.30
N SER B 643 26.20 -0.83 -10.11
CA SER B 643 25.29 -0.53 -11.21
C SER B 643 25.27 -1.62 -12.26
N CYS B 644 26.42 -2.21 -12.55
CA CYS B 644 26.49 -3.30 -13.50
C CYS B 644 25.78 -4.51 -12.93
N GLN B 645 26.05 -4.88 -11.67
CA GLN B 645 25.37 -6.02 -11.06
C GLN B 645 23.85 -5.85 -11.03
N ASN B 646 23.36 -4.64 -10.72
CA ASN B 646 21.92 -4.32 -10.70
C ASN B 646 21.32 -4.40 -12.09
N ALA B 647 22.02 -3.88 -13.08
CA ALA B 647 21.57 -3.94 -14.47
C ALA B 647 21.52 -5.36 -15.01
N LEU B 648 22.20 -6.33 -14.39
CA LEU B 648 22.12 -7.72 -14.85
C LEU B 648 20.71 -8.25 -14.66
N ILE B 649 19.97 -7.73 -13.65
CA ILE B 649 18.60 -8.11 -13.36
C ILE B 649 17.66 -7.24 -14.17
N GLN B 650 17.79 -5.90 -14.11
CA GLN B 650 16.91 -4.99 -14.85
C GLN B 650 17.06 -5.12 -16.34
N GLY B 651 18.28 -5.29 -16.79
CA GLY B 651 18.58 -5.43 -18.21
C GLY B 651 18.08 -6.76 -18.73
N PHE B 652 18.19 -7.83 -17.94
CA PHE B 652 17.69 -9.13 -18.37
C PHE B 652 16.18 -9.07 -18.58
N SER B 653 15.44 -8.58 -17.58
CA SER B 653 14.00 -8.43 -17.72
C SER B 653 13.64 -7.44 -18.81
N ALA B 654 14.49 -6.43 -19.07
CA ALA B 654 14.22 -5.48 -20.15
C ALA B 654 14.17 -6.21 -21.50
N PHE B 655 15.11 -7.13 -21.71
CA PHE B 655 15.15 -7.92 -22.93
C PHE B 655 14.06 -8.94 -22.98
N VAL B 656 13.62 -9.47 -21.82
CA VAL B 656 12.53 -10.43 -21.76
C VAL B 656 11.25 -9.75 -22.25
N VAL B 657 11.00 -8.52 -21.76
CA VAL B 657 9.85 -7.71 -22.15
C VAL B 657 9.93 -7.37 -23.64
N LYS B 658 11.11 -6.93 -24.11
CA LYS B 658 11.36 -6.60 -25.51
C LYS B 658 11.06 -7.80 -26.40
N ASP B 659 11.56 -9.00 -26.02
CA ASP B 659 11.35 -10.25 -26.73
C ASP B 659 9.87 -10.56 -26.82
N ALA B 660 9.14 -10.44 -25.69
CA ALA B 660 7.70 -10.70 -25.67
C ALA B 660 6.92 -9.75 -26.58
N ILE B 661 7.32 -8.48 -26.65
CA ILE B 661 6.68 -7.46 -27.50
C ILE B 661 6.79 -7.81 -28.99
N VAL B 662 8.00 -8.20 -29.45
CA VAL B 662 8.17 -8.56 -30.86
C VAL B 662 7.44 -9.88 -31.17
N GLN B 663 7.41 -10.82 -30.22
CA GLN B 663 6.76 -12.11 -30.43
C GLN B 663 5.25 -12.04 -30.43
N MET B 664 4.68 -11.21 -29.54
CA MET B 664 3.23 -11.05 -29.49
C MET B 664 2.77 -10.25 -30.69
N GLN B 665 3.52 -9.19 -31.09
CA GLN B 665 3.16 -8.39 -32.24
C GLN B 665 3.15 -9.22 -33.51
N ARG B 666 4.14 -10.09 -33.66
CA ARG B 666 4.23 -10.98 -34.82
C ARG B 666 3.00 -11.90 -34.93
N ALA B 667 2.48 -12.36 -33.78
CA ALA B 667 1.32 -13.26 -33.71
C ALA B 667 0.01 -12.54 -33.98
N PHE B 668 -0.09 -11.26 -33.61
CA PHE B 668 -1.29 -10.46 -33.89
C PHE B 668 -1.36 -10.28 -35.42
N GLU B 669 -0.20 -9.96 -36.04
CA GLU B 669 -0.05 -9.79 -37.47
C GLU B 669 -0.36 -11.10 -38.18
N ALA B 670 0.16 -12.22 -37.66
CA ALA B 670 -0.10 -13.53 -38.23
C ALA B 670 -1.58 -13.91 -38.18
N GLU B 671 -2.24 -13.75 -37.01
CA GLU B 671 -3.66 -14.12 -36.90
C GLU B 671 -4.65 -13.12 -37.49
N GLY B 672 -4.14 -12.06 -38.14
CA GLY B 672 -4.96 -11.02 -38.77
C GLY B 672 -5.73 -10.15 -37.79
N LEU B 673 -5.24 -10.07 -36.55
CA LEU B 673 -5.90 -9.33 -35.49
C LEU B 673 -5.70 -7.82 -35.62
N ASP B 674 -6.61 -7.03 -35.00
CA ASP B 674 -6.53 -5.56 -34.99
C ASP B 674 -5.91 -5.14 -33.66
N ALA B 675 -4.73 -5.69 -33.39
CA ALA B 675 -4.01 -5.40 -32.17
C ALA B 675 -2.63 -4.89 -32.46
N GLN B 676 -2.16 -3.96 -31.64
CA GLN B 676 -0.85 -3.38 -31.80
C GLN B 676 -0.37 -2.94 -30.42
N VAL B 677 0.88 -3.29 -30.04
CA VAL B 677 1.44 -2.84 -28.75
C VAL B 677 1.50 -1.31 -28.77
N ILE B 678 0.64 -0.67 -27.97
CA ILE B 678 0.53 0.78 -27.94
C ILE B 678 1.48 1.45 -26.92
N ILE B 679 1.65 0.87 -25.70
CA ILE B 679 2.46 1.43 -24.60
C ILE B 679 3.31 0.35 -23.93
N GLN B 680 4.52 0.71 -23.51
CA GLN B 680 5.32 -0.19 -22.70
C GLN B 680 5.96 0.62 -21.60
N VAL B 681 5.45 0.43 -20.41
CA VAL B 681 5.91 1.09 -19.20
C VAL B 681 6.31 0.02 -18.20
N HIS B 682 7.12 0.39 -17.18
CA HIS B 682 7.53 -0.47 -16.06
C HIS B 682 7.65 -1.99 -16.46
N ASP B 683 6.94 -2.91 -15.78
CA ASP B 683 6.94 -4.31 -16.18
C ASP B 683 5.68 -4.67 -16.94
N GLU B 684 5.02 -3.70 -17.59
CA GLU B 684 3.78 -3.95 -18.29
C GLU B 684 3.81 -3.59 -19.76
N ILE B 685 3.10 -4.39 -20.54
CA ILE B 685 2.93 -4.26 -21.98
C ILE B 685 1.45 -3.99 -22.26
N VAL B 686 1.14 -2.88 -22.93
CA VAL B 686 -0.25 -2.54 -23.24
C VAL B 686 -0.52 -2.63 -24.73
N VAL B 687 -1.55 -3.36 -25.13
CA VAL B 687 -1.90 -3.48 -26.54
C VAL B 687 -3.25 -2.79 -26.80
N LEU B 688 -3.36 -2.09 -27.93
CA LEU B 688 -4.63 -1.48 -28.31
C LEU B 688 -5.26 -2.48 -29.28
N ALA B 689 -6.37 -3.11 -28.85
CA ALA B 689 -7.04 -4.17 -29.61
C ALA B 689 -8.52 -3.90 -29.86
N LYS B 690 -9.03 -4.35 -31.03
CA LYS B 690 -10.45 -4.24 -31.38
C LYS B 690 -11.23 -5.15 -30.43
N GLU B 691 -12.37 -4.70 -29.87
CA GLU B 691 -13.13 -5.49 -28.88
C GLU B 691 -13.26 -7.01 -29.17
N GLU B 692 -13.56 -7.39 -30.40
CA GLU B 692 -13.72 -8.81 -30.75
C GLU B 692 -12.43 -9.59 -30.58
N HIS B 693 -11.35 -8.97 -30.98
CA HIS B 693 -10.00 -9.51 -30.97
C HIS B 693 -9.38 -9.55 -29.59
N ALA B 694 -9.86 -8.70 -28.64
CA ALA B 694 -9.33 -8.59 -27.26
C ALA B 694 -9.23 -9.94 -26.58
N GLU B 695 -10.24 -10.78 -26.80
CA GLU B 695 -10.33 -12.14 -26.26
C GLU B 695 -9.04 -12.93 -26.52
N ARG B 696 -8.71 -13.14 -27.81
CA ARG B 696 -7.54 -13.87 -28.30
C ARG B 696 -6.27 -13.09 -28.07
N VAL B 697 -6.30 -11.75 -28.20
CA VAL B 697 -5.15 -10.85 -27.97
C VAL B 697 -4.59 -11.10 -26.57
N ALA B 698 -5.45 -11.23 -25.56
CA ALA B 698 -5.07 -11.53 -24.18
C ALA B 698 -4.44 -12.91 -24.04
N GLN B 699 -4.92 -13.89 -24.83
CA GLN B 699 -4.39 -15.26 -24.80
C GLN B 699 -3.00 -15.31 -25.45
N ILE B 700 -2.81 -14.58 -26.54
CA ILE B 700 -1.52 -14.50 -27.22
C ILE B 700 -0.52 -13.78 -26.31
N MET B 701 -0.95 -12.67 -25.70
CA MET B 701 -0.15 -11.88 -24.77
C MET B 701 0.44 -12.75 -23.67
N VAL B 702 -0.40 -13.57 -23.00
CA VAL B 702 0.06 -14.45 -21.94
C VAL B 702 0.93 -15.56 -22.46
N GLU B 703 0.57 -16.17 -23.59
CA GLU B 703 1.36 -17.23 -24.18
C GLU B 703 2.77 -16.76 -24.58
N LYS B 704 2.88 -15.51 -25.06
CA LYS B 704 4.14 -14.95 -25.48
C LYS B 704 4.95 -14.37 -24.31
N MET B 705 4.26 -13.90 -23.25
CA MET B 705 4.95 -13.35 -22.08
C MET B 705 5.48 -14.45 -21.16
N GLU B 706 4.70 -15.53 -20.99
CA GLU B 706 5.12 -16.61 -20.11
C GLU B 706 5.99 -17.57 -20.84
N ARG B 707 7.29 -17.40 -20.65
CA ARG B 707 8.28 -18.26 -21.30
C ARG B 707 9.29 -18.83 -20.29
N GLU B 708 9.76 -20.05 -20.58
CA GLU B 708 10.70 -20.78 -19.75
C GLU B 708 12.07 -20.15 -19.85
N VAL B 709 12.40 -19.31 -18.87
CA VAL B 709 13.72 -18.69 -18.82
C VAL B 709 14.64 -19.49 -17.92
N ASN B 710 15.63 -20.20 -18.47
CA ASN B 710 16.58 -20.98 -17.66
C ASN B 710 15.87 -22.01 -16.78
N GLY B 711 14.75 -22.54 -17.27
CA GLY B 711 13.98 -23.50 -16.51
C GLY B 711 13.00 -22.88 -15.51
N VAL B 712 12.92 -21.53 -15.47
CA VAL B 712 12.05 -20.71 -14.60
C VAL B 712 10.94 -20.12 -15.45
N LEU B 713 9.71 -20.60 -15.28
CA LEU B 713 8.60 -20.07 -16.04
C LEU B 713 8.11 -18.75 -15.48
N LEU B 714 8.09 -17.69 -16.34
CA LEU B 714 7.63 -16.33 -16.05
C LEU B 714 6.10 -16.20 -15.88
N LYS B 715 5.64 -15.27 -15.03
CA LYS B 715 4.18 -15.09 -14.84
C LYS B 715 3.71 -13.78 -15.47
N ALA B 716 2.47 -13.78 -16.00
CA ALA B 716 1.87 -12.61 -16.63
C ALA B 716 0.39 -12.49 -16.27
N GLU B 717 -0.04 -11.29 -15.87
CA GLU B 717 -1.42 -11.03 -15.48
C GLU B 717 -2.14 -10.11 -16.49
N PRO B 718 -3.12 -10.62 -17.29
CA PRO B 718 -3.81 -9.73 -18.23
C PRO B 718 -5.10 -9.10 -17.70
N GLU B 719 -5.40 -7.92 -18.25
CA GLU B 719 -6.55 -7.14 -17.86
C GLU B 719 -7.14 -6.40 -19.04
N PHE B 720 -8.44 -6.17 -19.02
CA PHE B 720 -9.09 -5.38 -20.05
C PHE B 720 -9.41 -4.03 -19.45
N LYS B 721 -8.60 -3.03 -19.79
CA LYS B 721 -8.75 -1.67 -19.30
C LYS B 721 -9.36 -0.81 -20.43
N ARG B 722 -10.04 0.24 -20.02
CA ARG B 722 -10.64 1.22 -20.91
C ARG B 722 -9.60 2.36 -21.11
N THR B 723 -8.85 2.68 -20.02
CA THR B 723 -7.81 3.69 -19.88
C THR B 723 -6.47 3.08 -19.45
N LEU B 724 -5.36 3.84 -19.62
CA LEU B 724 -4.00 3.41 -19.20
C LEU B 724 -3.84 3.36 -17.65
N SER B 725 -4.81 3.91 -16.91
CA SER B 725 -4.83 4.03 -15.46
C SER B 725 -4.67 2.71 -14.70
N LYS B 726 -3.95 2.77 -13.58
CA LYS B 726 -3.75 1.62 -12.70
C LYS B 726 -4.75 1.63 -11.50
N VAL B 727 -5.76 2.55 -11.53
CA VAL B 727 -6.79 2.76 -10.49
C VAL B 727 -8.26 2.73 -11.16
N GLY B 728 -9.31 3.24 -10.49
CA GLY B 728 -10.68 3.25 -11.00
C GLY B 728 -11.73 3.59 -9.96
#